data_8F1D
#
_entry.id   8F1D
#
_cell.length_a   1.00
_cell.length_b   1.00
_cell.length_c   1.00
_cell.angle_alpha   90.00
_cell.angle_beta   90.00
_cell.angle_gamma   90.00
#
_symmetry.space_group_name_H-M   'P 1'
#
loop_
_entity.id
_entity.type
_entity.pdbx_description
1 polymer 'Potassium voltage-gated channel subfamily C member 1'
2 non-polymer 'ZINC ION'
3 non-polymer CHOLESTEROL
4 non-polymer 'POTASSIUM ION'
#
_entity_poly.entity_id   1
_entity_poly.type   'polypeptide(L)'
_entity_poly.pdbx_seq_one_letter_code
;MADYKDHDGDYKDHDIDYKDDDDKLEVLFQGPGSMGQGDESERIVINVGGTRHQTYRSTLRTLPGTRLAWLAEPDAHSHF
DYDPRADEFFFDRHPGVFAHILNYYRTGKLHCPADVCGPLYEEELAFWGIDETDVEPCCWMTYRQHRDAEEALDSFGGAP
LDNSADDADADGPGDSGDGEDELEMTKRLALSDSPDGRPGGFWRRWQPRIWALFEDPYSSRYARYVAFASLFFILVSITT
FCLETHERFNPIVNKTEIENVRNGTQVRYYREAETEAFLTYIEGVCVVWFTFEFLMRVIFCPNKVEFIKNSLNIIDFVAI
LPFYLEVGLSGLSSKAAKDVLGFLRVVRFVRILRIFKLTRHFVGLRVLGHTLRASTNEFLLLIIFLALGVLIFATMIYYA
ERIGAQPNDPSASEHTHFKNIPIGFWWAVVTMTTLGYGDMYPQTWSGMLVGALCALAGVLTIAMPVPVIVNNFGMYYSLA
MAKQKLPKKKKKHIPRPPQLGSPNYCKSVVNSPHHSTQSDTCPLAQEEILEINRAGRKPLRGMSILEVLFQG
;
_entity_poly.pdbx_strand_id   A,B,C,D
#
# COMPACT_ATOMS: atom_id res chain seq x y z
N SER A 41 -16.90 -45.52 -33.02
CA SER A 41 -18.05 -44.68 -33.31
C SER A 41 -18.35 -43.73 -32.16
N GLU A 42 -18.44 -42.43 -32.49
CA GLU A 42 -18.74 -41.37 -31.53
C GLU A 42 -17.70 -41.27 -30.42
N ARG A 43 -16.54 -41.89 -30.61
CA ARG A 43 -15.46 -41.84 -29.63
C ARG A 43 -14.15 -41.61 -30.37
N ILE A 44 -13.42 -40.57 -29.99
CA ILE A 44 -12.16 -40.22 -30.63
C ILE A 44 -11.12 -39.94 -29.56
N VAL A 45 -9.90 -40.43 -29.80
CA VAL A 45 -8.80 -40.29 -28.86
C VAL A 45 -7.77 -39.36 -29.48
N ILE A 46 -7.34 -38.36 -28.71
CA ILE A 46 -6.36 -37.38 -29.17
C ILE A 46 -5.07 -37.59 -28.41
N ASN A 47 -3.95 -37.63 -29.14
CA ASN A 47 -2.64 -37.82 -28.56
C ASN A 47 -1.87 -36.50 -28.71
N VAL A 48 -1.69 -35.80 -27.60
CA VAL A 48 -0.99 -34.52 -27.59
C VAL A 48 0.31 -34.69 -26.83
N GLY A 49 1.40 -34.94 -27.55
CA GLY A 49 2.70 -35.09 -26.91
C GLY A 49 2.79 -36.26 -25.96
N GLY A 50 2.23 -37.40 -26.35
CA GLY A 50 2.28 -38.60 -25.53
C GLY A 50 1.22 -38.70 -24.47
N THR A 51 0.36 -37.70 -24.32
CA THR A 51 -0.72 -37.73 -23.35
C THR A 51 -2.05 -37.98 -24.07
N ARG A 52 -2.74 -39.04 -23.68
CA ARG A 52 -4.00 -39.39 -24.29
C ARG A 52 -5.11 -38.44 -23.84
N HIS A 53 -5.96 -38.06 -24.78
CA HIS A 53 -7.17 -37.30 -24.48
C HIS A 53 -8.33 -37.93 -25.23
N GLN A 54 -9.41 -38.21 -24.52
CA GLN A 54 -10.53 -38.96 -25.07
C GLN A 54 -11.81 -38.17 -24.89
N THR A 55 -12.60 -38.05 -25.96
CA THR A 55 -13.85 -37.33 -25.91
C THR A 55 -14.75 -37.81 -27.04
N TYR A 56 -16.04 -37.46 -26.92
CA TYR A 56 -17.02 -37.81 -27.94
C TYR A 56 -16.85 -36.93 -29.17
N ARG A 57 -17.19 -37.50 -30.33
CA ARG A 57 -17.12 -36.74 -31.57
C ARG A 57 -18.06 -35.55 -31.57
N SER A 58 -19.22 -35.70 -30.90
CA SER A 58 -20.20 -34.61 -30.88
C SER A 58 -19.63 -33.37 -30.20
N THR A 59 -18.89 -33.56 -29.12
CA THR A 59 -18.31 -32.42 -28.40
C THR A 59 -17.32 -31.65 -29.26
N LEU A 60 -16.52 -32.35 -30.06
CA LEU A 60 -15.56 -31.66 -30.93
C LEU A 60 -16.25 -30.90 -32.04
N ARG A 61 -17.51 -31.21 -32.34
CA ARG A 61 -18.22 -30.60 -33.46
C ARG A 61 -18.95 -29.33 -33.08
N THR A 62 -18.82 -28.87 -31.83
CA THR A 62 -19.56 -27.70 -31.39
C THR A 62 -19.10 -26.44 -32.13
N LEU A 63 -17.79 -26.22 -32.18
CA LEU A 63 -17.25 -25.01 -32.79
C LEU A 63 -16.83 -25.29 -34.22
N PRO A 64 -17.50 -24.74 -35.22
CA PRO A 64 -17.10 -24.96 -36.61
C PRO A 64 -15.90 -24.10 -36.99
N GLY A 65 -15.26 -24.49 -38.09
CA GLY A 65 -14.15 -23.74 -38.63
C GLY A 65 -12.81 -24.01 -37.95
N THR A 66 -12.86 -24.34 -36.67
CA THR A 66 -11.64 -24.58 -35.90
C THR A 66 -10.99 -25.89 -36.33
N ARG A 67 -9.73 -26.06 -35.93
CA ARG A 67 -8.99 -27.26 -36.31
C ARG A 67 -9.66 -28.52 -35.78
N LEU A 68 -10.22 -28.45 -34.57
CA LEU A 68 -10.91 -29.61 -34.02
C LEU A 68 -12.15 -29.96 -34.84
N ALA A 69 -12.83 -28.95 -35.38
CA ALA A 69 -13.95 -29.22 -36.28
C ALA A 69 -13.50 -30.00 -37.50
N TRP A 70 -12.35 -29.62 -38.07
CA TRP A 70 -11.77 -30.41 -39.15
C TRP A 70 -11.45 -31.82 -38.68
N LEU A 71 -10.99 -31.96 -37.44
CA LEU A 71 -10.66 -33.27 -36.92
C LEU A 71 -11.90 -34.13 -36.73
N ALA A 72 -13.04 -33.53 -36.39
CA ALA A 72 -14.27 -34.29 -36.25
C ALA A 72 -14.78 -34.79 -37.59
N GLU A 73 -14.31 -34.24 -38.69
CA GLU A 73 -14.74 -34.68 -40.01
C GLU A 73 -14.29 -36.12 -40.24
N PRO A 74 -15.18 -36.99 -40.74
CA PRO A 74 -14.79 -38.39 -40.95
C PRO A 74 -13.62 -38.57 -41.90
N ASP A 75 -13.53 -37.75 -42.95
CA ASP A 75 -12.46 -37.86 -43.92
C ASP A 75 -11.34 -36.86 -43.61
N ALA A 76 -10.71 -37.07 -42.44
CA ALA A 76 -9.60 -36.26 -42.01
C ALA A 76 -8.31 -37.04 -41.89
N HIS A 77 -8.30 -38.33 -42.25
CA HIS A 77 -7.10 -39.14 -42.14
C HIS A 77 -6.00 -38.62 -43.06
N SER A 78 -6.37 -38.21 -44.28
CA SER A 78 -5.40 -37.64 -45.20
C SER A 78 -4.96 -36.24 -44.81
N HIS A 79 -5.67 -35.60 -43.87
CA HIS A 79 -5.34 -34.23 -43.46
C HIS A 79 -4.36 -34.21 -42.29
N PHE A 80 -4.69 -34.90 -41.21
CA PHE A 80 -3.85 -34.93 -40.02
C PHE A 80 -3.11 -36.25 -39.91
N ASP A 81 -2.06 -36.25 -39.09
CA ASP A 81 -1.31 -37.47 -38.85
C ASP A 81 -2.16 -38.46 -38.07
N TYR A 82 -2.20 -39.70 -38.54
CA TYR A 82 -3.07 -40.71 -37.94
C TYR A 82 -2.51 -42.09 -38.26
N ASP A 83 -2.50 -42.97 -37.26
CA ASP A 83 -2.04 -44.32 -37.43
C ASP A 83 -3.19 -45.30 -37.17
N PRO A 84 -3.51 -46.18 -38.11
CA PRO A 84 -4.59 -47.14 -37.88
C PRO A 84 -4.29 -48.15 -36.79
N ARG A 85 -3.01 -48.34 -36.43
CA ARG A 85 -2.67 -49.31 -35.40
C ARG A 85 -3.24 -48.91 -34.05
N ALA A 86 -3.13 -47.62 -33.70
CA ALA A 86 -3.65 -47.12 -32.44
C ALA A 86 -4.93 -46.32 -32.58
N ASP A 87 -5.30 -45.94 -33.81
CA ASP A 87 -6.53 -45.18 -34.09
C ASP A 87 -6.59 -43.88 -33.29
N GLU A 88 -5.45 -43.22 -33.13
CA GLU A 88 -5.38 -41.96 -32.41
C GLU A 88 -4.64 -40.94 -33.26
N PHE A 89 -5.17 -39.72 -33.30
CA PHE A 89 -4.50 -38.64 -33.99
C PHE A 89 -3.35 -38.11 -33.15
N PHE A 90 -2.26 -37.75 -33.81
CA PHE A 90 -1.03 -37.34 -33.14
C PHE A 90 -0.78 -35.86 -33.37
N PHE A 91 -0.31 -35.18 -32.32
CA PHE A 91 0.08 -33.78 -32.41
C PHE A 91 1.39 -33.60 -31.67
N ASP A 92 1.95 -32.40 -31.76
CA ASP A 92 3.18 -32.04 -31.05
C ASP A 92 2.94 -30.69 -30.39
N ARG A 93 2.40 -30.72 -29.18
CA ARG A 93 2.07 -29.50 -28.46
C ARG A 93 2.16 -29.78 -26.96
N HIS A 94 1.99 -28.74 -26.18
CA HIS A 94 2.07 -28.86 -24.73
C HIS A 94 0.86 -29.64 -24.22
N PRO A 95 1.05 -30.77 -23.54
CA PRO A 95 -0.10 -31.57 -23.10
C PRO A 95 -0.81 -31.01 -21.88
N GLY A 96 -0.14 -30.20 -21.06
CA GLY A 96 -0.76 -29.68 -19.86
C GLY A 96 -1.68 -28.49 -20.09
N VAL A 97 -1.62 -27.87 -21.26
CA VAL A 97 -2.45 -26.72 -21.55
C VAL A 97 -3.56 -27.03 -22.54
N PHE A 98 -3.49 -28.17 -23.23
CA PHE A 98 -4.57 -28.57 -24.13
C PHE A 98 -5.84 -28.90 -23.37
N ALA A 99 -5.74 -29.22 -22.07
CA ALA A 99 -6.92 -29.59 -21.31
C ALA A 99 -7.91 -28.44 -21.22
N HIS A 100 -7.42 -27.21 -20.99
CA HIS A 100 -8.33 -26.08 -20.91
C HIS A 100 -9.00 -25.78 -22.24
N ILE A 101 -8.24 -25.90 -23.33
CA ILE A 101 -8.82 -25.67 -24.65
C ILE A 101 -9.91 -26.69 -24.93
N LEU A 102 -9.67 -27.96 -24.60
CA LEU A 102 -10.71 -28.96 -24.79
C LEU A 102 -11.90 -28.72 -23.87
N ASN A 103 -11.64 -28.28 -22.64
CA ASN A 103 -12.71 -27.97 -21.70
C ASN A 103 -13.59 -26.84 -22.21
N TYR A 104 -13.01 -25.93 -22.99
CA TYR A 104 -13.84 -24.90 -23.64
C TYR A 104 -14.90 -25.54 -24.53
N TYR A 105 -14.51 -26.56 -25.30
CA TYR A 105 -15.50 -27.31 -26.07
C TYR A 105 -16.48 -28.04 -25.16
N ARG A 106 -15.97 -28.64 -24.09
CA ARG A 106 -16.81 -29.49 -23.24
C ARG A 106 -17.91 -28.69 -22.55
N THR A 107 -17.58 -27.53 -22.02
CA THR A 107 -18.54 -26.73 -21.24
C THR A 107 -19.13 -25.58 -22.04
N GLY A 108 -18.28 -24.74 -22.62
CA GLY A 108 -18.77 -23.59 -23.36
C GLY A 108 -18.09 -22.31 -22.92
N LYS A 109 -17.44 -22.35 -21.76
CA LYS A 109 -16.69 -21.22 -21.24
C LYS A 109 -15.21 -21.41 -21.49
N LEU A 110 -14.51 -20.30 -21.75
CA LEU A 110 -13.08 -20.32 -22.00
C LEU A 110 -12.37 -19.61 -20.86
N HIS A 111 -11.41 -20.29 -20.25
CA HIS A 111 -10.62 -19.74 -19.16
C HIS A 111 -9.15 -19.97 -19.45
N CYS A 112 -8.30 -19.21 -18.75
CA CYS A 112 -6.87 -19.38 -18.91
C CYS A 112 -6.27 -19.98 -17.64
N PRO A 113 -5.45 -21.02 -17.77
CA PRO A 113 -4.82 -21.60 -16.58
C PRO A 113 -3.88 -20.60 -15.91
N ALA A 114 -3.78 -20.69 -14.59
CA ALA A 114 -2.96 -19.79 -13.82
C ALA A 114 -1.55 -20.32 -13.58
N ASP A 115 -1.23 -21.51 -14.09
CA ASP A 115 0.09 -22.10 -13.90
C ASP A 115 1.04 -21.82 -15.05
N VAL A 116 0.62 -21.06 -16.07
CA VAL A 116 1.47 -20.72 -17.19
C VAL A 116 1.35 -19.23 -17.47
N CYS A 117 2.35 -18.70 -18.16
CA CYS A 117 2.36 -17.29 -18.50
C CYS A 117 1.29 -16.98 -19.54
N GLY A 118 0.94 -15.70 -19.62
CA GLY A 118 -0.04 -15.24 -20.58
C GLY A 118 0.33 -15.50 -22.03
N PRO A 119 1.54 -15.07 -22.43
CA PRO A 119 1.94 -15.30 -23.83
C PRO A 119 1.95 -16.76 -24.25
N LEU A 120 2.32 -17.68 -23.36
CA LEU A 120 2.33 -19.09 -23.72
C LEU A 120 0.93 -19.57 -24.05
N TYR A 121 -0.04 -19.27 -23.19
CA TYR A 121 -1.41 -19.66 -23.45
C TYR A 121 -1.96 -18.97 -24.69
N GLU A 122 -1.58 -17.71 -24.89
CA GLU A 122 -2.04 -16.99 -26.08
C GLU A 122 -1.55 -17.67 -27.36
N GLU A 123 -0.27 -18.03 -27.40
CA GLU A 123 0.26 -18.73 -28.56
C GLU A 123 -0.41 -20.07 -28.75
N GLU A 124 -0.62 -20.81 -27.65
CA GLU A 124 -1.23 -22.12 -27.77
C GLU A 124 -2.64 -22.05 -28.32
N LEU A 125 -3.44 -21.08 -27.84
CA LEU A 125 -4.79 -20.95 -28.38
C LEU A 125 -4.78 -20.39 -29.79
N ALA A 126 -3.77 -19.60 -30.14
CA ALA A 126 -3.64 -19.13 -31.51
C ALA A 126 -3.39 -20.29 -32.46
N PHE A 127 -2.57 -21.26 -32.04
CA PHE A 127 -2.29 -22.40 -32.92
C PHE A 127 -3.55 -23.21 -33.21
N TRP A 128 -4.37 -23.44 -32.18
CA TRP A 128 -5.56 -24.26 -32.37
C TRP A 128 -6.69 -23.53 -33.07
N GLY A 129 -6.56 -22.24 -33.31
CA GLY A 129 -7.58 -21.49 -34.02
C GLY A 129 -8.68 -20.89 -33.17
N ILE A 130 -8.45 -20.76 -31.87
CA ILE A 130 -9.43 -20.16 -30.98
C ILE A 130 -9.16 -18.67 -30.88
N ASP A 131 -10.20 -17.87 -31.13
CA ASP A 131 -10.05 -16.42 -31.00
C ASP A 131 -9.89 -16.04 -29.55
N GLU A 132 -8.85 -15.25 -29.25
CA GLU A 132 -8.50 -14.93 -27.87
C GLU A 132 -9.49 -14.00 -27.20
N THR A 133 -10.38 -13.36 -27.96
CA THR A 133 -11.31 -12.40 -27.39
C THR A 133 -12.56 -13.06 -26.80
N ASP A 134 -12.54 -14.37 -26.59
CA ASP A 134 -13.69 -15.08 -26.04
C ASP A 134 -13.47 -15.53 -24.60
N VAL A 135 -12.34 -15.19 -23.98
CA VAL A 135 -12.12 -15.60 -22.60
C VAL A 135 -13.03 -14.80 -21.68
N GLU A 136 -13.42 -15.42 -20.58
CA GLU A 136 -14.37 -14.80 -19.66
C GLU A 136 -13.71 -13.64 -18.92
N PRO A 137 -14.50 -12.66 -18.47
CA PRO A 137 -13.93 -11.55 -17.70
C PRO A 137 -13.32 -11.99 -16.39
N CYS A 138 -13.65 -13.18 -15.88
CA CYS A 138 -13.08 -13.64 -14.62
C CYS A 138 -11.57 -13.80 -14.72
N CYS A 139 -11.05 -14.06 -15.91
CA CYS A 139 -9.62 -14.28 -16.10
C CYS A 139 -9.13 -13.55 -17.35
N TRP A 140 -9.58 -12.31 -17.54
CA TRP A 140 -9.17 -11.51 -18.69
C TRP A 140 -8.06 -10.53 -18.37
N MET A 141 -8.11 -9.87 -17.20
CA MET A 141 -7.11 -8.86 -16.88
C MET A 141 -5.72 -9.46 -16.78
N THR A 142 -5.59 -10.63 -16.16
CA THR A 142 -4.29 -11.26 -16.06
C THR A 142 -3.79 -11.75 -17.42
N TYR A 143 -4.71 -12.18 -18.29
CA TYR A 143 -4.31 -12.64 -19.61
C TYR A 143 -3.73 -11.51 -20.44
N ARG A 144 -4.51 -10.46 -20.67
CA ARG A 144 -4.05 -9.28 -21.40
C ARG A 144 -3.44 -8.30 -20.39
N GLN A 145 -2.31 -8.71 -19.82
CA GLN A 145 -1.60 -7.89 -18.85
C GLN A 145 -0.18 -7.56 -19.29
N HIS A 146 0.59 -8.56 -19.73
CA HIS A 146 1.95 -8.31 -20.20
C HIS A 146 1.97 -7.69 -21.59
N ARG A 147 1.01 -8.05 -22.44
CA ARG A 147 1.03 -7.56 -23.82
C ARG A 147 0.88 -6.06 -23.88
N ASP A 148 -0.03 -5.50 -23.08
CA ASP A 148 -0.24 -4.05 -23.11
C ASP A 148 1.02 -3.31 -22.67
N ALA A 149 1.68 -3.78 -21.61
CA ALA A 149 2.91 -3.15 -21.16
C ALA A 149 4.00 -3.26 -22.22
N GLU A 150 4.12 -4.44 -22.83
CA GLU A 150 5.16 -4.64 -23.84
C GLU A 150 4.95 -3.71 -25.03
N GLU A 151 3.70 -3.57 -25.49
CA GLU A 151 3.46 -2.69 -26.64
C GLU A 151 3.59 -1.23 -26.25
N ALA A 152 3.24 -0.87 -25.01
CA ALA A 152 3.35 0.52 -24.58
C ALA A 152 4.80 0.95 -24.44
N LEU A 153 5.66 0.04 -23.97
CA LEU A 153 7.09 0.38 -23.83
C LEU A 153 7.78 0.57 -25.17
N ASP A 154 7.14 0.19 -26.28
CA ASP A 154 7.69 0.36 -27.61
C ASP A 154 6.78 1.21 -28.47
N SER A 155 6.16 2.23 -27.86
CA SER A 155 5.28 3.13 -28.59
C SER A 155 5.70 4.59 -28.37
N ARG A 204 27.14 15.67 -49.38
CA ARG A 204 26.86 15.40 -47.97
C ARG A 204 27.38 14.03 -47.55
N ARG A 205 28.69 13.92 -47.41
CA ARG A 205 29.32 12.71 -46.93
C ARG A 205 29.58 12.73 -45.43
N TRP A 206 29.18 13.80 -44.75
CA TRP A 206 29.42 13.94 -43.32
C TRP A 206 28.16 14.12 -42.50
N GLN A 207 26.99 14.20 -43.13
CA GLN A 207 25.75 14.40 -42.38
C GLN A 207 25.52 13.33 -41.32
N PRO A 208 25.73 12.03 -41.56
CA PRO A 208 25.61 11.07 -40.46
C PRO A 208 26.56 11.35 -39.32
N ARG A 209 27.76 11.84 -39.62
CA ARG A 209 28.72 12.15 -38.56
C ARG A 209 28.25 13.29 -37.69
N ILE A 210 27.79 14.38 -38.30
CA ILE A 210 27.40 15.56 -37.54
C ILE A 210 26.15 15.29 -36.73
N TRP A 211 25.13 14.69 -37.36
CA TRP A 211 23.85 14.51 -36.69
C TRP A 211 23.98 13.57 -35.49
N ALA A 212 24.73 12.49 -35.63
CA ALA A 212 24.92 11.58 -34.51
C ALA A 212 25.74 12.19 -33.39
N LEU A 213 26.57 13.18 -33.70
CA LEU A 213 27.41 13.79 -32.67
C LEU A 213 26.58 14.56 -31.66
N PHE A 214 25.49 15.20 -32.10
CA PHE A 214 24.66 16.00 -31.21
C PHE A 214 23.49 15.21 -30.61
N GLU A 215 22.97 14.21 -31.33
CA GLU A 215 21.75 13.54 -30.87
C GLU A 215 22.06 12.44 -29.87
N ASP A 216 22.80 11.42 -30.28
CA ASP A 216 23.06 10.29 -29.41
C ASP A 216 24.19 10.62 -28.45
N PRO A 217 23.94 10.66 -27.13
CA PRO A 217 25.02 10.99 -26.20
C PRO A 217 26.17 9.99 -26.23
N TYR A 218 25.89 8.70 -26.44
CA TYR A 218 26.92 7.68 -26.35
C TYR A 218 27.16 6.96 -27.67
N SER A 219 26.82 7.57 -28.79
CA SER A 219 27.19 6.99 -30.08
C SER A 219 28.69 7.06 -30.33
N SER A 220 29.42 7.86 -29.55
CA SER A 220 30.86 8.00 -29.71
C SER A 220 31.43 8.47 -28.38
N ARG A 221 32.68 8.94 -28.41
CA ARG A 221 33.31 9.48 -27.22
C ARG A 221 33.10 10.99 -27.10
N TYR A 222 33.12 11.70 -28.23
CA TYR A 222 32.98 13.16 -28.19
C TYR A 222 31.56 13.58 -27.85
N ALA A 223 30.56 12.79 -28.27
CA ALA A 223 29.17 13.13 -27.99
C ALA A 223 28.92 13.22 -26.49
N ARG A 224 29.58 12.36 -25.70
CA ARG A 224 29.45 12.44 -24.25
C ARG A 224 29.92 13.79 -23.73
N TYR A 225 31.07 14.26 -24.21
CA TYR A 225 31.59 15.55 -23.77
C TYR A 225 30.68 16.69 -24.22
N VAL A 226 30.13 16.61 -25.43
CA VAL A 226 29.22 17.65 -25.90
C VAL A 226 27.97 17.70 -25.02
N ALA A 227 27.44 16.53 -24.66
CA ALA A 227 26.27 16.49 -23.78
C ALA A 227 26.59 17.08 -22.42
N PHE A 228 27.78 16.78 -21.89
CA PHE A 228 28.16 17.34 -20.60
C PHE A 228 28.29 18.85 -20.66
N ALA A 229 28.87 19.38 -21.75
CA ALA A 229 28.96 20.82 -21.91
C ALA A 229 27.59 21.46 -21.96
N SER A 230 26.67 20.85 -22.71
CA SER A 230 25.30 21.37 -22.76
C SER A 230 24.66 21.35 -21.38
N LEU A 231 24.90 20.29 -20.60
CA LEU A 231 24.37 20.24 -19.24
C LEU A 231 24.91 21.38 -18.40
N PHE A 232 26.21 21.65 -18.50
CA PHE A 232 26.80 22.74 -17.74
C PHE A 232 26.16 24.07 -18.09
N PHE A 233 26.00 24.35 -19.38
CA PHE A 233 25.45 25.63 -19.79
C PHE A 233 23.98 25.75 -19.38
N ILE A 234 23.22 24.66 -19.49
CA ILE A 234 21.81 24.70 -19.08
C ILE A 234 21.70 25.02 -17.60
N LEU A 235 22.53 24.36 -16.77
CA LEU A 235 22.48 24.63 -15.34
C LEU A 235 22.87 26.06 -15.03
N VAL A 236 23.86 26.60 -15.73
CA VAL A 236 24.26 27.99 -15.50
C VAL A 236 23.12 28.94 -15.83
N SER A 237 22.45 28.71 -16.97
CA SER A 237 21.35 29.60 -17.35
C SER A 237 20.22 29.53 -16.35
N ILE A 238 19.89 28.33 -15.87
CA ILE A 238 18.81 28.20 -14.89
C ILE A 238 19.19 28.91 -13.60
N THR A 239 20.43 28.78 -13.16
CA THR A 239 20.86 29.45 -11.94
C THR A 239 20.76 30.96 -12.08
N THR A 240 21.19 31.49 -13.22
CA THR A 240 21.08 32.94 -13.44
C THR A 240 19.63 33.38 -13.44
N PHE A 241 18.76 32.60 -14.10
CA PHE A 241 17.34 32.95 -14.12
C PHE A 241 16.75 33.00 -12.72
N CYS A 242 17.14 32.05 -11.87
CA CYS A 242 16.64 32.06 -10.50
C CYS A 242 17.21 33.23 -9.70
N LEU A 243 18.47 33.58 -9.97
CA LEU A 243 19.09 34.67 -9.21
C LEU A 243 18.52 36.03 -9.59
N GLU A 244 18.07 36.20 -10.83
CA GLU A 244 17.61 37.53 -11.26
C GLU A 244 16.46 38.04 -10.41
N THR A 245 15.69 37.16 -9.79
CA THR A 245 14.51 37.57 -9.04
C THR A 245 14.83 37.93 -7.59
N HIS A 246 16.05 37.72 -7.13
CA HIS A 246 16.38 37.98 -5.75
C HIS A 246 16.57 39.49 -5.52
N GLU A 247 16.29 39.92 -4.30
CA GLU A 247 16.37 41.34 -3.97
C GLU A 247 17.80 41.83 -3.83
N ARG A 248 18.74 40.94 -3.54
CA ARG A 248 20.13 41.39 -3.38
C ARG A 248 20.71 41.90 -4.68
N PHE A 249 20.27 41.35 -5.81
CA PHE A 249 20.80 41.72 -7.11
C PHE A 249 19.91 42.73 -7.84
N ASN A 250 18.94 43.32 -7.15
CA ASN A 250 18.03 44.30 -7.74
C ASN A 250 18.03 45.56 -6.88
N PRO A 251 19.12 46.32 -6.89
CA PRO A 251 19.13 47.58 -6.15
C PRO A 251 18.20 48.59 -6.78
N ILE A 252 17.70 49.51 -5.95
CA ILE A 252 16.76 50.53 -6.37
C ILE A 252 17.52 51.81 -6.64
N VAL A 253 17.32 52.39 -7.82
CA VAL A 253 18.01 53.61 -8.21
C VAL A 253 17.02 54.64 -8.74
N TYR A 269 11.70 57.42 -15.96
CA TYR A 269 11.95 56.63 -14.76
C TYR A 269 12.65 57.48 -13.70
N TYR A 270 12.23 57.30 -12.44
CA TYR A 270 12.82 58.02 -11.33
C TYR A 270 13.58 57.09 -10.39
N ARG A 271 12.93 56.05 -9.88
CA ARG A 271 13.58 55.07 -9.01
C ARG A 271 13.62 53.69 -9.64
N GLU A 272 12.47 53.11 -9.97
CA GLU A 272 12.35 51.75 -10.50
C GLU A 272 13.28 50.78 -9.78
N ALA A 273 13.98 49.95 -10.54
CA ALA A 273 14.96 48.99 -10.03
C ALA A 273 15.69 48.41 -11.22
N GLU A 274 16.96 48.09 -11.03
CA GLU A 274 17.80 47.56 -12.09
C GLU A 274 18.50 46.29 -11.61
N THR A 275 18.71 45.37 -12.52
CA THR A 275 19.44 44.15 -12.22
C THR A 275 20.93 44.36 -12.47
N GLU A 276 21.75 43.56 -11.80
CA GLU A 276 23.19 43.67 -11.95
C GLU A 276 23.60 43.41 -13.40
N ALA A 277 24.63 44.12 -13.85
CA ALA A 277 25.02 44.05 -15.25
C ALA A 277 25.52 42.66 -15.62
N PHE A 278 26.37 42.07 -14.77
CA PHE A 278 26.99 40.80 -15.14
C PHE A 278 25.98 39.67 -15.25
N LEU A 279 24.82 39.80 -14.61
CA LEU A 279 23.76 38.83 -14.76
C LEU A 279 23.22 38.78 -16.19
N THR A 280 23.52 39.79 -17.00
CA THR A 280 23.23 39.72 -18.42
C THR A 280 24.41 39.19 -19.23
N TYR A 281 25.64 39.46 -18.77
CA TYR A 281 26.81 38.95 -19.49
C TYR A 281 26.89 37.44 -19.41
N ILE A 282 26.58 36.86 -18.24
CA ILE A 282 26.57 35.40 -18.12
C ILE A 282 25.53 34.81 -19.07
N GLU A 283 24.35 35.44 -19.12
CA GLU A 283 23.31 34.95 -20.01
C GLU A 283 23.75 35.04 -21.46
N GLY A 284 24.44 36.11 -21.83
CA GLY A 284 24.95 36.22 -23.19
C GLY A 284 25.96 35.14 -23.52
N VAL A 285 26.83 34.83 -22.57
CA VAL A 285 27.80 33.76 -22.77
C VAL A 285 27.10 32.42 -22.99
N CYS A 286 26.04 32.16 -22.24
CA CYS A 286 25.28 30.93 -22.48
C CYS A 286 24.57 30.99 -23.83
N VAL A 287 24.05 32.15 -24.20
CA VAL A 287 23.21 32.28 -25.39
C VAL A 287 24.04 32.07 -26.65
N VAL A 288 25.29 32.53 -26.67
CA VAL A 288 26.09 32.34 -27.88
C VAL A 288 26.30 30.85 -28.15
N TRP A 289 26.60 30.08 -27.10
CA TRP A 289 26.76 28.63 -27.29
C TRP A 289 25.44 28.00 -27.72
N PHE A 290 24.33 28.39 -27.09
CA PHE A 290 23.06 27.78 -27.45
C PHE A 290 22.71 28.07 -28.90
N THR A 291 22.96 29.30 -29.35
CA THR A 291 22.72 29.65 -30.75
C THR A 291 23.61 28.83 -31.67
N PHE A 292 24.88 28.67 -31.31
CA PHE A 292 25.77 27.86 -32.14
C PHE A 292 25.24 26.43 -32.27
N GLU A 293 24.87 25.82 -31.15
CA GLU A 293 24.39 24.44 -31.20
C GLU A 293 23.12 24.31 -32.02
N PHE A 294 22.15 25.21 -31.77
CA PHE A 294 20.89 25.11 -32.50
C PHE A 294 21.09 25.32 -34.00
N LEU A 295 21.93 26.29 -34.38
CA LEU A 295 22.19 26.52 -35.79
C LEU A 295 22.90 25.34 -36.41
N MET A 296 23.83 24.72 -35.67
CA MET A 296 24.57 23.58 -36.21
C MET A 296 23.64 22.39 -36.44
N ARG A 297 22.75 22.11 -35.50
CA ARG A 297 21.91 20.92 -35.66
C ARG A 297 20.80 21.12 -36.67
N VAL A 298 20.31 22.34 -36.86
CA VAL A 298 19.21 22.57 -37.80
C VAL A 298 19.67 22.41 -39.24
N ILE A 299 20.98 22.43 -39.49
CA ILE A 299 21.47 22.26 -40.86
C ILE A 299 21.63 20.78 -41.19
N PHE A 300 22.17 20.00 -40.27
CA PHE A 300 22.51 18.61 -40.51
C PHE A 300 21.43 17.65 -39.99
N CYS A 301 20.17 18.07 -40.03
CA CYS A 301 19.08 17.21 -39.60
C CYS A 301 18.30 16.74 -40.82
N PRO A 302 18.27 15.44 -41.10
CA PRO A 302 17.40 14.95 -42.18
C PRO A 302 15.94 15.12 -41.81
N ASN A 303 15.10 15.25 -42.84
CA ASN A 303 13.65 15.44 -42.68
C ASN A 303 13.36 16.71 -41.86
N LYS A 304 13.70 17.84 -42.49
CA LYS A 304 13.62 19.14 -41.82
C LYS A 304 12.24 19.38 -41.21
N VAL A 305 11.17 19.00 -41.91
CA VAL A 305 9.83 19.23 -41.39
C VAL A 305 9.60 18.43 -40.13
N GLU A 306 10.11 17.19 -40.08
CA GLU A 306 10.01 16.40 -38.85
C GLU A 306 10.79 17.06 -37.73
N PHE A 307 11.97 17.62 -38.04
CA PHE A 307 12.74 18.33 -37.05
C PHE A 307 11.96 19.51 -36.48
N ILE A 308 11.28 20.26 -37.35
CA ILE A 308 10.50 21.40 -36.90
C ILE A 308 9.32 20.94 -36.05
N LYS A 309 8.71 19.81 -36.42
CA LYS A 309 7.54 19.33 -35.70
C LYS A 309 7.86 18.93 -34.26
N ASN A 310 9.12 18.68 -33.94
CA ASN A 310 9.49 18.27 -32.59
C ASN A 310 9.29 19.42 -31.62
N SER A 311 8.86 19.08 -30.40
CA SER A 311 8.61 20.11 -29.39
C SER A 311 9.89 20.65 -28.78
N LEU A 312 10.92 19.82 -28.65
CA LEU A 312 12.16 20.28 -28.03
C LEU A 312 12.82 21.37 -28.84
N ASN A 313 12.81 21.23 -30.17
CA ASN A 313 13.45 22.24 -31.02
C ASN A 313 12.74 23.59 -30.92
N ILE A 314 11.40 23.58 -30.93
CA ILE A 314 10.68 24.84 -30.82
C ILE A 314 10.85 25.43 -29.43
N ILE A 315 10.93 24.58 -28.39
CA ILE A 315 11.20 25.09 -27.05
C ILE A 315 12.55 25.79 -27.01
N ASP A 316 13.57 25.17 -27.61
CA ASP A 316 14.89 25.78 -27.61
C ASP A 316 14.91 27.10 -28.37
N PHE A 317 14.24 27.14 -29.53
CA PHE A 317 14.20 28.37 -30.30
C PHE A 317 13.48 29.48 -29.54
N VAL A 318 12.36 29.14 -28.90
CA VAL A 318 11.61 30.13 -28.12
C VAL A 318 12.43 30.62 -26.94
N ALA A 319 13.25 29.74 -26.35
CA ALA A 319 14.12 30.17 -25.26
C ALA A 319 15.19 31.12 -25.76
N ILE A 320 15.75 30.85 -26.95
CA ILE A 320 16.85 31.67 -27.44
C ILE A 320 16.37 33.06 -27.86
N LEU A 321 15.19 33.14 -28.48
CA LEU A 321 14.78 34.38 -29.13
C LEU A 321 14.74 35.62 -28.22
N PRO A 322 14.18 35.56 -27.00
CA PRO A 322 14.01 36.81 -26.23
C PRO A 322 15.29 37.56 -25.95
N PHE A 323 16.42 36.87 -25.78
CA PHE A 323 17.67 37.59 -25.55
C PHE A 323 18.01 38.49 -26.74
N TYR A 324 17.91 37.94 -27.95
CA TYR A 324 18.17 38.76 -29.13
C TYR A 324 17.16 39.88 -29.25
N LEU A 325 15.88 39.60 -28.98
CA LEU A 325 14.87 40.64 -29.07
C LEU A 325 15.17 41.79 -28.11
N GLU A 326 15.54 41.46 -26.87
CA GLU A 326 15.84 42.50 -25.89
C GLU A 326 17.09 43.28 -26.27
N VAL A 327 18.14 42.58 -26.69
CA VAL A 327 19.39 43.26 -27.01
C VAL A 327 19.26 44.11 -28.26
N GLY A 328 18.31 43.81 -29.13
CA GLY A 328 18.09 44.61 -30.32
C GLY A 328 16.93 45.57 -30.24
N LEU A 329 16.17 45.57 -29.14
CA LEU A 329 14.99 46.40 -29.04
C LEU A 329 15.06 47.37 -27.87
N SER A 330 16.21 48.04 -27.72
CA SER A 330 16.41 49.02 -26.68
C SER A 330 16.50 50.44 -27.26
N GLY A 331 15.68 50.72 -28.27
CA GLY A 331 15.73 52.00 -28.94
C GLY A 331 14.48 52.84 -28.78
N LEU A 332 13.88 53.24 -29.90
CA LEU A 332 12.76 54.17 -29.90
C LEU A 332 11.44 53.48 -29.62
N SER A 333 10.32 54.19 -29.84
CA SER A 333 8.97 53.69 -29.60
C SER A 333 8.82 53.27 -28.14
N SER A 334 8.84 54.29 -27.27
CA SER A 334 8.97 54.06 -25.84
C SER A 334 7.84 53.19 -25.29
N LYS A 335 6.59 53.48 -25.68
CA LYS A 335 5.47 52.72 -25.14
C LYS A 335 5.52 51.26 -25.56
N ALA A 336 5.66 51.01 -26.87
CA ALA A 336 5.72 49.65 -27.36
C ALA A 336 6.94 48.91 -26.82
N ALA A 337 8.08 49.59 -26.77
CA ALA A 337 9.30 48.96 -26.25
C ALA A 337 9.12 48.57 -24.79
N LYS A 338 8.55 49.47 -23.98
CA LYS A 338 8.35 49.17 -22.57
C LYS A 338 7.34 48.06 -22.35
N ASP A 339 6.32 47.95 -23.21
CA ASP A 339 5.39 46.84 -23.06
C ASP A 339 6.03 45.52 -23.46
N VAL A 340 6.72 45.48 -24.60
CA VAL A 340 7.29 44.22 -25.07
C VAL A 340 8.42 43.77 -24.17
N LEU A 341 9.18 44.71 -23.58
CA LEU A 341 10.25 44.31 -22.67
C LEU A 341 9.68 43.62 -21.43
N GLY A 342 8.59 44.15 -20.89
CA GLY A 342 7.93 43.45 -19.79
C GLY A 342 7.40 42.09 -20.19
N PHE A 343 6.81 42.01 -21.39
CA PHE A 343 6.30 40.72 -21.86
C PHE A 343 7.42 39.69 -21.98
N LEU A 344 8.57 40.08 -22.53
CA LEU A 344 9.68 39.16 -22.66
C LEU A 344 10.29 38.83 -21.31
N ARG A 345 10.32 39.81 -20.40
CA ARG A 345 10.76 39.53 -19.03
C ARG A 345 9.89 38.45 -18.40
N VAL A 346 8.59 38.47 -18.69
CA VAL A 346 7.72 37.42 -18.19
C VAL A 346 8.03 36.10 -18.88
N VAL A 347 8.18 36.11 -20.21
CA VAL A 347 8.36 34.88 -20.97
C VAL A 347 9.73 34.25 -20.77
N ARG A 348 10.64 34.93 -20.07
CA ARG A 348 11.94 34.35 -19.75
C ARG A 348 11.84 32.95 -19.18
N PHE A 349 10.72 32.62 -18.53
CA PHE A 349 10.60 31.35 -17.83
C PHE A 349 10.74 30.16 -18.74
N VAL A 350 10.57 30.33 -20.06
CA VAL A 350 10.57 29.19 -20.96
C VAL A 350 11.94 28.53 -21.04
N ARG A 351 12.99 29.21 -20.58
CA ARG A 351 14.31 28.62 -20.59
C ARG A 351 14.55 27.71 -19.39
N ILE A 352 13.58 27.60 -18.49
CA ILE A 352 13.65 26.58 -17.44
C ILE A 352 13.23 25.21 -17.94
N LEU A 353 12.61 25.15 -19.12
CA LEU A 353 12.14 23.89 -19.68
C LEU A 353 13.18 23.17 -20.50
N ARG A 354 14.34 23.79 -20.75
CA ARG A 354 15.38 23.11 -21.50
C ARG A 354 15.99 21.95 -20.73
N ILE A 355 15.70 21.82 -19.44
CA ILE A 355 16.23 20.69 -18.69
C ILE A 355 15.66 19.37 -19.20
N PHE A 356 14.46 19.40 -19.78
CA PHE A 356 13.88 18.20 -20.35
C PHE A 356 14.61 17.73 -21.61
N LYS A 357 15.45 18.59 -22.19
CA LYS A 357 16.17 18.20 -23.39
C LYS A 357 17.15 17.07 -23.11
N LEU A 358 17.85 17.13 -21.99
CA LEU A 358 18.88 16.13 -21.67
C LEU A 358 18.41 15.05 -20.71
N THR A 359 17.18 15.13 -20.21
CA THR A 359 16.65 14.11 -19.32
C THR A 359 15.82 13.07 -20.05
N ARG A 360 15.73 13.16 -21.37
CA ARG A 360 15.04 12.14 -22.14
C ARG A 360 15.77 10.81 -22.15
N HIS A 361 17.06 10.79 -21.79
CA HIS A 361 17.84 9.57 -21.79
C HIS A 361 17.78 8.82 -20.46
N PHE A 362 17.15 9.40 -19.44
CA PHE A 362 17.02 8.73 -18.16
C PHE A 362 15.83 7.76 -18.22
N VAL A 363 16.05 6.53 -17.76
CA VAL A 363 15.03 5.50 -17.89
C VAL A 363 13.80 5.83 -17.05
N GLY A 364 14.02 6.30 -15.82
CA GLY A 364 12.90 6.55 -14.94
C GLY A 364 11.92 7.57 -15.49
N LEU A 365 12.43 8.61 -16.15
CA LEU A 365 11.55 9.62 -16.70
C LEU A 365 10.74 9.08 -17.87
N ARG A 366 11.34 8.24 -18.70
CA ARG A 366 10.57 7.62 -19.78
C ARG A 366 9.48 6.72 -19.22
N VAL A 367 9.80 5.97 -18.18
CA VAL A 367 8.79 5.11 -17.54
C VAL A 367 7.66 5.97 -16.98
N LEU A 368 8.01 7.09 -16.34
CA LEU A 368 6.99 8.00 -15.81
C LEU A 368 6.12 8.56 -16.91
N GLY A 369 6.72 8.92 -18.05
CA GLY A 369 5.94 9.42 -19.16
C GLY A 369 4.95 8.39 -19.68
N HIS A 370 5.41 7.14 -19.83
CA HIS A 370 4.49 6.09 -20.27
C HIS A 370 3.38 5.88 -19.26
N THR A 371 3.71 5.89 -17.96
CA THR A 371 2.68 5.72 -16.93
C THR A 371 1.65 6.83 -17.00
N LEU A 372 2.09 8.07 -17.16
CA LEU A 372 1.15 9.18 -17.26
C LEU A 372 0.27 9.04 -18.49
N ARG A 373 0.85 8.66 -19.62
CA ARG A 373 0.06 8.52 -20.83
C ARG A 373 -0.92 7.36 -20.76
N ALA A 374 -0.66 6.37 -19.91
CA ALA A 374 -1.52 5.19 -19.83
C ALA A 374 -2.52 5.25 -18.69
N SER A 375 -2.60 6.35 -17.96
CA SER A 375 -3.45 6.43 -16.77
C SER A 375 -4.23 7.74 -16.75
N THR A 376 -4.86 8.10 -17.87
CA THR A 376 -5.64 9.33 -17.90
C THR A 376 -6.96 9.16 -17.15
N ASN A 377 -7.60 7.99 -17.27
CA ASN A 377 -8.90 7.79 -16.66
C ASN A 377 -8.82 7.93 -15.14
N GLU A 378 -7.76 7.42 -14.54
CA GLU A 378 -7.61 7.54 -13.09
C GLU A 378 -7.45 9.00 -12.67
N PHE A 379 -6.71 9.78 -13.44
CA PHE A 379 -6.59 11.21 -13.13
C PHE A 379 -7.94 11.90 -13.22
N LEU A 380 -8.72 11.58 -14.25
CA LEU A 380 -10.05 12.17 -14.37
C LEU A 380 -10.92 11.79 -13.17
N LEU A 381 -10.87 10.52 -12.77
CA LEU A 381 -11.64 10.06 -11.63
C LEU A 381 -11.24 10.79 -10.35
N LEU A 382 -9.92 10.94 -10.13
CA LEU A 382 -9.45 11.63 -8.94
C LEU A 382 -9.91 13.08 -8.93
N ILE A 383 -9.84 13.76 -10.08
CA ILE A 383 -10.26 15.15 -10.14
C ILE A 383 -11.74 15.28 -9.84
N ILE A 384 -12.56 14.38 -10.38
CA ILE A 384 -13.99 14.45 -10.13
C ILE A 384 -14.29 14.22 -8.66
N PHE A 385 -13.65 13.22 -8.05
CA PHE A 385 -13.86 12.96 -6.63
C PHE A 385 -13.49 14.18 -5.79
N LEU A 386 -12.34 14.78 -6.07
CA LEU A 386 -11.91 15.95 -5.31
C LEU A 386 -12.88 17.10 -5.47
N ALA A 387 -13.36 17.34 -6.69
CA ALA A 387 -14.28 18.43 -6.90
C ALA A 387 -15.56 18.24 -6.09
N LEU A 388 -16.14 17.04 -6.14
CA LEU A 388 -17.36 16.80 -5.38
C LEU A 388 -17.14 16.99 -3.89
N GLY A 389 -16.07 16.40 -3.37
CA GLY A 389 -15.80 16.52 -1.95
C GLY A 389 -15.60 17.96 -1.51
N VAL A 390 -14.81 18.71 -2.28
CA VAL A 390 -14.53 20.09 -1.94
C VAL A 390 -15.81 20.91 -1.92
N LEU A 391 -16.66 20.74 -2.93
CA LEU A 391 -17.90 21.51 -2.98
C LEU A 391 -18.78 21.20 -1.77
N ILE A 392 -19.01 19.91 -1.50
CA ILE A 392 -19.92 19.55 -0.43
C ILE A 392 -19.41 20.03 0.92
N PHE A 393 -18.12 19.80 1.19
CA PHE A 393 -17.61 20.16 2.51
C PHE A 393 -17.48 21.66 2.68
N ALA A 394 -17.20 22.40 1.60
CA ALA A 394 -17.19 23.86 1.72
C ALA A 394 -18.57 24.37 2.08
N THR A 395 -19.62 23.84 1.43
CA THR A 395 -20.97 24.27 1.79
C THR A 395 -21.29 23.95 3.24
N MET A 396 -20.98 22.73 3.67
CA MET A 396 -21.31 22.33 5.04
C MET A 396 -20.56 23.18 6.06
N ILE A 397 -19.27 23.42 5.83
CA ILE A 397 -18.50 24.19 6.81
C ILE A 397 -18.94 25.65 6.83
N TYR A 398 -19.39 26.18 5.69
CA TYR A 398 -19.93 27.53 5.72
C TYR A 398 -21.19 27.60 6.57
N TYR A 399 -22.09 26.64 6.38
CA TYR A 399 -23.35 26.70 7.11
C TYR A 399 -23.20 26.32 8.58
N ALA A 400 -22.17 25.56 8.94
CA ALA A 400 -22.00 25.15 10.33
C ALA A 400 -21.45 26.27 11.20
N GLU A 401 -20.60 27.13 10.65
CA GLU A 401 -19.97 28.18 11.43
C GLU A 401 -20.91 29.33 11.76
N ARG A 402 -22.08 29.39 11.14
CA ARG A 402 -23.00 30.48 11.41
C ARG A 402 -23.84 30.25 12.66
N ILE A 403 -23.73 29.08 13.28
CA ILE A 403 -24.44 28.84 14.54
C ILE A 403 -23.94 29.80 15.61
N GLY A 404 -22.62 29.96 15.72
CA GLY A 404 -22.04 30.80 16.74
C GLY A 404 -22.02 32.26 16.36
N ALA A 405 -22.93 32.68 15.49
CA ALA A 405 -22.99 34.08 15.09
C ALA A 405 -23.37 34.95 16.29
N GLN A 406 -22.62 36.02 16.48
CA GLN A 406 -22.89 36.93 17.58
C GLN A 406 -24.06 37.84 17.23
N PRO A 407 -25.05 37.99 18.11
CA PRO A 407 -26.22 38.82 17.83
C PRO A 407 -25.96 40.32 17.98
N ASN A 408 -24.84 40.79 17.42
CA ASN A 408 -24.46 42.19 17.51
C ASN A 408 -24.03 42.81 16.19
N ASP A 409 -23.64 42.02 15.20
CA ASP A 409 -23.16 42.57 13.95
C ASP A 409 -24.11 42.24 12.80
N PRO A 410 -24.28 43.17 11.85
CA PRO A 410 -25.13 42.85 10.70
C PRO A 410 -24.62 41.68 9.88
N SER A 411 -23.30 41.54 9.77
CA SER A 411 -22.70 40.43 9.04
C SER A 411 -22.25 39.38 10.04
N ALA A 412 -22.81 38.17 9.93
CA ALA A 412 -22.51 37.11 10.88
C ALA A 412 -21.08 36.60 10.75
N SER A 413 -20.35 36.99 9.71
CA SER A 413 -19.00 36.50 9.46
C SER A 413 -18.00 37.52 10.02
N GLU A 414 -17.82 37.49 11.33
CA GLU A 414 -16.83 38.33 11.98
C GLU A 414 -15.99 37.49 12.94
N HIS A 415 -16.58 36.41 13.44
CA HIS A 415 -15.92 35.52 14.39
C HIS A 415 -15.30 34.31 13.72
N THR A 416 -15.35 34.21 12.40
CA THR A 416 -14.93 33.01 11.68
C THR A 416 -14.03 33.37 10.51
N HIS A 417 -13.23 32.39 10.10
CA HIS A 417 -12.45 32.51 8.89
C HIS A 417 -13.28 32.26 7.64
N PHE A 418 -14.45 31.64 7.79
CA PHE A 418 -15.26 31.22 6.66
C PHE A 418 -16.30 32.29 6.36
N LYS A 419 -15.85 33.32 5.65
CA LYS A 419 -16.75 34.41 5.29
C LYS A 419 -17.77 33.98 4.24
N ASN A 420 -17.43 33.01 3.41
CA ASN A 420 -18.31 32.54 2.35
C ASN A 420 -17.87 31.15 1.93
N ILE A 421 -18.48 30.65 0.85
CA ILE A 421 -18.22 29.30 0.35
C ILE A 421 -16.94 29.24 -0.51
N PRO A 422 -16.74 30.16 -1.47
CA PRO A 422 -15.53 30.06 -2.29
C PRO A 422 -14.26 30.08 -1.47
N ILE A 423 -14.19 30.87 -0.41
CA ILE A 423 -13.02 30.81 0.45
C ILE A 423 -12.95 29.49 1.19
N GLY A 424 -14.09 28.81 1.36
CA GLY A 424 -14.07 27.49 1.96
C GLY A 424 -13.55 26.41 1.05
N PHE A 425 -13.58 26.64 -0.27
CA PHE A 425 -12.95 25.69 -1.19
C PHE A 425 -11.49 25.45 -0.83
N TRP A 426 -10.76 26.53 -0.54
CA TRP A 426 -9.34 26.42 -0.22
C TRP A 426 -9.13 25.60 1.05
N TRP A 427 -9.92 25.87 2.09
CA TRP A 427 -9.79 25.10 3.31
C TRP A 427 -10.10 23.63 3.08
N ALA A 428 -11.12 23.34 2.28
CA ALA A 428 -11.45 21.95 1.99
C ALA A 428 -10.31 21.25 1.27
N VAL A 429 -9.71 21.92 0.29
CA VAL A 429 -8.59 21.31 -0.44
C VAL A 429 -7.43 21.03 0.50
N VAL A 430 -7.10 22.01 1.34
CA VAL A 430 -5.97 21.85 2.25
C VAL A 430 -6.23 20.73 3.24
N THR A 431 -7.46 20.64 3.76
CA THR A 431 -7.77 19.67 4.80
C THR A 431 -7.91 18.26 4.25
N MET A 432 -8.42 18.09 3.03
CA MET A 432 -8.67 16.74 2.52
C MET A 432 -7.39 15.99 2.19
N THR A 433 -6.26 16.68 2.05
CA THR A 433 -4.99 16.03 1.74
C THR A 433 -4.09 15.89 2.96
N THR A 434 -4.62 16.13 4.16
CA THR A 434 -3.86 16.06 5.40
C THR A 434 -2.67 17.02 5.38
N LEU A 435 -2.81 18.13 4.67
CA LEU A 435 -1.75 19.13 4.64
C LEU A 435 -1.82 20.03 5.87
N GLY A 436 -2.91 20.78 6.00
CA GLY A 436 -3.15 21.52 7.22
C GLY A 436 -2.17 22.66 7.46
N TYR A 437 -2.23 23.70 6.64
CA TYR A 437 -1.42 24.88 6.89
C TYR A 437 -1.77 25.51 8.24
N GLY A 438 -3.06 25.65 8.52
CA GLY A 438 -3.51 26.27 9.73
C GLY A 438 -3.90 27.72 9.62
N ASP A 439 -3.89 28.29 8.42
CA ASP A 439 -4.28 29.68 8.28
C ASP A 439 -5.76 29.88 8.50
N MET A 440 -6.57 28.85 8.22
CA MET A 440 -8.00 28.90 8.51
C MET A 440 -8.46 27.55 9.00
N TYR A 441 -9.11 27.53 10.15
CA TYR A 441 -9.58 26.32 10.81
C TYR A 441 -10.89 26.62 11.51
N PRO A 442 -11.74 25.61 11.73
CA PRO A 442 -13.00 25.83 12.43
C PRO A 442 -12.79 26.24 13.87
N GLN A 443 -13.71 27.05 14.38
CA GLN A 443 -13.64 27.55 15.75
C GLN A 443 -14.95 27.37 16.51
N THR A 444 -15.87 26.56 16.01
CA THR A 444 -17.15 26.34 16.64
C THR A 444 -17.34 24.84 16.83
N TRP A 445 -18.05 24.45 17.90
CA TRP A 445 -18.22 23.04 18.19
C TRP A 445 -18.89 22.31 17.03
N SER A 446 -19.75 22.99 16.29
CA SER A 446 -20.39 22.37 15.12
C SER A 446 -19.43 22.26 13.94
N GLY A 447 -18.49 23.20 13.81
CA GLY A 447 -17.55 23.14 12.71
C GLY A 447 -16.48 22.07 12.87
N MET A 448 -16.18 21.70 14.11
CA MET A 448 -15.13 20.70 14.34
C MET A 448 -15.57 19.32 13.88
N LEU A 449 -16.85 18.98 14.05
CA LEU A 449 -17.36 17.72 13.53
C LEU A 449 -17.23 17.65 12.02
N VAL A 450 -17.58 18.75 11.34
CA VAL A 450 -17.44 18.80 9.89
C VAL A 450 -15.98 18.70 9.49
N GLY A 451 -15.09 19.31 10.28
CA GLY A 451 -13.67 19.19 9.98
C GLY A 451 -13.17 17.76 10.07
N ALA A 452 -13.59 17.03 11.11
CA ALA A 452 -13.20 15.63 11.24
C ALA A 452 -13.73 14.80 10.08
N LEU A 453 -14.99 15.01 9.72
CA LEU A 453 -15.55 14.30 8.58
C LEU A 453 -14.79 14.61 7.31
N CYS A 454 -14.42 15.88 7.13
CA CYS A 454 -13.68 16.27 5.93
C CYS A 454 -12.34 15.59 5.87
N ALA A 455 -11.63 15.51 6.99
CA ALA A 455 -10.33 14.85 7.00
C ALA A 455 -10.45 13.39 6.61
N LEU A 456 -11.40 12.67 7.23
CA LEU A 456 -11.55 11.25 6.93
C LEU A 456 -11.96 11.03 5.48
N ALA A 457 -12.93 11.80 4.99
CA ALA A 457 -13.39 11.63 3.62
C ALA A 457 -12.29 11.94 2.63
N GLY A 458 -11.47 12.95 2.93
CA GLY A 458 -10.36 13.25 2.05
C GLY A 458 -9.36 12.11 1.99
N VAL A 459 -9.03 11.52 3.14
CA VAL A 459 -8.11 10.40 3.14
C VAL A 459 -8.65 9.28 2.27
N LEU A 460 -9.92 8.93 2.44
CA LEU A 460 -10.49 7.82 1.65
C LEU A 460 -10.50 8.15 0.16
N THR A 461 -11.00 9.32 -0.20
CA THR A 461 -11.17 9.65 -1.61
C THR A 461 -9.84 9.89 -2.31
N ILE A 462 -8.77 10.16 -1.56
CA ILE A 462 -7.46 10.19 -2.19
C ILE A 462 -6.90 8.78 -2.32
N ALA A 463 -7.10 7.94 -1.29
CA ALA A 463 -6.57 6.59 -1.33
C ALA A 463 -7.28 5.69 -2.31
N MET A 464 -8.40 6.12 -2.90
CA MET A 464 -9.08 5.25 -3.86
C MET A 464 -8.25 4.96 -5.11
N PRO A 465 -7.93 5.94 -6.01
CA PRO A 465 -7.33 5.59 -7.31
C PRO A 465 -5.82 5.62 -7.37
N VAL A 466 -5.20 6.26 -6.37
CA VAL A 466 -3.74 6.33 -6.33
C VAL A 466 -3.10 4.95 -6.32
N PRO A 467 -3.63 3.94 -5.61
CA PRO A 467 -3.05 2.59 -5.74
C PRO A 467 -3.09 2.06 -7.15
N VAL A 468 -4.14 2.34 -7.92
CA VAL A 468 -4.18 1.90 -9.31
C VAL A 468 -3.04 2.53 -10.10
N ILE A 469 -2.88 3.84 -9.94
CA ILE A 469 -1.82 4.53 -10.68
C ILE A 469 -0.45 4.00 -10.28
N VAL A 470 -0.24 3.79 -8.98
CA VAL A 470 1.05 3.33 -8.48
C VAL A 470 1.34 1.92 -8.98
N ASN A 471 0.32 1.05 -9.02
CA ASN A 471 0.53 -0.29 -9.52
C ASN A 471 0.92 -0.27 -10.99
N ASN A 472 0.27 0.57 -11.78
CA ASN A 472 0.66 0.70 -13.19
C ASN A 472 2.12 1.13 -13.30
N PHE A 473 2.52 2.14 -12.54
CA PHE A 473 3.91 2.60 -12.62
C PHE A 473 4.87 1.48 -12.22
N GLY A 474 4.54 0.75 -11.16
CA GLY A 474 5.43 -0.31 -10.71
C GLY A 474 5.62 -1.38 -11.75
N MET A 475 4.52 -1.81 -12.39
CA MET A 475 4.62 -2.82 -13.42
C MET A 475 5.46 -2.33 -14.59
N TYR A 476 5.20 -1.10 -15.05
CA TYR A 476 5.98 -0.56 -16.16
C TYR A 476 7.46 -0.47 -15.81
N TYR A 477 7.77 0.01 -14.60
CA TYR A 477 9.16 0.18 -14.20
C TYR A 477 9.87 -1.16 -14.11
N SER A 478 9.21 -2.17 -13.54
CA SER A 478 9.83 -3.49 -13.45
C SER A 478 10.11 -4.04 -14.85
N LEU A 479 9.14 -3.93 -15.75
CA LEU A 479 9.36 -4.45 -17.11
C LEU A 479 10.49 -3.71 -17.81
N ALA A 480 10.55 -2.39 -17.66
CA ALA A 480 11.60 -1.63 -18.34
C ALA A 480 12.97 -1.92 -17.74
N MET A 481 13.04 -2.09 -16.43
CA MET A 481 14.32 -2.36 -15.79
C MET A 481 14.81 -3.78 -16.06
N ALA A 482 13.90 -4.71 -16.38
CA ALA A 482 14.33 -6.05 -16.75
C ALA A 482 15.15 -6.02 -18.03
N LYS A 483 14.89 -5.06 -18.93
CA LYS A 483 15.62 -5.00 -20.19
C LYS A 483 17.10 -4.71 -19.97
N GLN A 484 17.44 -3.95 -18.94
CA GLN A 484 18.85 -3.61 -18.70
C GLN A 484 19.66 -4.85 -18.35
N LYS A 485 19.09 -5.77 -17.57
CA LYS A 485 19.81 -6.96 -17.15
C LYS A 485 20.13 -7.86 -18.35
N LEU A 486 19.19 -7.98 -19.29
CA LEU A 486 19.37 -8.85 -20.45
C LEU A 486 19.50 -8.01 -21.70
N PRO A 487 20.72 -7.72 -22.16
CA PRO A 487 20.87 -6.86 -23.35
C PRO A 487 20.24 -7.45 -24.61
N LYS A 488 20.69 -8.62 -25.02
CA LYS A 488 20.21 -9.31 -26.21
C LYS A 488 20.92 -10.65 -26.31
N LYS A 489 20.33 -11.55 -27.10
CA LYS A 489 20.90 -12.87 -27.30
C LYS A 489 21.10 -13.14 -28.79
N LYS A 490 21.45 -14.38 -29.14
CA LYS A 490 21.81 -14.73 -30.51
C LYS A 490 20.84 -15.75 -31.10
N LYS A 491 19.58 -15.74 -30.67
CA LYS A 491 18.49 -16.56 -31.19
C LYS A 491 18.94 -18.01 -31.44
N LYS A 492 19.28 -18.68 -30.33
CA LYS A 492 19.81 -20.03 -30.41
C LYS A 492 18.84 -20.98 -31.10
N HIS A 493 17.54 -20.86 -30.80
CA HIS A 493 16.54 -21.78 -31.33
C HIS A 493 16.39 -21.54 -32.83
N ILE A 494 16.98 -22.41 -33.64
CA ILE A 494 16.86 -22.32 -35.09
C ILE A 494 15.53 -22.95 -35.50
N PRO A 495 14.65 -22.22 -36.19
CA PRO A 495 13.36 -22.79 -36.58
C PRO A 495 13.50 -23.84 -37.68
N ARG A 496 12.36 -24.33 -38.16
CA ARG A 496 12.29 -25.34 -39.22
C ARG A 496 13.06 -26.60 -38.81
N PRO A 497 12.53 -27.39 -37.87
CA PRO A 497 13.19 -28.60 -37.38
C PRO A 497 13.40 -29.64 -38.48
N SER B 41 -12.85 -56.79 -7.61
CA SER B 41 -13.44 -56.69 -6.28
C SER B 41 -12.72 -55.63 -5.46
N GLU B 42 -13.50 -54.69 -4.91
CA GLU B 42 -13.02 -53.60 -4.07
C GLU B 42 -12.05 -52.67 -4.79
N ARG B 43 -11.92 -52.80 -6.11
CA ARG B 43 -11.05 -51.94 -6.90
C ARG B 43 -11.80 -51.48 -8.13
N ILE B 44 -11.83 -50.17 -8.36
CA ILE B 44 -12.53 -49.59 -9.48
C ILE B 44 -11.61 -48.60 -10.18
N VAL B 45 -11.81 -48.42 -11.48
CA VAL B 45 -11.02 -47.51 -12.30
C VAL B 45 -11.97 -46.52 -12.95
N ILE B 46 -11.63 -45.24 -12.87
CA ILE B 46 -12.45 -44.17 -13.43
C ILE B 46 -11.66 -43.51 -14.56
N ASN B 47 -12.30 -43.38 -15.72
CA ASN B 47 -11.69 -42.77 -16.90
C ASN B 47 -12.32 -41.40 -17.09
N VAL B 48 -11.56 -40.36 -16.78
CA VAL B 48 -12.05 -38.99 -16.92
C VAL B 48 -11.30 -38.30 -18.05
N GLY B 49 -11.88 -38.33 -19.25
CA GLY B 49 -11.25 -37.69 -20.39
C GLY B 49 -9.92 -38.28 -20.78
N GLY B 50 -9.81 -39.61 -20.75
CA GLY B 50 -8.59 -40.29 -21.14
C GLY B 50 -7.56 -40.47 -20.04
N THR B 51 -7.81 -39.93 -18.85
CA THR B 51 -6.89 -40.07 -17.73
C THR B 51 -7.45 -41.11 -16.77
N ARG B 52 -6.67 -42.15 -16.50
CA ARG B 52 -7.09 -43.21 -15.59
C ARG B 52 -7.02 -42.73 -14.15
N HIS B 53 -8.08 -42.99 -13.39
CA HIS B 53 -8.10 -42.77 -11.96
C HIS B 53 -8.55 -44.05 -11.28
N GLN B 54 -7.81 -44.48 -10.26
CA GLN B 54 -7.99 -45.77 -9.63
C GLN B 54 -8.15 -45.58 -8.12
N THR B 55 -9.18 -46.21 -7.56
CA THR B 55 -9.42 -46.11 -6.12
C THR B 55 -10.26 -47.30 -5.67
N TYR B 56 -10.27 -47.53 -4.36
CA TYR B 56 -11.07 -48.60 -3.80
C TYR B 56 -12.55 -48.23 -3.81
N ARG B 57 -13.40 -49.26 -3.90
CA ARG B 57 -14.84 -49.04 -3.89
C ARG B 57 -15.29 -48.45 -2.56
N SER B 58 -14.63 -48.81 -1.45
CA SER B 58 -15.04 -48.31 -0.15
C SER B 58 -14.90 -46.79 -0.06
N THR B 59 -13.82 -46.25 -0.63
CA THR B 59 -13.61 -44.81 -0.57
C THR B 59 -14.70 -44.05 -1.31
N LEU B 60 -15.17 -44.56 -2.45
CA LEU B 60 -16.23 -43.91 -3.19
C LEU B 60 -17.57 -43.94 -2.45
N ARG B 61 -17.72 -44.83 -1.48
CA ARG B 61 -18.98 -45.01 -0.79
C ARG B 61 -19.12 -44.12 0.44
N THR B 62 -18.15 -43.25 0.70
CA THR B 62 -18.20 -42.42 1.89
C THR B 62 -19.36 -41.43 1.83
N LEU B 63 -19.51 -40.72 0.71
CA LEU B 63 -20.53 -39.69 0.59
C LEU B 63 -21.75 -40.27 -0.13
N PRO B 64 -22.88 -40.43 0.54
CA PRO B 64 -24.07 -40.94 -0.14
C PRO B 64 -24.76 -39.85 -0.96
N GLY B 65 -25.61 -40.30 -1.88
CA GLY B 65 -26.40 -39.40 -2.68
C GLY B 65 -25.67 -38.82 -3.89
N THR B 66 -24.36 -38.66 -3.76
CA THR B 66 -23.56 -38.08 -4.83
C THR B 66 -23.45 -39.06 -5.99
N ARG B 67 -23.01 -38.53 -7.15
CA ARG B 67 -22.91 -39.36 -8.34
C ARG B 67 -21.93 -40.50 -8.14
N LEU B 68 -20.84 -40.26 -7.41
CA LEU B 68 -19.89 -41.33 -7.14
C LEU B 68 -20.49 -42.42 -6.29
N ALA B 69 -21.39 -42.06 -5.36
CA ALA B 69 -22.10 -43.08 -4.59
C ALA B 69 -22.93 -43.97 -5.51
N TRP B 70 -23.60 -43.37 -6.49
CA TRP B 70 -24.29 -44.15 -7.50
C TRP B 70 -23.32 -45.04 -8.27
N LEU B 71 -22.12 -44.51 -8.54
CA LEU B 71 -21.13 -45.30 -9.26
C LEU B 71 -20.63 -46.48 -8.44
N ALA B 72 -20.54 -46.32 -7.12
CA ALA B 72 -20.12 -47.43 -6.27
C ALA B 72 -21.16 -48.54 -6.21
N GLU B 73 -22.40 -48.26 -6.61
CA GLU B 73 -23.44 -49.27 -6.59
C GLU B 73 -23.09 -50.38 -7.60
N PRO B 74 -23.22 -51.65 -7.22
CA PRO B 74 -22.87 -52.73 -8.15
C PRO B 74 -23.68 -52.73 -9.43
N ASP B 75 -24.95 -52.36 -9.37
CA ASP B 75 -25.82 -52.33 -10.56
C ASP B 75 -25.90 -50.93 -11.13
N ALA B 76 -24.75 -50.42 -11.58
CA ALA B 76 -24.66 -49.12 -12.21
C ALA B 76 -24.25 -49.19 -13.67
N HIS B 77 -24.08 -50.40 -14.22
CA HIS B 77 -23.67 -50.53 -15.61
C HIS B 77 -24.71 -49.95 -16.55
N SER B 78 -26.00 -50.20 -16.28
CA SER B 78 -27.07 -49.64 -17.08
C SER B 78 -27.25 -48.15 -16.86
N HIS B 79 -26.63 -47.58 -15.83
CA HIS B 79 -26.78 -46.15 -15.53
C HIS B 79 -25.72 -45.31 -16.22
N PHE B 80 -24.45 -45.65 -16.02
CA PHE B 80 -23.34 -44.91 -16.58
C PHE B 80 -22.73 -45.65 -17.76
N ASP B 81 -21.96 -44.93 -18.57
CA ASP B 81 -21.27 -45.55 -19.69
C ASP B 81 -20.18 -46.46 -19.17
N TYR B 82 -20.12 -47.68 -19.69
CA TYR B 82 -19.20 -48.68 -19.20
C TYR B 82 -18.95 -49.71 -20.29
N ASP B 83 -17.69 -50.10 -20.46
CA ASP B 83 -17.32 -51.11 -21.43
C ASP B 83 -16.69 -52.30 -20.73
N PRO B 84 -17.21 -53.51 -20.94
CA PRO B 84 -16.62 -54.69 -20.28
C PRO B 84 -15.22 -55.01 -20.77
N ARG B 85 -14.81 -54.51 -21.94
CA ARG B 85 -13.48 -54.81 -22.45
C ARG B 85 -12.40 -54.22 -21.55
N ALA B 86 -12.59 -52.98 -21.10
CA ALA B 86 -11.63 -52.33 -20.22
C ALA B 86 -12.09 -52.25 -18.77
N ASP B 87 -13.37 -52.52 -18.50
CA ASP B 87 -13.92 -52.51 -17.14
C ASP B 87 -13.68 -51.17 -16.44
N GLU B 88 -13.80 -50.09 -17.21
CA GLU B 88 -13.63 -48.74 -16.68
C GLU B 88 -14.81 -47.87 -17.09
N PHE B 89 -15.29 -47.05 -16.17
CA PHE B 89 -16.37 -46.13 -16.47
C PHE B 89 -15.81 -44.89 -17.15
N PHE B 90 -16.52 -44.42 -18.18
CA PHE B 90 -16.06 -43.30 -18.99
C PHE B 90 -16.86 -42.05 -18.68
N PHE B 91 -16.16 -40.92 -18.64
CA PHE B 91 -16.77 -39.61 -18.47
C PHE B 91 -16.15 -38.65 -19.47
N ASP B 92 -16.71 -37.44 -19.52
CA ASP B 92 -16.19 -36.38 -20.38
C ASP B 92 -16.11 -35.11 -19.53
N ARG B 93 -14.98 -34.94 -18.85
CA ARG B 93 -14.78 -33.82 -17.95
C ARG B 93 -13.30 -33.49 -17.90
N HIS B 94 -12.98 -32.39 -17.23
CA HIS B 94 -11.60 -31.96 -17.10
C HIS B 94 -10.83 -32.95 -16.23
N PRO B 95 -9.75 -33.55 -16.72
CA PRO B 95 -9.04 -34.55 -15.90
C PRO B 95 -8.14 -33.95 -14.84
N GLY B 96 -7.68 -32.72 -15.00
CA GLY B 96 -6.79 -32.12 -14.04
C GLY B 96 -7.46 -31.60 -12.78
N VAL B 97 -8.78 -31.46 -12.79
CA VAL B 97 -9.50 -30.95 -11.64
C VAL B 97 -10.29 -32.03 -10.92
N PHE B 98 -10.49 -33.19 -11.54
CA PHE B 98 -11.16 -34.30 -10.86
C PHE B 98 -10.34 -34.84 -9.71
N ALA B 99 -9.02 -34.61 -9.71
CA ALA B 99 -8.16 -35.14 -8.67
C ALA B 99 -8.53 -34.57 -7.31
N HIS B 100 -8.79 -33.27 -7.23
CA HIS B 100 -9.15 -32.67 -5.95
C HIS B 100 -10.50 -33.17 -5.46
N ILE B 101 -11.46 -33.33 -6.36
CA ILE B 101 -12.76 -33.85 -5.97
C ILE B 101 -12.64 -35.26 -5.43
N LEU B 102 -11.83 -36.09 -6.08
CA LEU B 102 -11.62 -37.44 -5.55
C LEU B 102 -10.87 -37.42 -4.23
N ASN B 103 -9.91 -36.50 -4.09
CA ASN B 103 -9.16 -36.38 -2.85
C ASN B 103 -10.07 -35.97 -1.69
N TYR B 104 -11.14 -35.24 -1.99
CA TYR B 104 -12.13 -34.96 -0.95
C TYR B 104 -12.71 -36.25 -0.38
N TYR B 105 -13.03 -37.21 -1.26
CA TYR B 105 -13.45 -38.52 -0.77
C TYR B 105 -12.32 -39.23 -0.02
N ARG B 106 -11.10 -39.14 -0.54
CA ARG B 106 -9.99 -39.91 0.03
C ARG B 106 -9.66 -39.46 1.45
N THR B 107 -9.62 -38.16 1.69
CA THR B 107 -9.22 -37.63 2.99
C THR B 107 -10.40 -37.19 3.85
N GLY B 108 -11.25 -36.33 3.32
CA GLY B 108 -12.37 -35.83 4.09
C GLY B 108 -12.47 -34.33 4.03
N LYS B 109 -11.39 -33.67 3.62
CA LYS B 109 -11.36 -32.23 3.47
C LYS B 109 -11.51 -31.86 2.00
N LEU B 110 -12.18 -30.73 1.75
CA LEU B 110 -12.41 -30.23 0.40
C LEU B 110 -11.63 -28.94 0.22
N HIS B 111 -10.80 -28.89 -0.82
CA HIS B 111 -10.01 -27.71 -1.14
C HIS B 111 -10.19 -27.39 -2.61
N CYS B 112 -9.84 -26.16 -2.98
CA CYS B 112 -9.91 -25.74 -4.37
C CYS B 112 -8.52 -25.55 -4.94
N PRO B 113 -8.23 -26.13 -6.10
CA PRO B 113 -6.91 -25.92 -6.70
C PRO B 113 -6.68 -24.46 -7.05
N ALA B 114 -5.43 -24.03 -6.96
CA ALA B 114 -5.06 -22.66 -7.24
C ALA B 114 -4.64 -22.43 -8.68
N ASP B 115 -4.65 -23.46 -9.52
CA ASP B 115 -4.25 -23.33 -10.91
C ASP B 115 -5.41 -23.10 -11.85
N VAL B 116 -6.64 -23.01 -11.34
CA VAL B 116 -7.81 -22.76 -12.17
C VAL B 116 -8.65 -21.66 -11.52
N CYS B 117 -9.48 -21.03 -12.34
CA CYS B 117 -10.35 -19.97 -11.86
C CYS B 117 -11.43 -20.54 -10.94
N GLY B 118 -12.00 -19.64 -10.14
CA GLY B 118 -13.06 -20.00 -9.23
C GLY B 118 -14.29 -20.57 -9.91
N PRO B 119 -14.83 -19.85 -10.90
CA PRO B 119 -16.03 -20.36 -11.58
C PRO B 119 -15.85 -21.73 -12.22
N LEU B 120 -14.68 -22.02 -12.77
CA LEU B 120 -14.46 -23.33 -13.38
C LEU B 120 -14.58 -24.44 -12.36
N TYR B 121 -13.90 -24.29 -11.22
CA TYR B 121 -13.99 -25.29 -10.16
C TYR B 121 -15.40 -25.38 -9.61
N GLU B 122 -16.08 -24.23 -9.49
CA GLU B 122 -17.46 -24.24 -8.99
C GLU B 122 -18.36 -25.06 -9.90
N GLU B 123 -18.26 -24.83 -11.22
CA GLU B 123 -19.07 -25.59 -12.16
C GLU B 123 -18.72 -27.07 -12.10
N GLU B 124 -17.43 -27.39 -12.02
CA GLU B 124 -17.01 -28.78 -11.99
C GLU B 124 -17.56 -29.51 -10.77
N LEU B 125 -17.49 -28.87 -9.60
CA LEU B 125 -18.03 -29.52 -8.40
C LEU B 125 -19.56 -29.55 -8.43
N ALA B 126 -20.18 -28.58 -9.10
CA ALA B 126 -21.63 -28.62 -9.25
C ALA B 126 -22.06 -29.81 -10.09
N PHE B 127 -21.30 -30.13 -11.14
CA PHE B 127 -21.66 -31.27 -11.98
C PHE B 127 -21.62 -32.58 -11.20
N TRP B 128 -20.59 -32.76 -10.38
CA TRP B 128 -20.43 -34.01 -9.65
C TRP B 128 -21.37 -34.13 -8.45
N GLY B 129 -22.09 -33.07 -8.11
CA GLY B 129 -23.04 -33.12 -7.01
C GLY B 129 -22.48 -32.79 -5.65
N ILE B 130 -21.33 -32.14 -5.58
CA ILE B 130 -20.74 -31.73 -4.31
C ILE B 130 -21.23 -30.34 -3.96
N ASP B 131 -21.77 -30.18 -2.76
CA ASP B 131 -22.22 -28.87 -2.32
C ASP B 131 -21.02 -27.95 -2.09
N GLU B 132 -21.07 -26.75 -2.65
CA GLU B 132 -19.93 -25.85 -2.63
C GLU B 132 -19.68 -25.24 -1.26
N THR B 133 -20.61 -25.38 -0.33
CA THR B 133 -20.46 -24.78 0.99
C THR B 133 -19.67 -25.64 1.96
N ASP B 134 -18.93 -26.63 1.47
CA ASP B 134 -18.14 -27.51 2.33
C ASP B 134 -16.65 -27.30 2.20
N VAL B 135 -16.20 -26.33 1.39
CA VAL B 135 -14.77 -26.08 1.27
C VAL B 135 -14.24 -25.48 2.55
N GLU B 136 -12.97 -25.78 2.85
CA GLU B 136 -12.38 -25.34 4.10
C GLU B 136 -12.15 -23.82 4.08
N PRO B 137 -12.11 -23.18 5.25
CA PRO B 137 -11.83 -21.73 5.28
C PRO B 137 -10.45 -21.38 4.76
N CYS B 138 -9.52 -22.34 4.69
CA CYS B 138 -8.18 -22.04 4.20
C CYS B 138 -8.21 -21.58 2.74
N CYS B 139 -9.22 -22.00 1.98
CA CYS B 139 -9.31 -21.65 0.57
C CYS B 139 -10.74 -21.27 0.20
N TRP B 140 -11.39 -20.49 1.06
CA TRP B 140 -12.76 -20.06 0.81
C TRP B 140 -12.85 -18.65 0.23
N MET B 141 -12.03 -17.72 0.72
CA MET B 141 -12.13 -16.34 0.27
C MET B 141 -11.81 -16.22 -1.22
N THR B 142 -10.77 -16.93 -1.69
CA THR B 142 -10.44 -16.87 -3.10
C THR B 142 -11.50 -17.55 -3.96
N TYR B 143 -12.13 -18.59 -3.43
CA TYR B 143 -13.18 -19.28 -4.19
C TYR B 143 -14.38 -18.39 -4.41
N ARG B 144 -15.00 -17.92 -3.34
CA ARG B 144 -16.13 -16.99 -3.42
C ARG B 144 -15.58 -15.55 -3.42
N GLN B 145 -14.90 -15.23 -4.51
CA GLN B 145 -14.31 -13.90 -4.69
C GLN B 145 -14.85 -13.19 -5.91
N HIS B 146 -14.87 -13.86 -7.07
CA HIS B 146 -15.39 -13.24 -8.28
C HIS B 146 -16.92 -13.19 -8.29
N ARG B 147 -17.57 -14.20 -7.70
CA ARG B 147 -19.02 -14.27 -7.75
C ARG B 147 -19.67 -13.10 -7.04
N ASP B 148 -19.15 -12.73 -5.87
CA ASP B 148 -19.73 -11.61 -5.13
C ASP B 148 -19.61 -10.31 -5.91
N ALA B 149 -18.46 -10.06 -6.52
CA ALA B 149 -18.29 -8.85 -7.31
C ALA B 149 -19.22 -8.87 -8.52
N GLU B 150 -19.33 -10.01 -9.19
CA GLU B 150 -20.17 -10.09 -10.38
C GLU B 150 -21.63 -9.83 -10.02
N GLU B 151 -22.11 -10.40 -8.92
CA GLU B 151 -23.50 -10.16 -8.55
C GLU B 151 -23.71 -8.74 -8.04
N ALA B 152 -22.71 -8.16 -7.37
CA ALA B 152 -22.87 -6.80 -6.86
C ALA B 152 -22.90 -5.78 -8.00
N LEU B 153 -22.10 -6.01 -9.04
CA LEU B 153 -22.11 -5.09 -10.17
C LEU B 153 -23.41 -5.11 -10.95
N ASP B 154 -24.28 -6.09 -10.70
CA ASP B 154 -25.57 -6.20 -11.36
C ASP B 154 -26.70 -6.16 -10.35
N SER B 155 -26.52 -5.38 -9.29
CA SER B 155 -27.55 -5.23 -8.26
C SER B 155 -27.92 -3.76 -8.05
N ARG B 204 -51.57 7.11 -26.77
CA ARG B 204 -50.17 7.27 -26.37
C ARG B 204 -49.24 6.50 -27.29
N ARG B 205 -49.03 7.03 -28.49
CA ARG B 205 -48.10 6.47 -29.45
C ARG B 205 -46.72 7.13 -29.39
N TRP B 206 -46.53 8.09 -28.50
CA TRP B 206 -45.28 8.82 -28.41
C TRP B 206 -44.60 8.71 -27.05
N GLN B 207 -45.23 8.07 -26.07
CA GLN B 207 -44.62 7.97 -24.74
C GLN B 207 -43.23 7.35 -24.76
N PRO B 208 -42.96 6.27 -25.49
CA PRO B 208 -41.56 5.80 -25.57
C PRO B 208 -40.61 6.84 -26.14
N ARG B 209 -41.07 7.65 -27.09
CA ARG B 209 -40.20 8.67 -27.66
C ARG B 209 -39.85 9.75 -26.64
N ILE B 210 -40.85 10.24 -25.91
CA ILE B 210 -40.61 11.33 -24.97
C ILE B 210 -39.76 10.86 -23.81
N TRP B 211 -40.12 9.72 -23.22
CA TRP B 211 -39.43 9.26 -22.02
C TRP B 211 -37.96 8.94 -22.29
N ALA B 212 -37.67 8.31 -23.41
CA ALA B 212 -36.28 8.01 -23.75
C ALA B 212 -35.49 9.27 -24.07
N LEU B 213 -36.15 10.34 -24.51
CA LEU B 213 -35.44 11.57 -24.85
C LEU B 213 -34.82 12.22 -23.63
N PHE B 214 -35.48 12.14 -22.47
CA PHE B 214 -34.96 12.76 -21.27
C PHE B 214 -34.11 11.83 -20.42
N GLU B 215 -34.38 10.52 -20.45
CA GLU B 215 -33.70 9.62 -19.54
C GLU B 215 -32.35 9.17 -20.08
N ASP B 216 -32.34 8.49 -21.21
CA ASP B 216 -31.09 7.95 -21.74
C ASP B 216 -30.34 9.04 -22.48
N PRO B 217 -29.14 9.43 -22.02
CA PRO B 217 -28.40 10.49 -22.72
C PRO B 217 -28.04 10.15 -24.16
N TYR B 218 -27.74 8.88 -24.44
CA TYR B 218 -27.25 8.47 -25.76
C TYR B 218 -28.19 7.51 -26.47
N SER B 219 -29.46 7.48 -26.11
CA SER B 219 -30.43 6.70 -26.88
C SER B 219 -30.68 7.31 -28.25
N SER B 220 -30.27 8.54 -28.48
CA SER B 220 -30.48 9.21 -29.75
C SER B 220 -29.43 10.31 -29.87
N ARG B 221 -29.64 11.23 -30.82
CA ARG B 221 -28.75 12.37 -30.98
C ARG B 221 -29.23 13.58 -30.19
N TYR B 222 -30.55 13.79 -30.12
CA TYR B 222 -31.08 14.96 -29.43
C TYR B 222 -30.93 14.83 -27.92
N ALA B 223 -31.02 13.61 -27.39
CA ALA B 223 -30.88 13.41 -25.95
C ALA B 223 -29.53 13.89 -25.45
N ARG B 224 -28.49 13.74 -26.26
CA ARG B 224 -27.18 14.25 -25.87
C ARG B 224 -27.22 15.77 -25.68
N TYR B 225 -27.84 16.48 -26.62
CA TYR B 225 -27.92 17.93 -26.51
C TYR B 225 -28.79 18.34 -25.32
N VAL B 226 -29.87 17.61 -25.07
CA VAL B 226 -30.70 17.94 -23.90
C VAL B 226 -29.92 17.76 -22.61
N ALA B 227 -29.14 16.68 -22.52
CA ALA B 227 -28.31 16.47 -21.34
C ALA B 227 -27.29 17.57 -21.18
N PHE B 228 -26.68 18.01 -22.29
CA PHE B 228 -25.70 19.10 -22.20
C PHE B 228 -26.35 20.40 -21.74
N ALA B 229 -27.56 20.69 -22.24
CA ALA B 229 -28.27 21.88 -21.79
C ALA B 229 -28.56 21.82 -20.30
N SER B 230 -29.01 20.66 -19.83
CA SER B 230 -29.25 20.50 -18.40
C SER B 230 -27.98 20.70 -17.59
N LEU B 231 -26.85 20.19 -18.10
CA LEU B 231 -25.58 20.40 -17.42
C LEU B 231 -25.24 21.89 -17.32
N PHE B 232 -25.44 22.61 -18.42
CA PHE B 232 -25.15 24.05 -18.41
C PHE B 232 -26.00 24.76 -17.37
N PHE B 233 -27.30 24.48 -17.33
CA PHE B 233 -28.17 25.17 -16.39
C PHE B 233 -27.85 24.80 -14.94
N ILE B 234 -27.52 23.54 -14.70
CA ILE B 234 -27.16 23.12 -13.34
C ILE B 234 -25.92 23.86 -12.87
N LEU B 235 -24.90 23.95 -13.74
CA LEU B 235 -23.69 24.64 -13.36
C LEU B 235 -23.95 26.12 -13.11
N VAL B 236 -24.81 26.75 -13.92
CA VAL B 236 -25.13 28.16 -13.70
C VAL B 236 -25.80 28.35 -12.35
N SER B 237 -26.77 27.48 -12.02
CA SER B 237 -27.46 27.63 -10.75
C SER B 237 -26.51 27.44 -9.58
N ILE B 238 -25.61 26.47 -9.66
CA ILE B 238 -24.66 26.25 -8.57
C ILE B 238 -23.74 27.46 -8.43
N THR B 239 -23.29 28.03 -9.54
CA THR B 239 -22.42 29.20 -9.47
C THR B 239 -23.14 30.38 -8.82
N THR B 240 -24.40 30.60 -9.19
CA THR B 240 -25.16 31.68 -8.57
C THR B 240 -25.33 31.44 -7.07
N PHE B 241 -25.63 30.20 -6.69
CA PHE B 241 -25.79 29.88 -5.27
C PHE B 241 -24.52 30.17 -4.50
N CYS B 242 -23.36 29.83 -5.07
CA CYS B 242 -22.10 30.12 -4.39
C CYS B 242 -21.83 31.62 -4.33
N LEU B 243 -22.21 32.35 -5.38
CA LEU B 243 -21.93 33.79 -5.40
C LEU B 243 -22.80 34.55 -4.41
N GLU B 244 -24.02 34.07 -4.14
CA GLU B 244 -24.92 34.83 -3.28
C GLU B 244 -24.34 35.07 -1.89
N THR B 245 -23.44 34.22 -1.44
CA THR B 245 -22.90 34.33 -0.09
C THR B 245 -21.71 35.28 0.01
N HIS B 246 -21.21 35.79 -1.11
CA HIS B 246 -20.03 36.64 -1.09
C HIS B 246 -20.40 38.05 -0.64
N GLU B 247 -19.43 38.73 -0.02
CA GLU B 247 -19.69 40.07 0.50
C GLU B 247 -19.75 41.13 -0.58
N ARG B 248 -19.13 40.90 -1.73
CA ARG B 248 -19.15 41.91 -2.79
C ARG B 248 -20.55 42.11 -3.33
N PHE B 249 -21.38 41.06 -3.33
CA PHE B 249 -22.73 41.13 -3.87
C PHE B 249 -23.79 41.36 -2.80
N ASN B 250 -23.37 41.67 -1.58
CA ASN B 250 -24.30 41.91 -0.46
C ASN B 250 -24.00 43.26 0.16
N PRO B 251 -24.30 44.35 -0.54
CA PRO B 251 -24.11 45.67 0.07
C PRO B 251 -25.09 45.90 1.20
N ILE B 252 -24.68 46.76 2.14
CA ILE B 252 -25.46 47.07 3.33
C ILE B 252 -26.21 48.37 3.09
N VAL B 253 -27.52 48.34 3.29
CA VAL B 253 -28.35 49.53 3.09
C VAL B 253 -29.25 49.77 4.29
N TYR B 269 -36.95 47.35 9.01
CA TYR B 269 -35.53 47.22 8.69
C TYR B 269 -34.87 48.58 8.55
N TYR B 270 -33.67 48.72 9.09
CA TYR B 270 -32.90 49.96 9.01
C TYR B 270 -31.69 49.82 8.11
N ARG B 271 -30.82 48.84 8.38
CA ARG B 271 -29.64 48.61 7.55
C ARG B 271 -29.69 47.24 6.88
N GLU B 272 -29.78 46.16 7.65
CA GLU B 272 -29.75 44.79 7.14
C GLU B 272 -28.70 44.62 6.04
N ALA B 273 -29.09 43.95 4.96
CA ALA B 273 -28.24 43.74 3.79
C ALA B 273 -29.11 43.14 2.70
N GLU B 274 -28.81 43.49 1.46
CA GLU B 274 -29.57 43.01 0.32
C GLU B 274 -28.63 42.41 -0.73
N THR B 275 -29.13 41.42 -1.44
CA THR B 275 -28.38 40.80 -2.53
C THR B 275 -28.69 41.52 -3.84
N GLU B 276 -27.76 41.43 -4.77
CA GLU B 276 -27.95 42.08 -6.07
C GLU B 276 -29.17 41.52 -6.78
N ALA B 277 -29.86 42.39 -7.50
CA ALA B 277 -31.13 42.00 -8.11
C ALA B 277 -30.93 40.92 -9.17
N PHE B 278 -29.93 41.08 -10.03
CA PHE B 278 -29.77 40.15 -11.15
C PHE B 278 -29.43 38.74 -10.69
N LEU B 279 -28.89 38.59 -9.48
CA LEU B 279 -28.66 37.27 -8.92
C LEU B 279 -29.96 36.50 -8.69
N THR B 280 -31.10 37.18 -8.71
CA THR B 280 -32.39 36.51 -8.70
C THR B 280 -32.92 36.28 -10.11
N TYR B 281 -32.62 37.19 -11.04
CA TYR B 281 -33.07 37.01 -12.42
C TYR B 281 -32.40 35.79 -13.07
N ILE B 282 -31.10 35.60 -12.82
CA ILE B 282 -30.43 34.42 -13.35
C ILE B 282 -31.06 33.15 -12.80
N GLU B 283 -31.37 33.15 -11.49
CA GLU B 283 -32.00 31.98 -10.90
C GLU B 283 -33.38 31.74 -11.50
N GLY B 284 -34.13 32.81 -11.78
CA GLY B 284 -35.42 32.63 -12.43
C GLY B 284 -35.30 32.04 -13.81
N VAL B 285 -34.29 32.49 -14.57
CA VAL B 285 -34.06 31.94 -15.90
C VAL B 285 -33.74 30.45 -15.82
N CYS B 286 -32.94 30.06 -14.83
CA CYS B 286 -32.68 28.63 -14.66
C CYS B 286 -33.93 27.87 -14.24
N VAL B 287 -34.72 28.46 -13.35
CA VAL B 287 -35.83 27.72 -12.74
C VAL B 287 -36.97 27.53 -13.72
N VAL B 288 -37.13 28.43 -14.70
CA VAL B 288 -38.18 28.19 -15.68
C VAL B 288 -37.88 26.96 -16.51
N TRP B 289 -36.62 26.79 -16.94
CA TRP B 289 -36.24 25.58 -17.65
C TRP B 289 -36.39 24.35 -16.77
N PHE B 290 -35.97 24.45 -15.51
CA PHE B 290 -36.06 23.29 -14.63
C PHE B 290 -37.52 22.88 -14.44
N THR B 291 -38.41 23.86 -14.25
CA THR B 291 -39.83 23.56 -14.14
C THR B 291 -40.36 22.91 -15.40
N PHE B 292 -39.96 23.43 -16.57
CA PHE B 292 -40.42 22.83 -17.82
C PHE B 292 -39.99 21.38 -17.92
N GLU B 293 -38.73 21.10 -17.63
CA GLU B 293 -38.23 19.72 -17.74
C GLU B 293 -38.94 18.80 -16.77
N PHE B 294 -39.06 19.23 -15.51
CA PHE B 294 -39.70 18.38 -14.51
C PHE B 294 -41.15 18.10 -14.86
N LEU B 295 -41.87 19.13 -15.30
CA LEU B 295 -43.26 18.94 -15.68
C LEU B 295 -43.38 18.02 -16.89
N MET B 296 -42.46 18.16 -17.84
CA MET B 296 -42.52 17.33 -19.04
C MET B 296 -42.27 15.87 -18.71
N ARG B 297 -41.30 15.58 -17.86
CA ARG B 297 -40.97 14.19 -17.59
C ARG B 297 -41.98 13.51 -16.67
N VAL B 298 -42.65 14.27 -15.80
CA VAL B 298 -43.59 13.65 -14.88
C VAL B 298 -44.87 13.20 -15.59
N ILE B 299 -45.10 13.68 -16.81
CA ILE B 299 -46.29 13.27 -17.54
C ILE B 299 -46.04 11.99 -18.32
N PHE B 300 -44.87 11.89 -18.95
CA PHE B 300 -44.54 10.78 -19.84
C PHE B 300 -43.70 9.72 -19.15
N CYS B 301 -43.90 9.51 -17.86
CA CYS B 301 -43.18 8.47 -17.12
C CYS B 301 -44.12 7.33 -16.80
N PRO B 302 -43.89 6.13 -17.32
CA PRO B 302 -44.68 4.97 -16.89
C PRO B 302 -44.40 4.64 -15.43
N ASN B 303 -45.40 4.04 -14.79
CA ASN B 303 -45.31 3.64 -13.38
C ASN B 303 -45.06 4.87 -12.50
N LYS B 304 -46.08 5.74 -12.47
CA LYS B 304 -45.97 7.02 -11.77
C LYS B 304 -45.50 6.86 -10.34
N VAL B 305 -46.00 5.84 -9.63
CA VAL B 305 -45.61 5.66 -8.24
C VAL B 305 -44.13 5.34 -8.14
N GLU B 306 -43.60 4.53 -9.06
CA GLU B 306 -42.17 4.26 -9.08
C GLU B 306 -41.39 5.54 -9.35
N PHE B 307 -41.89 6.38 -10.25
CA PHE B 307 -41.25 7.66 -10.52
C PHE B 307 -41.19 8.52 -9.25
N ILE B 308 -42.28 8.55 -8.50
CA ILE B 308 -42.30 9.34 -7.27
C ILE B 308 -41.35 8.74 -6.24
N LYS B 309 -41.25 7.41 -6.18
CA LYS B 309 -40.40 6.78 -5.18
C LYS B 309 -38.92 7.09 -5.40
N ASN B 310 -38.52 7.51 -6.60
CA ASN B 310 -37.12 7.80 -6.85
C ASN B 310 -36.67 9.02 -6.07
N SER B 311 -35.42 9.00 -5.62
CA SER B 311 -34.89 10.11 -4.82
C SER B 311 -34.53 11.31 -5.67
N LEU B 312 -34.09 11.09 -6.91
CA LEU B 312 -33.69 12.22 -7.76
C LEU B 312 -34.88 13.13 -8.06
N ASN B 313 -36.05 12.54 -8.33
CA ASN B 313 -37.22 13.35 -8.65
C ASN B 313 -37.64 14.21 -7.47
N ILE B 314 -37.66 13.63 -6.26
CA ILE B 314 -38.04 14.43 -5.10
C ILE B 314 -36.98 15.48 -4.80
N ILE B 315 -35.70 15.17 -5.03
CA ILE B 315 -34.66 16.18 -4.86
C ILE B 315 -34.90 17.35 -5.81
N ASP B 316 -35.21 17.05 -7.07
CA ASP B 316 -35.45 18.11 -8.04
C ASP B 316 -36.66 18.96 -7.66
N PHE B 317 -37.75 18.31 -7.23
CA PHE B 317 -38.94 19.04 -6.84
C PHE B 317 -38.66 19.94 -5.64
N VAL B 318 -37.94 19.41 -4.64
CA VAL B 318 -37.60 20.19 -3.46
C VAL B 318 -36.71 21.36 -3.82
N ALA B 319 -35.82 21.17 -4.80
CA ALA B 319 -34.98 22.29 -5.25
C ALA B 319 -35.81 23.36 -5.94
N ILE B 320 -36.80 22.95 -6.74
CA ILE B 320 -37.58 23.92 -7.50
C ILE B 320 -38.50 24.73 -6.59
N LEU B 321 -39.10 24.08 -5.60
CA LEU B 321 -40.18 24.72 -4.84
C LEU B 321 -39.82 26.07 -4.19
N PRO B 322 -38.67 26.22 -3.50
CA PRO B 322 -38.45 27.45 -2.73
C PRO B 322 -38.48 28.72 -3.56
N PHE B 323 -38.07 28.67 -4.82
CA PHE B 323 -38.13 29.88 -5.65
C PHE B 323 -39.57 30.35 -5.79
N TYR B 324 -40.48 29.43 -6.11
CA TYR B 324 -41.89 29.80 -6.22
C TYR B 324 -42.44 30.27 -4.88
N LEU B 325 -42.07 29.60 -3.79
CA LEU B 325 -42.56 30.01 -2.49
C LEU B 325 -42.12 31.44 -2.16
N GLU B 326 -40.85 31.75 -2.42
CA GLU B 326 -40.35 33.10 -2.13
C GLU B 326 -41.01 34.14 -3.03
N VAL B 327 -41.12 33.85 -4.32
CA VAL B 327 -41.67 34.83 -5.24
C VAL B 327 -43.17 35.05 -5.00
N GLY B 328 -43.85 34.08 -4.40
CA GLY B 328 -45.25 34.24 -4.07
C GLY B 328 -45.55 34.59 -2.63
N LEU B 329 -44.53 34.66 -1.77
CA LEU B 329 -44.75 34.88 -0.36
C LEU B 329 -44.05 36.14 0.12
N SER B 330 -44.17 37.24 -0.62
CA SER B 330 -43.58 38.52 -0.25
C SER B 330 -44.66 39.54 0.09
N GLY B 331 -45.69 39.11 0.80
CA GLY B 331 -46.80 39.98 1.13
C GLY B 331 -46.99 40.23 2.61
N LEU B 332 -48.18 39.91 3.13
CA LEU B 332 -48.55 40.22 4.50
C LEU B 332 -48.04 39.17 5.48
N SER B 333 -48.51 39.21 6.72
CA SER B 333 -48.10 38.29 7.79
C SER B 333 -46.59 38.38 8.00
N SER B 334 -46.19 39.54 8.52
CA SER B 334 -44.77 39.91 8.56
C SER B 334 -43.95 38.90 9.34
N LYS B 335 -44.41 38.49 10.51
CA LYS B 335 -43.63 37.56 11.33
C LYS B 335 -43.45 36.22 10.65
N ALA B 336 -44.55 35.62 10.22
CA ALA B 336 -44.48 34.32 9.55
C ALA B 336 -43.70 34.41 8.25
N ALA B 337 -43.90 35.48 7.48
CA ALA B 337 -43.18 35.64 6.23
C ALA B 337 -41.68 35.75 6.49
N LYS B 338 -41.28 36.56 7.47
CA LYS B 338 -39.87 36.71 7.77
C LYS B 338 -39.24 35.43 8.29
N ASP B 339 -39.99 34.61 9.04
CA ASP B 339 -39.43 33.33 9.49
C ASP B 339 -39.27 32.36 8.32
N VAL B 340 -40.31 32.22 7.49
CA VAL B 340 -40.25 31.24 6.42
C VAL B 340 -39.24 31.66 5.37
N LEU B 341 -39.07 32.96 5.14
CA LEU B 341 -38.07 33.40 4.16
C LEU B 341 -36.67 33.02 4.61
N GLY B 342 -36.36 33.18 5.90
CA GLY B 342 -35.09 32.72 6.41
C GLY B 342 -34.94 31.21 6.29
N PHE B 343 -36.01 30.48 6.59
CA PHE B 343 -35.94 29.02 6.49
C PHE B 343 -35.65 28.58 5.05
N LEU B 344 -36.31 29.20 4.08
CA LEU B 344 -36.06 28.85 2.69
C LEU B 344 -34.68 29.31 2.22
N ARG B 345 -34.23 30.46 2.72
CA ARG B 345 -32.86 30.90 2.44
C ARG B 345 -31.86 29.85 2.91
N VAL B 346 -32.15 29.22 4.05
CA VAL B 346 -31.28 28.14 4.52
C VAL B 346 -31.40 26.93 3.61
N VAL B 347 -32.64 26.54 3.28
CA VAL B 347 -32.86 25.31 2.51
C VAL B 347 -32.43 25.43 1.06
N ARG B 348 -32.05 26.64 0.60
CA ARG B 348 -31.53 26.80 -0.75
C ARG B 348 -30.44 25.80 -1.10
N PHE B 349 -29.73 25.27 -0.11
CA PHE B 349 -28.58 24.41 -0.37
C PHE B 349 -28.97 23.14 -1.12
N VAL B 350 -30.25 22.76 -1.11
CA VAL B 350 -30.64 21.50 -1.70
C VAL B 350 -30.45 21.49 -3.21
N ARG B 351 -30.29 22.65 -3.83
CA ARG B 351 -30.07 22.71 -5.26
C ARG B 351 -28.62 22.47 -5.64
N ILE B 352 -27.74 22.29 -4.65
CA ILE B 352 -26.38 21.84 -4.94
C ILE B 352 -26.31 20.34 -5.16
N LEU B 353 -27.37 19.61 -4.82
CA LEU B 353 -27.39 18.16 -4.96
C LEU B 353 -27.87 17.70 -6.33
N ARG B 354 -28.30 18.62 -7.19
CA ARG B 354 -28.72 18.22 -8.52
C ARG B 354 -27.55 17.79 -9.40
N ILE B 355 -26.32 18.00 -8.95
CA ILE B 355 -25.17 17.54 -9.72
C ILE B 355 -25.17 16.02 -9.82
N PHE B 356 -25.70 15.33 -8.80
CA PHE B 356 -25.79 13.87 -8.86
C PHE B 356 -26.77 13.38 -9.90
N LYS B 357 -27.64 14.25 -10.42
CA LYS B 357 -28.61 13.82 -11.42
C LYS B 357 -27.92 13.37 -12.71
N LEU B 358 -26.90 14.10 -13.14
CA LEU B 358 -26.24 13.82 -14.41
C LEU B 358 -24.93 13.06 -14.25
N THR B 359 -24.50 12.78 -13.02
CA THR B 359 -23.27 12.01 -12.81
C THR B 359 -23.54 10.54 -12.57
N ARG B 360 -24.79 10.11 -12.67
CA ARG B 360 -25.11 8.69 -12.56
C ARG B 360 -24.60 7.88 -13.74
N HIS B 361 -24.27 8.53 -14.85
CA HIS B 361 -23.79 7.84 -16.03
C HIS B 361 -22.28 7.65 -16.05
N PHE B 362 -21.56 8.25 -15.10
CA PHE B 362 -20.12 8.07 -15.02
C PHE B 362 -19.81 6.74 -14.34
N VAL B 363 -18.90 5.97 -14.93
CA VAL B 363 -18.62 4.63 -14.43
C VAL B 363 -17.98 4.68 -13.05
N GLY B 364 -17.03 5.60 -12.86
CA GLY B 364 -16.30 5.65 -11.60
C GLY B 364 -17.22 5.89 -10.41
N LEU B 365 -18.22 6.74 -10.58
CA LEU B 365 -19.12 7.02 -9.47
C LEU B 365 -20.00 5.82 -9.14
N ARG B 366 -20.43 5.08 -10.15
CA ARG B 366 -21.19 3.86 -9.86
C ARG B 366 -20.32 2.84 -9.14
N VAL B 367 -19.07 2.71 -9.55
CA VAL B 367 -18.15 1.80 -8.86
C VAL B 367 -17.96 2.24 -7.41
N LEU B 368 -17.81 3.55 -7.18
CA LEU B 368 -17.68 4.06 -5.83
C LEU B 368 -18.91 3.78 -4.99
N GLY B 369 -20.09 3.94 -5.59
CA GLY B 369 -21.32 3.63 -4.87
C GLY B 369 -21.39 2.17 -4.45
N HIS B 370 -21.05 1.27 -5.38
CA HIS B 370 -21.04 -0.15 -5.03
C HIS B 370 -20.03 -0.44 -3.93
N THR B 371 -18.84 0.17 -4.02
CA THR B 371 -17.83 -0.04 -2.99
C THR B 371 -18.32 0.43 -1.62
N LEU B 372 -18.95 1.60 -1.57
CA LEU B 372 -19.47 2.09 -0.30
C LEU B 372 -20.55 1.17 0.24
N ARG B 373 -21.44 0.70 -0.62
CA ARG B 373 -22.51 -0.17 -0.16
C ARG B 373 -21.99 -1.53 0.29
N ALA B 374 -20.83 -1.95 -0.19
CA ALA B 374 -20.29 -3.27 0.15
C ALA B 374 -19.26 -3.25 1.26
N SER B 375 -19.02 -2.10 1.89
CA SER B 375 -17.95 -1.97 2.88
C SER B 375 -18.45 -1.19 4.10
N THR B 376 -19.61 -1.56 4.62
CA THR B 376 -20.12 -0.87 5.81
C THR B 376 -19.37 -1.29 7.07
N ASN B 377 -19.03 -2.58 7.17
CA ASN B 377 -18.38 -3.09 8.38
C ASN B 377 -17.04 -2.39 8.61
N GLU B 378 -16.28 -2.17 7.54
CA GLU B 378 -14.99 -1.50 7.69
C GLU B 378 -15.17 -0.06 8.17
N PHE B 379 -16.19 0.63 7.68
CA PHE B 379 -16.46 1.99 8.17
C PHE B 379 -16.81 1.96 9.65
N LEU B 380 -17.63 1.01 10.07
CA LEU B 380 -17.97 0.90 11.49
C LEU B 380 -16.72 0.64 12.33
N LEU B 381 -15.86 -0.26 11.85
CA LEU B 381 -14.62 -0.57 12.56
C LEU B 381 -13.73 0.66 12.68
N LEU B 382 -13.58 1.41 11.59
CA LEU B 382 -12.75 2.61 11.62
C LEU B 382 -13.31 3.63 12.60
N ILE B 383 -14.63 3.83 12.61
CA ILE B 383 -15.23 4.79 13.52
C ILE B 383 -14.99 4.38 14.96
N ILE B 384 -15.15 3.10 15.27
CA ILE B 384 -14.95 2.64 16.64
C ILE B 384 -13.49 2.84 17.07
N PHE B 385 -12.55 2.49 16.19
CA PHE B 385 -11.14 2.68 16.51
C PHE B 385 -10.84 4.15 16.79
N LEU B 386 -11.33 5.04 15.93
CA LEU B 386 -11.07 6.45 16.12
C LEU B 386 -11.67 6.96 17.42
N ALA B 387 -12.89 6.52 17.75
CA ALA B 387 -13.51 6.99 18.98
C ALA B 387 -12.70 6.57 20.19
N LEU B 388 -12.27 5.31 20.25
CA LEU B 388 -11.48 4.86 21.38
C LEU B 388 -10.18 5.63 21.50
N GLY B 389 -9.47 5.77 20.38
CA GLY B 389 -8.20 6.48 20.42
C GLY B 389 -8.36 7.93 20.86
N VAL B 390 -9.36 8.62 20.31
CA VAL B 390 -9.58 10.02 20.65
C VAL B 390 -9.88 10.17 22.14
N LEU B 391 -10.75 9.31 22.67
CA LEU B 391 -11.09 9.42 24.08
C LEU B 391 -9.86 9.21 24.96
N ILE B 392 -9.12 8.14 24.71
CA ILE B 392 -7.99 7.82 25.57
C ILE B 392 -6.93 8.92 25.52
N PHE B 393 -6.59 9.36 24.30
CA PHE B 393 -5.51 10.34 24.20
C PHE B 393 -5.94 11.71 24.69
N ALA B 394 -7.21 12.07 24.54
CA ALA B 394 -7.67 13.33 25.12
C ALA B 394 -7.54 13.31 26.63
N THR B 395 -7.93 12.20 27.27
CA THR B 395 -7.77 12.11 28.72
C THR B 395 -6.31 12.23 29.12
N MET B 396 -5.44 11.48 28.44
CA MET B 396 -4.02 11.49 28.81
C MET B 396 -3.41 12.87 28.62
N ILE B 397 -3.72 13.54 27.51
CA ILE B 397 -3.11 14.85 27.27
C ILE B 397 -3.66 15.89 28.23
N TYR B 398 -4.92 15.75 28.66
CA TYR B 398 -5.42 16.66 29.68
C TYR B 398 -4.66 16.49 30.99
N TYR B 399 -4.45 15.24 31.40
CA TYR B 399 -3.81 15.02 32.69
C TYR B 399 -2.30 15.28 32.64
N ALA B 400 -1.68 15.20 31.48
CA ALA B 400 -0.24 15.42 31.39
C ALA B 400 0.13 16.89 31.47
N GLU B 401 -0.71 17.78 30.94
CA GLU B 401 -0.40 19.20 30.90
C GLU B 401 -0.55 19.88 32.25
N ARG B 402 -1.14 19.22 33.24
CA ARG B 402 -1.31 19.84 34.54
C ARG B 402 -0.07 19.73 35.42
N ILE B 403 0.96 19.02 34.97
CA ILE B 403 2.20 18.97 35.73
C ILE B 403 2.82 20.35 35.81
N GLY B 404 2.86 21.08 34.69
CA GLY B 404 3.47 22.39 34.67
C GLY B 404 2.56 23.49 35.15
N ALA B 405 1.60 23.15 35.99
CA ALA B 405 0.69 24.15 36.53
C ALA B 405 1.45 25.13 37.41
N GLN B 406 1.21 26.41 37.17
CA GLN B 406 1.88 27.44 37.95
C GLN B 406 1.20 27.59 39.30
N PRO B 407 1.95 27.61 40.41
CA PRO B 407 1.36 27.71 41.75
C PRO B 407 0.92 29.13 42.11
N ASN B 408 0.22 29.79 41.19
CA ASN B 408 -0.24 31.16 41.41
C ASN B 408 -1.70 31.39 41.04
N ASP B 409 -2.30 30.55 40.20
CA ASP B 409 -3.67 30.77 39.77
C ASP B 409 -4.60 29.69 40.32
N PRO B 410 -5.82 30.06 40.69
CA PRO B 410 -6.77 29.04 41.15
C PRO B 410 -7.07 27.99 40.09
N SER B 411 -7.13 28.39 38.83
CA SER B 411 -7.36 27.46 37.74
C SER B 411 -6.02 27.11 37.09
N ALA B 412 -5.67 25.84 37.11
CA ALA B 412 -4.38 25.41 36.57
C ALA B 412 -4.30 25.54 35.06
N SER B 413 -5.41 25.80 34.38
CA SER B 413 -5.44 25.87 32.93
C SER B 413 -5.32 27.33 32.50
N GLU B 414 -4.10 27.85 32.55
CA GLU B 414 -3.83 29.20 32.07
C GLU B 414 -2.62 29.18 31.15
N HIS B 415 -1.74 28.21 31.34
CA HIS B 415 -0.52 28.08 30.56
C HIS B 415 -0.67 27.09 29.41
N THR B 416 -1.85 26.52 29.20
CA THR B 416 -2.04 25.44 28.25
C THR B 416 -3.25 25.71 27.37
N HIS B 417 -3.26 25.08 26.20
CA HIS B 417 -4.42 25.09 25.34
C HIS B 417 -5.47 24.09 25.79
N PHE B 418 -5.10 23.13 26.64
CA PHE B 418 -5.98 22.03 27.03
C PHE B 418 -6.66 22.39 28.34
N LYS B 419 -7.72 23.19 28.21
CA LYS B 419 -8.47 23.60 29.39
C LYS B 419 -9.28 22.44 29.98
N ASN B 420 -9.66 21.48 29.16
CA ASN B 420 -10.46 20.35 29.61
C ASN B 420 -10.31 19.22 28.60
N ILE B 421 -11.11 18.17 28.78
CA ILE B 421 -11.05 16.97 27.94
C ILE B 421 -11.81 17.16 26.62
N PRO B 422 -13.06 17.67 26.63
CA PRO B 422 -13.77 17.80 25.36
C PRO B 422 -13.03 18.64 24.35
N ILE B 423 -12.36 19.71 24.77
CA ILE B 423 -11.54 20.45 23.82
C ILE B 423 -10.34 19.64 23.37
N GLY B 424 -9.93 18.65 24.16
CA GLY B 424 -8.86 17.77 23.74
C GLY B 424 -9.28 16.76 22.70
N PHE B 425 -10.58 16.48 22.59
CA PHE B 425 -11.07 15.63 21.51
C PHE B 425 -10.64 16.16 20.15
N TRP B 426 -10.79 17.48 19.95
CA TRP B 426 -10.45 18.09 18.67
C TRP B 426 -8.96 17.95 18.37
N TRP B 427 -8.11 18.20 19.37
CA TRP B 427 -6.68 18.04 19.15
C TRP B 427 -6.33 16.60 18.82
N ALA B 428 -6.96 15.64 19.50
CA ALA B 428 -6.69 14.24 19.22
C ALA B 428 -7.07 13.89 17.79
N VAL B 429 -8.24 14.35 17.35
CA VAL B 429 -8.67 14.05 15.98
C VAL B 429 -7.70 14.64 14.97
N VAL B 430 -7.30 15.90 15.19
CA VAL B 430 -6.40 16.56 14.25
C VAL B 430 -5.06 15.86 14.22
N THR B 431 -4.55 15.45 15.38
CA THR B 431 -3.21 14.87 15.45
C THR B 431 -3.16 13.44 14.95
N MET B 432 -4.23 12.65 15.14
CA MET B 432 -4.18 11.25 14.76
C MET B 432 -4.19 11.04 13.26
N THR B 433 -4.58 12.04 12.47
CA THR B 433 -4.61 11.92 11.03
C THR B 433 -3.44 12.61 10.35
N THR B 434 -2.42 13.01 11.12
CA THR B 434 -1.25 13.71 10.61
C THR B 434 -1.65 15.00 9.89
N LEU B 435 -2.73 15.62 10.33
CA LEU B 435 -3.14 16.90 9.75
C LEU B 435 -2.36 18.05 10.37
N GLY B 436 -2.53 18.27 11.67
CA GLY B 436 -1.69 19.22 12.37
C GLY B 436 -1.91 20.66 11.97
N TYR B 437 -3.07 21.22 12.29
CA TYR B 437 -3.30 22.64 12.06
C TYR B 437 -2.30 23.49 12.83
N GLY B 438 -2.10 23.16 14.10
CA GLY B 438 -1.22 23.92 14.95
C GLY B 438 -1.88 24.93 15.84
N ASP B 439 -3.22 24.99 15.86
CA ASP B 439 -3.88 25.94 16.73
C ASP B 439 -3.76 25.56 18.19
N MET B 440 -3.62 24.25 18.48
CA MET B 440 -3.37 23.80 19.84
C MET B 440 -2.39 22.65 19.81
N TYR B 441 -1.32 22.77 20.59
CA TYR B 441 -0.25 21.79 20.65
C TYR B 441 0.28 21.74 22.08
N PRO B 442 0.86 20.61 22.48
CA PRO B 442 1.43 20.51 23.83
C PRO B 442 2.60 21.45 24.03
N GLN B 443 2.76 21.92 25.26
CA GLN B 443 3.82 22.85 25.62
C GLN B 443 4.59 22.42 26.86
N THR B 444 4.45 21.17 27.30
CA THR B 444 5.12 20.67 28.48
C THR B 444 5.87 19.40 28.10
N TRP B 445 7.00 19.16 28.77
CA TRP B 445 7.82 18.01 28.43
C TRP B 445 7.04 16.71 28.56
N SER B 446 6.08 16.65 29.49
CA SER B 446 5.26 15.47 29.64
C SER B 446 4.21 15.35 28.54
N GLY B 447 3.72 16.48 28.03
CA GLY B 447 2.74 16.43 26.97
C GLY B 447 3.30 16.06 25.61
N MET B 448 4.59 16.31 25.38
CA MET B 448 5.18 16.00 24.09
C MET B 448 5.29 14.49 23.87
N LEU B 449 5.59 13.74 24.93
CA LEU B 449 5.60 12.28 24.82
C LEU B 449 4.23 11.75 24.44
N VAL B 450 3.18 12.28 25.06
CA VAL B 450 1.82 11.87 24.72
C VAL B 450 1.49 12.27 23.29
N GLY B 451 1.98 13.42 22.85
CA GLY B 451 1.76 13.81 21.46
C GLY B 451 2.39 12.86 20.47
N ALA B 452 3.63 12.44 20.75
CA ALA B 452 4.29 11.48 19.87
C ALA B 452 3.54 10.16 19.83
N LEU B 453 3.14 9.67 21.00
CA LEU B 453 2.36 8.44 21.05
C LEU B 453 1.07 8.57 20.28
N CYS B 454 0.40 9.73 20.40
CA CYS B 454 -0.85 9.95 19.69
C CYS B 454 -0.64 9.91 18.19
N ALA B 455 0.43 10.55 17.70
CA ALA B 455 0.69 10.54 16.27
C ALA B 455 0.89 9.13 15.75
N LEU B 456 1.74 8.35 16.44
CA LEU B 456 2.02 6.99 15.97
C LEU B 456 0.77 6.12 16.02
N ALA B 457 0.02 6.19 17.12
CA ALA B 457 -1.18 5.37 17.25
C ALA B 457 -2.21 5.75 16.20
N GLY B 458 -2.33 7.04 15.90
CA GLY B 458 -3.25 7.46 14.86
C GLY B 458 -2.86 6.90 13.51
N VAL B 459 -1.58 6.94 13.17
CA VAL B 459 -1.14 6.39 11.90
C VAL B 459 -1.51 4.92 11.81
N LEU B 460 -1.22 4.16 12.86
CA LEU B 460 -1.52 2.72 12.81
C LEU B 460 -3.01 2.45 12.72
N THR B 461 -3.81 3.10 13.56
CA THR B 461 -5.23 2.81 13.61
C THR B 461 -5.97 3.32 12.38
N ILE B 462 -5.38 4.26 11.64
CA ILE B 462 -5.98 4.61 10.35
C ILE B 462 -5.54 3.62 9.28
N ALA B 463 -4.27 3.20 9.31
CA ALA B 463 -3.78 2.29 8.30
C ALA B 463 -4.34 0.88 8.43
N MET B 464 -5.05 0.57 9.52
CA MET B 464 -5.60 -0.79 9.64
C MET B 464 -6.64 -1.12 8.57
N PRO B 465 -7.85 -0.48 8.52
CA PRO B 465 -8.91 -0.98 7.63
C PRO B 465 -8.98 -0.34 6.25
N VAL B 466 -8.30 0.81 6.10
CA VAL B 466 -8.29 1.50 4.81
C VAL B 466 -7.75 0.61 3.70
N PRO B 467 -6.70 -0.20 3.91
CA PRO B 467 -6.30 -1.13 2.83
C PRO B 467 -7.39 -2.09 2.43
N VAL B 468 -8.21 -2.57 3.37
CA VAL B 468 -9.32 -3.45 3.01
C VAL B 468 -10.29 -2.72 2.09
N ILE B 469 -10.66 -1.49 2.47
CA ILE B 469 -11.60 -0.73 1.66
C ILE B 469 -11.03 -0.46 0.28
N VAL B 470 -9.75 -0.09 0.22
CA VAL B 470 -9.11 0.24 -1.04
C VAL B 470 -9.03 -0.99 -1.94
N ASN B 471 -8.72 -2.15 -1.36
CA ASN B 471 -8.67 -3.37 -2.15
C ASN B 471 -10.02 -3.71 -2.73
N ASN B 472 -11.09 -3.55 -1.95
CA ASN B 472 -12.43 -3.77 -2.48
C ASN B 472 -12.70 -2.84 -3.65
N PHE B 473 -12.38 -1.56 -3.51
CA PHE B 473 -12.64 -0.62 -4.60
C PHE B 473 -11.84 -1.01 -5.84
N GLY B 474 -10.58 -1.39 -5.65
CA GLY B 474 -9.75 -1.74 -6.80
C GLY B 474 -10.30 -2.93 -7.55
N MET B 475 -10.71 -3.97 -6.82
CA MET B 475 -11.28 -5.14 -7.48
C MET B 475 -12.54 -4.79 -8.25
N TYR B 476 -13.45 -4.03 -7.60
CA TYR B 476 -14.68 -3.64 -8.28
C TYR B 476 -14.39 -2.82 -9.53
N TYR B 477 -13.47 -1.86 -9.43
CA TYR B 477 -13.16 -1.00 -10.56
C TYR B 477 -12.56 -1.78 -11.71
N SER B 478 -11.64 -2.71 -11.41
CA SER B 478 -11.05 -3.52 -12.47
C SER B 478 -12.12 -4.35 -13.17
N LEU B 479 -13.00 -4.98 -12.39
CA LEU B 479 -14.03 -5.80 -13.01
C LEU B 479 -14.97 -4.96 -13.87
N ALA B 480 -15.35 -3.77 -13.38
CA ALA B 480 -16.27 -2.94 -14.14
C ALA B 480 -15.61 -2.39 -15.41
N MET B 481 -14.33 -2.04 -15.33
CA MET B 481 -13.64 -1.51 -16.48
C MET B 481 -13.34 -2.59 -17.52
N ALA B 482 -13.27 -3.85 -17.11
CA ALA B 482 -13.10 -4.93 -18.08
C ALA B 482 -14.29 -5.02 -19.02
N LYS B 483 -15.47 -4.61 -18.57
CA LYS B 483 -16.66 -4.70 -19.41
C LYS B 483 -16.57 -3.77 -20.61
N GLN B 484 -15.92 -2.62 -20.47
CA GLN B 484 -15.81 -1.68 -21.57
C GLN B 484 -15.01 -2.25 -22.72
N LYS B 485 -13.94 -2.98 -22.42
CA LYS B 485 -13.09 -3.53 -23.48
C LYS B 485 -13.85 -4.58 -24.30
N LEU B 486 -14.67 -5.39 -23.65
CA LEU B 486 -15.39 -6.46 -24.34
C LEU B 486 -16.88 -6.14 -24.33
N PRO B 487 -17.42 -5.54 -25.40
CA PRO B 487 -18.85 -5.18 -25.41
C PRO B 487 -19.77 -6.39 -25.26
N LYS B 488 -19.69 -7.33 -26.21
CA LYS B 488 -20.53 -8.51 -26.24
C LYS B 488 -20.09 -9.38 -27.42
N LYS B 489 -20.50 -10.64 -27.39
CA LYS B 489 -20.19 -11.60 -28.44
C LYS B 489 -21.49 -12.19 -28.98
N LYS B 490 -21.35 -13.22 -29.83
CA LYS B 490 -22.48 -13.79 -30.53
C LYS B 490 -22.78 -15.23 -30.11
N LYS B 491 -22.25 -15.66 -28.96
CA LYS B 491 -22.51 -16.99 -28.41
C LYS B 491 -22.11 -18.09 -29.42
N LYS B 492 -20.80 -18.13 -29.68
CA LYS B 492 -20.28 -19.07 -30.67
C LYS B 492 -20.56 -20.51 -30.28
N HIS B 493 -20.37 -20.85 -29.00
CA HIS B 493 -20.48 -22.23 -28.55
C HIS B 493 -21.95 -22.65 -28.56
N ILE B 494 -22.35 -23.37 -29.60
CA ILE B 494 -23.72 -23.87 -29.69
C ILE B 494 -23.86 -25.11 -28.80
N PRO B 495 -24.77 -25.11 -27.84
CA PRO B 495 -24.91 -26.26 -26.95
C PRO B 495 -25.50 -27.48 -27.64
N ARG B 496 -25.73 -28.54 -26.88
CA ARG B 496 -26.31 -29.79 -27.38
C ARG B 496 -25.44 -30.37 -28.49
N PRO B 497 -24.28 -30.93 -28.16
CA PRO B 497 -23.35 -31.50 -29.15
C PRO B 497 -23.97 -32.66 -29.91
N SER C 41 14.96 -55.60 -11.59
CA SER C 41 16.17 -55.28 -10.82
C SER C 41 16.51 -53.80 -10.93
N GLU C 42 16.68 -53.16 -9.77
CA GLU C 42 17.04 -51.75 -9.65
C GLU C 42 16.02 -50.81 -10.28
N ARG C 43 14.84 -51.33 -10.65
CA ARG C 43 13.79 -50.51 -11.24
C ARG C 43 12.47 -50.88 -10.57
N ILE C 44 11.77 -49.88 -10.07
CA ILE C 44 10.50 -50.08 -9.40
C ILE C 44 9.47 -49.10 -9.96
N VAL C 45 8.21 -49.50 -9.91
CA VAL C 45 7.10 -48.69 -10.40
C VAL C 45 6.11 -48.49 -9.27
N ILE C 46 5.67 -47.25 -9.06
CA ILE C 46 4.74 -46.90 -8.00
C ILE C 46 3.44 -46.42 -8.64
N ASN C 47 2.33 -46.99 -8.21
CA ASN C 47 1.00 -46.63 -8.72
C ASN C 47 0.30 -45.81 -7.65
N VAL C 48 0.18 -44.51 -7.89
CA VAL C 48 -0.49 -43.62 -6.94
C VAL C 48 -1.79 -43.14 -7.53
N GLY C 49 -2.88 -43.82 -7.21
CA GLY C 49 -4.19 -43.43 -7.72
C GLY C 49 -4.32 -43.50 -9.22
N GLY C 50 -3.77 -44.55 -9.84
CA GLY C 50 -3.88 -44.74 -11.27
C GLY C 50 -2.78 -44.08 -12.09
N THR C 51 -1.90 -43.31 -11.46
CA THR C 51 -0.81 -42.65 -12.16
C THR C 51 0.49 -43.41 -11.90
N ARG C 52 1.13 -43.86 -12.97
CA ARG C 52 2.38 -44.61 -12.84
C ARG C 52 3.52 -43.67 -12.49
N HIS C 53 4.33 -44.07 -11.51
CA HIS C 53 5.56 -43.38 -11.16
C HIS C 53 6.69 -44.40 -11.14
N GLN C 54 7.78 -44.08 -11.82
CA GLN C 54 8.87 -45.02 -12.05
C GLN C 54 10.18 -44.41 -11.59
N THR C 55 10.96 -45.16 -10.81
CA THR C 55 12.23 -44.67 -10.33
C THR C 55 13.11 -45.86 -9.96
N TYR C 56 14.40 -45.60 -9.82
CA TYR C 56 15.34 -46.63 -9.40
C TYR C 56 15.19 -46.96 -7.92
N ARG C 57 15.50 -48.20 -7.57
CA ARG C 57 15.43 -48.61 -6.17
C ARG C 57 16.42 -47.84 -5.30
N SER C 58 17.58 -47.48 -5.87
CA SER C 58 18.59 -46.78 -5.09
C SER C 58 18.09 -45.42 -4.62
N THR C 59 17.35 -44.71 -5.48
CA THR C 59 16.84 -43.40 -5.11
C THR C 59 15.87 -43.48 -3.94
N LEU C 60 15.02 -44.51 -3.90
CA LEU C 60 14.08 -44.67 -2.81
C LEU C 60 14.78 -45.00 -1.49
N ARG C 61 16.02 -45.47 -1.54
CA ARG C 61 16.72 -45.90 -0.35
C ARG C 61 17.50 -44.79 0.33
N THR C 62 17.41 -43.56 -0.18
CA THR C 62 18.18 -42.46 0.39
C THR C 62 17.75 -42.15 1.82
N LEU C 63 16.44 -42.01 2.04
CA LEU C 63 15.93 -41.63 3.34
C LEU C 63 15.49 -42.86 4.11
N PRO C 64 16.17 -43.23 5.18
CA PRO C 64 15.75 -44.40 5.97
C PRO C 64 14.57 -44.08 6.87
N GLY C 65 13.89 -45.13 7.31
CA GLY C 65 12.80 -44.99 8.26
C GLY C 65 11.48 -44.63 7.61
N THR C 66 11.53 -43.89 6.51
CA THR C 66 10.31 -43.45 5.84
C THR C 66 9.62 -44.63 5.17
N ARG C 67 8.36 -44.42 4.79
CA ARG C 67 7.57 -45.49 4.18
C ARG C 67 8.20 -45.96 2.88
N LEU C 68 8.76 -45.04 2.10
CA LEU C 68 9.44 -45.43 0.86
C LEU C 68 10.65 -46.31 1.13
N ALA C 69 11.36 -46.06 2.23
CA ALA C 69 12.46 -46.93 2.61
C ALA C 69 11.96 -48.35 2.87
N TRP C 70 10.83 -48.48 3.56
CA TRP C 70 10.20 -49.79 3.71
C TRP C 70 9.84 -50.38 2.35
N LEU C 71 9.39 -49.53 1.43
CA LEU C 71 9.02 -50.02 0.10
C LEU C 71 10.24 -50.50 -0.68
N ALA C 72 11.39 -49.87 -0.48
CA ALA C 72 12.60 -50.31 -1.15
C ALA C 72 13.09 -51.65 -0.64
N GLU C 73 12.63 -52.08 0.53
CA GLU C 73 13.03 -53.37 1.07
C GLU C 73 12.54 -54.49 0.17
N PRO C 74 13.39 -55.47 -0.15
CA PRO C 74 12.94 -56.55 -1.05
C PRO C 74 11.76 -57.35 -0.51
N ASP C 75 11.70 -57.57 0.79
CA ASP C 75 10.61 -58.33 1.40
C ASP C 75 9.53 -57.40 1.94
N ALA C 76 8.91 -56.66 1.03
CA ALA C 76 7.82 -55.75 1.35
C ALA C 76 6.50 -56.15 0.71
N HIS C 77 6.47 -57.28 0.00
CA HIS C 77 5.23 -57.71 -0.66
C HIS C 77 4.13 -58.00 0.36
N SER C 78 4.49 -58.65 1.46
CA SER C 78 3.52 -58.91 2.52
C SER C 78 3.14 -57.66 3.30
N HIS C 79 3.88 -56.57 3.14
CA HIS C 79 3.61 -55.33 3.87
C HIS C 79 2.64 -54.44 3.12
N PHE C 80 2.95 -54.10 1.87
CA PHE C 80 2.13 -53.21 1.07
C PHE C 80 1.33 -54.00 0.04
N ASP C 81 0.30 -53.34 -0.50
CA ASP C 81 -0.49 -53.97 -1.55
C ASP C 81 0.34 -54.08 -2.82
N TYR C 82 0.34 -55.27 -3.42
CA TYR C 82 1.18 -55.54 -4.57
C TYR C 82 0.57 -56.68 -5.38
N ASP C 83 0.57 -56.54 -6.70
CA ASP C 83 0.06 -57.56 -7.58
C ASP C 83 1.17 -58.05 -8.50
N PRO C 84 1.45 -59.36 -8.53
CA PRO C 84 2.51 -59.85 -9.43
C PRO C 84 2.18 -59.70 -10.90
N ARG C 85 0.91 -59.53 -11.26
CA ARG C 85 0.55 -59.40 -12.67
C ARG C 85 1.15 -58.14 -13.28
N ALA C 86 1.09 -57.03 -12.55
CA ALA C 86 1.64 -55.77 -13.02
C ALA C 86 2.95 -55.38 -12.34
N ASP C 87 3.30 -56.04 -11.23
CA ASP C 87 4.55 -55.79 -10.51
C ASP C 87 4.67 -54.32 -10.09
N GLU C 88 3.55 -53.73 -9.69
CA GLU C 88 3.51 -52.36 -9.24
C GLU C 88 2.79 -52.28 -7.90
N PHE C 89 3.33 -51.47 -6.99
CA PHE C 89 2.69 -51.25 -5.71
C PHE C 89 1.58 -50.22 -5.85
N PHE C 90 0.46 -50.48 -5.19
CA PHE C 90 -0.73 -49.65 -5.30
C PHE C 90 -0.93 -48.82 -4.05
N PHE C 91 -1.32 -47.57 -4.24
CA PHE C 91 -1.66 -46.67 -3.15
C PHE C 91 -2.96 -45.95 -3.50
N ASP C 92 -3.48 -45.20 -2.53
CA ASP C 92 -4.69 -44.41 -2.72
C ASP C 92 -4.39 -43.01 -2.17
N ARG C 93 -3.83 -42.15 -3.02
CA ARG C 93 -3.44 -40.81 -2.62
C ARG C 93 -3.51 -39.89 -3.83
N HIS C 94 -3.32 -38.61 -3.58
CA HIS C 94 -3.37 -37.63 -4.65
C HIS C 94 -2.19 -37.81 -5.59
N PRO C 95 -2.40 -38.04 -6.88
CA PRO C 95 -1.26 -38.29 -7.78
C PRO C 95 -0.52 -37.04 -8.19
N GLY C 96 -1.15 -35.87 -8.16
CA GLY C 96 -0.49 -34.65 -8.57
C GLY C 96 0.47 -34.06 -7.56
N VAL C 97 0.40 -34.50 -6.31
CA VAL C 97 1.27 -33.97 -5.27
C VAL C 97 2.35 -34.95 -4.85
N PHE C 98 2.24 -36.23 -5.22
CA PHE C 98 3.28 -37.20 -4.93
C PHE C 98 4.56 -36.90 -5.71
N ALA C 99 4.46 -36.16 -6.81
CA ALA C 99 5.64 -35.87 -7.62
C ALA C 99 6.67 -35.07 -6.85
N HIS C 100 6.23 -34.07 -6.08
CA HIS C 100 7.18 -33.26 -5.32
C HIS C 100 7.83 -34.07 -4.21
N ILE C 101 7.05 -34.94 -3.55
CA ILE C 101 7.62 -35.78 -2.50
C ILE C 101 8.67 -36.71 -3.08
N LEU C 102 8.40 -37.31 -4.24
CA LEU C 102 9.40 -38.16 -4.87
C LEU C 102 10.61 -37.35 -5.33
N ASN C 103 10.38 -36.13 -5.82
CA ASN C 103 11.48 -35.27 -6.24
C ASN C 103 12.39 -34.92 -5.08
N TYR C 104 11.84 -34.86 -3.86
CA TYR C 104 12.68 -34.68 -2.69
C TYR C 104 13.70 -35.80 -2.57
N TYR C 105 13.27 -37.04 -2.80
CA TYR C 105 14.22 -38.15 -2.85
C TYR C 105 15.19 -38.00 -4.02
N ARG C 106 14.68 -37.60 -5.18
CA ARG C 106 15.50 -37.57 -6.39
C ARG C 106 16.64 -36.55 -6.29
N THR C 107 16.35 -35.36 -5.77
CA THR C 107 17.35 -34.29 -5.72
C THR C 107 17.97 -34.11 -4.34
N GLY C 108 17.14 -33.96 -3.31
CA GLY C 108 17.65 -33.74 -1.97
C GLY C 108 17.02 -32.54 -1.31
N LYS C 109 16.38 -31.69 -2.11
CA LYS C 109 15.68 -30.52 -1.62
C LYS C 109 14.19 -30.78 -1.57
N LEU C 110 13.52 -30.21 -0.57
CA LEU C 110 12.09 -30.36 -0.39
C LEU C 110 11.42 -29.01 -0.63
N HIS C 111 10.44 -28.99 -1.53
CA HIS C 111 9.69 -27.79 -1.84
C HIS C 111 8.21 -28.11 -1.79
N CYS C 112 7.39 -27.06 -1.70
CA CYS C 112 5.96 -27.23 -1.69
C CYS C 112 5.35 -26.69 -2.98
N PRO C 113 4.51 -27.46 -3.65
CA PRO C 113 3.87 -26.94 -4.87
C PRO C 113 2.98 -25.74 -4.57
N ALA C 114 2.90 -24.83 -5.52
CA ALA C 114 2.11 -23.62 -5.37
C ALA C 114 0.69 -23.76 -5.90
N ASP C 115 0.32 -24.92 -6.42
CA ASP C 115 -1.01 -25.15 -6.97
C ASP C 115 -1.97 -25.77 -5.97
N VAL C 116 -1.54 -26.03 -4.74
CA VAL C 116 -2.39 -26.60 -3.72
C VAL C 116 -2.23 -25.81 -2.43
N CYS C 117 -3.23 -25.92 -1.56
CA CYS C 117 -3.19 -25.23 -0.28
C CYS C 117 -2.12 -25.83 0.63
N GLY C 118 -1.73 -25.04 1.62
CA GLY C 118 -0.75 -25.47 2.60
C GLY C 118 -1.16 -26.70 3.38
N PRO C 119 -2.35 -26.67 3.99
CA PRO C 119 -2.78 -27.84 4.77
C PRO C 119 -2.85 -29.14 3.97
N LEU C 120 -3.24 -29.08 2.70
CA LEU C 120 -3.29 -30.30 1.90
C LEU C 120 -1.92 -30.92 1.74
N TYR C 121 -0.92 -30.10 1.37
CA TYR C 121 0.43 -30.61 1.24
C TYR C 121 0.98 -31.08 2.58
N GLU C 122 0.64 -30.37 3.65
CA GLU C 122 1.11 -30.78 4.98
C GLU C 122 0.58 -32.16 5.34
N GLU C 123 -0.72 -32.39 5.12
CA GLU C 123 -1.29 -33.70 5.40
C GLU C 123 -0.66 -34.77 4.52
N GLU C 124 -0.46 -34.46 3.24
CA GLU C 124 0.11 -35.45 2.33
C GLU C 124 1.51 -35.85 2.74
N LEU C 125 2.35 -34.87 3.11
CA LEU C 125 3.70 -35.23 3.55
C LEU C 125 3.69 -35.90 4.91
N ALA C 126 2.69 -35.59 5.75
CA ALA C 126 2.56 -36.28 7.03
C ALA C 126 2.26 -37.75 6.81
N PHE C 127 1.41 -38.07 5.84
CA PHE C 127 1.08 -39.47 5.58
C PHE C 127 2.31 -40.27 5.16
N TRP C 128 3.13 -39.71 4.29
CA TRP C 128 4.30 -40.43 3.79
C TRP C 128 5.44 -40.50 4.78
N GLY C 129 5.35 -39.80 5.91
CA GLY C 129 6.38 -39.86 6.92
C GLY C 129 7.50 -38.87 6.77
N ILE C 130 7.31 -37.80 6.00
CA ILE C 130 8.32 -36.77 5.83
C ILE C 130 8.10 -35.69 6.87
N ASP C 131 9.15 -35.37 7.62
CA ASP C 131 9.06 -34.29 8.61
C ASP C 131 8.92 -32.95 7.89
N GLU C 132 7.93 -32.17 8.31
CA GLU C 132 7.60 -30.93 7.62
C GLU C 132 8.63 -29.83 7.85
N THR C 133 9.54 -30.00 8.80
CA THR C 133 10.51 -28.97 9.13
C THR C 133 11.74 -29.01 8.23
N ASP C 134 11.68 -29.72 7.11
CA ASP C 134 12.81 -29.82 6.20
C ASP C 134 12.60 -29.06 4.89
N VAL C 135 11.49 -28.34 4.75
CA VAL C 135 11.28 -27.58 3.52
C VAL C 135 12.23 -26.40 3.47
N GLU C 136 12.62 -26.02 2.26
CA GLU C 136 13.59 -24.96 2.10
C GLU C 136 12.99 -23.60 2.47
N PRO C 137 13.81 -22.63 2.87
CA PRO C 137 13.29 -21.30 3.17
C PRO C 137 12.67 -20.60 1.98
N CYS C 138 12.98 -21.04 0.76
CA CYS C 138 12.41 -20.41 -0.43
C CYS C 138 10.90 -20.54 -0.46
N CYS C 139 10.36 -21.58 0.16
CA CYS C 139 8.92 -21.83 0.15
C CYS C 139 8.43 -22.24 1.53
N TRP C 140 8.92 -21.56 2.57
CA TRP C 140 8.52 -21.86 3.94
C TRP C 140 7.44 -20.92 4.48
N MET C 141 7.54 -19.63 4.17
CA MET C 141 6.58 -18.67 4.71
C MET C 141 5.16 -18.96 4.23
N THR C 142 5.01 -19.27 2.94
CA THR C 142 3.67 -19.58 2.42
C THR C 142 3.15 -20.90 2.98
N TYR C 143 4.04 -21.86 3.25
CA TYR C 143 3.62 -23.14 3.79
C TYR C 143 3.06 -22.96 5.20
N ARG C 144 3.87 -22.46 6.12
CA ARG C 144 3.42 -22.19 7.49
C ARG C 144 2.86 -20.76 7.55
N GLN C 145 1.73 -20.58 6.88
CA GLN C 145 1.06 -19.29 6.83
C GLN C 145 -0.35 -19.35 7.39
N HIS C 146 -1.15 -20.32 6.96
CA HIS C 146 -2.50 -20.45 7.49
C HIS C 146 -2.53 -21.06 8.88
N ARG C 147 -1.59 -21.97 9.17
CA ARG C 147 -1.61 -22.66 10.46
C ARG C 147 -1.41 -21.70 11.61
N ASP C 148 -0.48 -20.75 11.48
CA ASP C 148 -0.23 -19.81 12.56
C ASP C 148 -1.45 -18.94 12.83
N ALA C 149 -2.11 -18.45 11.78
CA ALA C 149 -3.31 -17.66 11.97
C ALA C 149 -4.42 -18.49 12.60
N GLU C 150 -4.59 -19.73 12.16
CA GLU C 150 -5.65 -20.57 12.69
C GLU C 150 -5.44 -20.85 14.18
N GLU C 151 -4.19 -21.11 14.57
CA GLU C 151 -3.94 -21.38 15.99
C GLU C 151 -4.00 -20.10 16.81
N ALA C 152 -3.63 -18.96 16.24
CA ALA C 152 -3.69 -17.72 16.98
C ALA C 152 -5.12 -17.27 17.23
N LEU C 153 -6.01 -17.50 16.25
CA LEU C 153 -7.40 -17.12 16.44
C LEU C 153 -8.11 -17.96 17.49
N ASP C 154 -7.49 -19.06 17.94
CA ASP C 154 -8.06 -19.92 18.96
C ASP C 154 -7.13 -20.01 20.17
N SER C 155 -6.48 -18.90 20.50
CA SER C 155 -5.58 -18.84 21.65
C SER C 155 -5.94 -17.69 22.57
N ARG C 204 -27.24 -25.02 45.27
CA ARG C 204 -26.95 -24.18 44.11
C ARG C 204 -27.50 -24.78 42.84
N ARG C 205 -28.83 -24.73 42.68
CA ARG C 205 -29.49 -25.19 41.47
C ARG C 205 -29.74 -24.08 40.47
N TRP C 206 -29.33 -22.85 40.80
CA TRP C 206 -29.55 -21.70 39.94
C TRP C 206 -28.27 -21.02 39.47
N GLN C 207 -27.10 -21.46 39.94
CA GLN C 207 -25.86 -20.81 39.56
C GLN C 207 -25.65 -20.74 38.05
N PRO C 208 -25.91 -21.79 37.26
CA PRO C 208 -25.81 -21.62 35.81
C PRO C 208 -26.74 -20.56 35.26
N ARG C 209 -27.93 -20.41 35.85
CA ARG C 209 -28.87 -19.40 35.38
C ARG C 209 -28.34 -17.99 35.62
N ILE C 210 -27.86 -17.73 36.83
CA ILE C 210 -27.42 -16.38 37.19
C ILE C 210 -26.16 -16.01 36.42
N TRP C 211 -25.18 -16.91 36.38
CA TRP C 211 -23.89 -16.58 35.77
C TRP C 211 -24.02 -16.32 34.29
N ALA C 212 -24.82 -17.13 33.59
CA ALA C 212 -25.01 -16.91 32.16
C ALA C 212 -25.80 -15.64 31.87
N LEU C 213 -26.62 -15.18 32.82
CA LEU C 213 -27.41 -13.98 32.59
C LEU C 213 -26.54 -12.74 32.47
N PHE C 214 -25.44 -12.67 33.22
CA PHE C 214 -24.57 -11.50 33.20
C PHE C 214 -23.43 -11.63 32.20
N GLU C 215 -22.94 -12.85 31.94
CA GLU C 215 -21.75 -13.00 31.11
C GLU C 215 -22.07 -12.99 29.63
N ASP C 216 -22.85 -13.96 29.17
CA ASP C 216 -23.12 -14.07 27.74
C ASP C 216 -24.24 -13.10 27.36
N PRO C 217 -23.96 -12.11 26.50
CA PRO C 217 -25.03 -11.16 26.12
C PRO C 217 -26.21 -11.81 25.43
N TYR C 218 -25.97 -12.85 24.62
CA TYR C 218 -27.03 -13.43 23.81
C TYR C 218 -27.32 -14.88 24.16
N SER C 219 -26.97 -15.31 25.37
CA SER C 219 -27.38 -16.64 25.83
C SER C 219 -28.88 -16.73 26.06
N SER C 220 -29.57 -15.60 26.13
CA SER C 220 -31.01 -15.58 26.37
C SER C 220 -31.55 -14.26 25.83
N ARG C 221 -32.78 -13.92 26.22
CA ARG C 221 -33.38 -12.66 25.83
C ARG C 221 -33.11 -11.56 26.85
N TYR C 222 -33.13 -11.91 28.14
CA TYR C 222 -32.93 -10.92 29.19
C TYR C 222 -31.49 -10.42 29.25
N ALA C 223 -30.53 -11.30 28.93
CA ALA C 223 -29.13 -10.91 28.97
C ALA C 223 -28.85 -9.75 28.02
N ARG C 224 -29.54 -9.72 26.88
CA ARG C 224 -29.38 -8.60 25.95
C ARG C 224 -29.78 -7.29 26.61
N TYR C 225 -30.93 -7.29 27.29
CA TYR C 225 -31.40 -6.08 27.96
C TYR C 225 -30.46 -5.67 29.09
N VAL C 226 -29.94 -6.64 29.83
CA VAL C 226 -29.00 -6.32 30.90
C VAL C 226 -27.74 -5.67 30.33
N ALA C 227 -27.24 -6.22 29.22
CA ALA C 227 -26.06 -5.63 28.58
C ALA C 227 -26.35 -4.21 28.11
N PHE C 228 -27.53 -3.99 27.55
CA PHE C 228 -27.88 -2.64 27.09
C PHE C 228 -27.96 -1.67 28.26
N ALA C 229 -28.52 -2.10 29.39
CA ALA C 229 -28.58 -1.24 30.57
C ALA C 229 -27.18 -0.90 31.06
N SER C 230 -26.30 -1.89 31.09
CA SER C 230 -24.91 -1.62 31.49
C SER C 230 -24.26 -0.64 30.53
N LEU C 231 -24.52 -0.77 29.23
CA LEU C 231 -23.97 0.18 28.27
C LEU C 231 -24.46 1.60 28.55
N PHE C 232 -25.76 1.74 28.84
CA PHE C 232 -26.30 3.06 29.14
C PHE C 232 -25.61 3.67 30.35
N PHE C 233 -25.47 2.90 31.42
CA PHE C 233 -24.88 3.45 32.64
C PHE C 233 -23.40 3.78 32.43
N ILE C 234 -22.68 2.95 31.69
CA ILE C 234 -21.27 3.22 31.42
C ILE C 234 -21.13 4.53 30.66
N LEU C 235 -21.96 4.73 29.63
CA LEU C 235 -21.88 5.96 28.86
C LEU C 235 -22.22 7.17 29.71
N VAL C 236 -23.21 7.05 30.60
CA VAL C 236 -23.56 8.17 31.47
C VAL C 236 -22.39 8.52 32.38
N SER C 237 -21.75 7.50 32.97
CA SER C 237 -20.62 7.78 33.87
C SER C 237 -19.48 8.44 33.12
N ILE C 238 -19.18 7.97 31.91
CA ILE C 238 -18.09 8.58 31.14
C ILE C 238 -18.43 10.02 30.80
N THR C 239 -19.67 10.30 30.43
CA THR C 239 -20.06 11.66 30.11
C THR C 239 -19.92 12.58 31.32
N THR C 240 -20.34 12.10 32.49
CA THR C 240 -20.19 12.91 33.70
C THR C 240 -18.72 13.16 34.01
N PHE C 241 -17.89 12.13 33.86
CA PHE C 241 -16.46 12.29 34.12
C PHE C 241 -15.85 13.34 33.20
N CYS C 242 -16.25 13.34 31.93
CA CYS C 242 -15.74 14.35 31.01
C CYS C 242 -16.26 15.74 31.34
N LEU C 243 -17.51 15.83 31.80
CA LEU C 243 -18.09 17.14 32.11
C LEU C 243 -17.47 17.76 33.35
N GLU C 244 -17.03 16.94 34.31
CA GLU C 244 -16.54 17.50 35.57
C GLU C 244 -15.36 18.43 35.37
N THR C 245 -14.61 18.27 34.29
CA THR C 245 -13.41 19.07 34.06
C THR C 245 -13.69 20.39 33.37
N HIS C 246 -14.92 20.62 32.91
CA HIS C 246 -15.22 21.84 32.19
C HIS C 246 -15.35 23.02 33.14
N GLU C 247 -15.05 24.22 32.63
CA GLU C 247 -15.08 25.41 33.47
C GLU C 247 -16.49 25.89 33.77
N ARG C 248 -17.47 25.56 32.92
CA ARG C 248 -18.83 26.02 33.16
C ARG C 248 -19.41 25.40 34.42
N PHE C 249 -19.00 24.18 34.77
CA PHE C 249 -19.53 23.48 35.93
C PHE C 249 -18.62 23.60 37.15
N ASN C 250 -17.62 24.47 37.10
CA ASN C 250 -16.69 24.67 38.21
C ASN C 250 -16.64 26.14 38.56
N PRO C 251 -17.70 26.68 39.15
CA PRO C 251 -17.66 28.08 39.58
C PRO C 251 -16.70 28.27 40.74
N ILE C 252 -16.18 29.49 40.85
CA ILE C 252 -15.20 29.83 41.88
C ILE C 252 -15.92 30.52 43.02
N VAL C 253 -15.72 30.02 44.23
CA VAL C 253 -16.37 30.59 45.41
C VAL C 253 -15.35 30.85 46.52
N TYR C 269 -10.03 27.21 53.36
CA TYR C 269 -10.29 27.58 51.97
C TYR C 269 -10.94 28.95 51.90
N TYR C 270 -10.52 29.75 50.91
CA TYR C 270 -11.08 31.08 50.70
C TYR C 270 -11.85 31.17 49.40
N ARG C 271 -11.23 30.82 48.27
CA ARG C 271 -11.91 30.83 46.97
C ARG C 271 -12.00 29.43 46.38
N GLU C 272 -10.87 28.77 46.15
CA GLU C 272 -10.81 27.46 45.50
C GLU C 272 -11.76 27.37 44.31
N ALA C 273 -12.49 26.26 44.22
CA ALA C 273 -13.50 26.03 43.19
C ALA C 273 -14.26 24.78 43.57
N GLU C 274 -15.55 24.75 43.22
CA GLU C 274 -16.41 23.64 43.54
C GLU C 274 -17.14 23.17 42.31
N THR C 275 -17.40 21.87 42.24
CA THR C 275 -18.17 21.30 41.14
C THR C 275 -19.65 21.31 41.49
N GLU C 276 -20.49 21.29 40.45
CA GLU C 276 -21.93 21.30 40.67
C GLU C 276 -22.36 20.07 41.45
N ALA C 277 -23.37 20.25 42.30
CA ALA C 277 -23.78 19.17 43.19
C ALA C 277 -24.33 17.98 42.43
N PHE C 278 -25.19 18.23 41.43
CA PHE C 278 -25.84 17.12 40.74
C PHE C 278 -24.87 16.26 39.96
N LEU C 279 -23.70 16.79 39.63
CA LEU C 279 -22.66 15.99 38.98
C LEU C 279 -22.14 14.89 39.90
N THR C 280 -22.44 14.97 41.19
CA THR C 280 -22.18 13.87 42.11
C THR C 280 -23.38 12.95 42.27
N TYR C 281 -24.59 13.49 42.21
CA TYR C 281 -25.79 12.66 42.31
C TYR C 281 -25.93 11.71 41.12
N ILE C 282 -25.64 12.18 39.91
CA ILE C 282 -25.66 11.29 38.76
C ILE C 282 -24.66 10.16 38.93
N GLU C 283 -23.46 10.50 39.41
CA GLU C 283 -22.44 9.48 39.63
C GLU C 283 -22.89 8.49 40.69
N GLY C 284 -23.56 8.95 41.74
CA GLY C 284 -24.08 8.04 42.75
C GLY C 284 -25.13 7.10 42.19
N VAL C 285 -26.00 7.62 41.32
CA VAL C 285 -27.01 6.77 40.69
C VAL C 285 -26.36 5.69 39.84
N CYS C 286 -25.29 6.05 39.11
CA CYS C 286 -24.58 5.02 38.37
C CYS C 286 -23.89 4.03 39.31
N VAL C 287 -23.33 4.53 40.41
CA VAL C 287 -22.51 3.71 41.29
C VAL C 287 -23.36 2.66 42.00
N VAL C 288 -24.59 3.00 42.36
CA VAL C 288 -25.42 2.00 43.05
C VAL C 288 -25.68 0.81 42.14
N TRP C 289 -26.00 1.07 40.87
CA TRP C 289 -26.20 -0.03 39.93
C TRP C 289 -24.92 -0.82 39.73
N PHE C 290 -23.78 -0.13 39.58
CA PHE C 290 -22.54 -0.85 39.36
C PHE C 290 -22.20 -1.74 40.54
N THR C 291 -22.40 -1.23 41.75
CA THR C 291 -22.19 -2.04 42.95
C THR C 291 -23.11 -3.24 42.97
N PHE C 292 -24.38 -3.05 42.63
CA PHE C 292 -25.31 -4.18 42.60
C PHE C 292 -24.84 -5.25 41.64
N GLU C 293 -24.46 -4.85 40.42
CA GLU C 293 -24.02 -5.82 39.42
C GLU C 293 -22.78 -6.55 39.87
N PHE C 294 -21.77 -5.81 40.35
CA PHE C 294 -20.53 -6.44 40.76
C PHE C 294 -20.74 -7.41 41.92
N LEU C 295 -21.55 -7.01 42.90
CA LEU C 295 -21.83 -7.88 44.03
C LEU C 295 -22.59 -9.12 43.58
N MET C 296 -23.53 -8.96 42.64
CA MET C 296 -24.31 -10.10 42.17
C MET C 296 -23.42 -11.10 41.43
N ARG C 297 -22.52 -10.63 40.58
CA ARG C 297 -21.73 -11.57 39.79
C ARG C 297 -20.63 -12.23 40.60
N VAL C 298 -20.10 -11.56 41.63
CA VAL C 298 -19.01 -12.14 42.41
C VAL C 298 -19.49 -13.30 43.26
N ILE C 299 -20.80 -13.42 43.48
CA ILE C 299 -21.32 -14.53 44.27
C ILE C 299 -21.54 -15.76 43.41
N PHE C 300 -22.08 -15.58 42.22
CA PHE C 300 -22.46 -16.69 41.35
C PHE C 300 -21.41 -16.98 40.28
N CYS C 301 -20.14 -16.79 40.60
CA CYS C 301 -19.07 -17.08 39.66
C CYS C 301 -18.31 -18.33 40.12
N PRO C 302 -18.33 -19.41 39.36
CA PRO C 302 -17.49 -20.56 39.71
C PRO C 302 -16.02 -20.21 39.57
N ASN C 303 -15.18 -20.91 40.33
CA ASN C 303 -13.74 -20.71 40.33
C ASN C 303 -13.39 -19.26 40.73
N LYS C 304 -13.71 -18.96 41.99
CA LYS C 304 -13.57 -17.59 42.51
C LYS C 304 -12.17 -17.03 42.25
N VAL C 305 -11.13 -17.83 42.43
CA VAL C 305 -9.77 -17.34 42.23
C VAL C 305 -9.56 -16.94 40.78
N GLU C 306 -10.10 -17.73 39.85
CA GLU C 306 -10.01 -17.35 38.44
C GLU C 306 -10.76 -16.06 38.17
N PHE C 307 -11.91 -15.87 38.82
CA PHE C 307 -12.66 -14.64 38.68
C PHE C 307 -11.84 -13.45 39.16
N ILE C 308 -11.14 -13.61 40.29
CA ILE C 308 -10.31 -12.52 40.81
C ILE C 308 -9.14 -12.26 39.89
N LYS C 309 -8.57 -13.31 39.29
CA LYS C 309 -7.41 -13.13 38.43
C LYS C 309 -7.72 -12.33 37.17
N ASN C 310 -9.00 -12.23 36.79
CA ASN C 310 -9.35 -11.49 35.59
C ASN C 310 -9.10 -10.01 35.78
N SER C 311 -8.67 -9.34 34.71
CA SER C 311 -8.37 -7.92 34.78
C SER C 311 -9.62 -7.05 34.79
N LEU C 312 -10.68 -7.48 34.10
CA LEU C 312 -11.89 -6.68 34.03
C LEU C 312 -12.52 -6.53 35.41
N ASN C 313 -12.55 -7.60 36.20
CA ASN C 313 -13.16 -7.52 37.52
C ASN C 313 -12.40 -6.56 38.43
N ILE C 314 -11.07 -6.63 38.42
CA ILE C 314 -10.31 -5.72 39.26
C ILE C 314 -10.44 -4.29 38.76
N ILE C 315 -10.53 -4.09 37.45
CA ILE C 315 -10.77 -2.76 36.92
C ILE C 315 -12.09 -2.20 37.43
N ASP C 316 -13.14 -3.03 37.39
CA ASP C 316 -14.44 -2.58 37.87
C ASP C 316 -14.42 -2.25 39.35
N PHE C 317 -13.78 -3.11 40.15
CA PHE C 317 -13.70 -2.85 41.58
C PHE C 317 -12.94 -1.56 41.88
N VAL C 318 -11.82 -1.35 41.18
CA VAL C 318 -11.02 -0.14 41.37
C VAL C 318 -11.82 1.08 40.95
N ALA C 319 -12.65 0.96 39.92
CA ALA C 319 -13.48 2.08 39.52
C ALA C 319 -14.53 2.39 40.58
N ILE C 320 -15.13 1.35 41.18
CA ILE C 320 -16.21 1.57 42.14
C ILE C 320 -15.68 2.18 43.43
N LEU C 321 -14.52 1.74 43.89
CA LEU C 321 -14.07 2.08 45.24
C LEU C 321 -13.98 3.58 45.54
N PRO C 322 -13.41 4.43 44.67
CA PRO C 322 -13.18 5.83 45.08
C PRO C 322 -14.43 6.59 45.45
N PHE C 323 -15.58 6.28 44.86
CA PHE C 323 -16.80 6.98 45.24
C PHE C 323 -17.13 6.72 46.71
N TYR C 324 -17.07 5.45 47.13
CA TYR C 324 -17.31 5.13 48.52
C TYR C 324 -16.26 5.76 49.43
N LEU C 325 -14.99 5.74 49.01
CA LEU C 325 -13.95 6.34 49.83
C LEU C 325 -14.20 7.83 50.04
N GLU C 326 -14.56 8.54 48.97
CA GLU C 326 -14.81 9.97 49.08
C GLU C 326 -16.04 10.25 49.93
N VAL C 327 -17.13 9.51 49.71
CA VAL C 327 -18.36 9.77 50.45
C VAL C 327 -18.21 9.41 51.92
N GLY C 328 -17.29 8.52 52.26
CA GLY C 328 -17.05 8.19 53.65
C GLY C 328 -15.85 8.86 54.29
N LEU C 329 -15.09 9.64 53.54
CA LEU C 329 -13.87 10.23 54.06
C LEU C 329 -13.91 11.76 54.00
N SER C 330 -15.03 12.35 54.41
CA SER C 330 -15.19 13.79 54.45
C SER C 330 -15.22 14.30 55.89
N GLY C 331 -14.40 13.73 56.76
CA GLY C 331 -14.41 14.08 58.16
C GLY C 331 -13.14 14.75 58.66
N LEU C 332 -12.52 14.15 59.68
CA LEU C 332 -11.37 14.75 60.35
C LEU C 332 -10.06 14.44 59.63
N SER C 333 -8.93 14.74 60.29
CA SER C 333 -7.60 14.53 59.74
C SER C 333 -7.44 15.33 58.44
N SER C 334 -7.42 16.66 58.61
CA SER C 334 -7.54 17.57 57.47
C SER C 334 -6.43 17.35 56.45
N LYS C 335 -5.18 17.23 56.90
CA LYS C 335 -4.07 17.07 55.96
C LYS C 335 -4.20 15.78 55.16
N ALA C 336 -4.35 14.65 55.87
CA ALA C 336 -4.46 13.36 55.19
C ALA C 336 -5.71 13.31 54.30
N ALA C 337 -6.82 13.85 54.80
CA ALA C 337 -8.05 13.85 54.00
C ALA C 337 -7.87 14.65 52.72
N LYS C 338 -7.27 15.84 52.84
CA LYS C 338 -7.06 16.67 51.66
C LYS C 338 -6.08 16.05 50.67
N ASP C 339 -5.07 15.32 51.15
CA ASP C 339 -4.18 14.64 50.23
C ASP C 339 -4.87 13.49 49.51
N VAL C 340 -5.58 12.64 50.28
CA VAL C 340 -6.19 11.46 49.67
C VAL C 340 -7.33 11.86 48.75
N LEU C 341 -8.04 12.94 49.05
CA LEU C 341 -9.11 13.39 48.17
C LEU C 341 -8.56 13.82 46.82
N GLY C 342 -7.43 14.53 46.81
CA GLY C 342 -6.79 14.86 45.55
C GLY C 342 -6.31 13.63 44.81
N PHE C 343 -5.75 12.66 45.55
CA PHE C 343 -5.28 11.44 44.90
C PHE C 343 -6.44 10.70 44.24
N LEU C 344 -7.58 10.59 44.92
CA LEU C 344 -8.73 9.90 44.34
C LEU C 344 -9.33 10.71 43.20
N ARG C 345 -9.31 12.04 43.31
CA ARG C 345 -9.74 12.88 42.19
C ARG C 345 -8.90 12.59 40.95
N VAL C 346 -7.61 12.35 41.15
CA VAL C 346 -6.76 11.98 40.02
C VAL C 346 -7.12 10.58 39.51
N VAL C 347 -7.29 9.62 40.42
CA VAL C 347 -7.52 8.24 40.03
C VAL C 347 -8.91 8.01 39.44
N ARG C 348 -9.79 9.01 39.49
CA ARG C 348 -11.10 8.89 38.87
C ARG C 348 -11.03 8.38 37.44
N PHE C 349 -9.92 8.60 36.75
CA PHE C 349 -9.82 8.26 35.33
C PHE C 349 -10.02 6.78 35.07
N VAL C 350 -9.86 5.93 36.08
CA VAL C 350 -9.92 4.49 35.85
C VAL C 350 -11.30 4.04 35.42
N ARG C 351 -12.32 4.86 35.63
CA ARG C 351 -13.67 4.50 35.22
C ARG C 351 -13.92 4.78 33.75
N ILE C 352 -12.94 5.34 33.05
CA ILE C 352 -13.03 5.44 31.59
C ILE C 352 -12.65 4.13 30.91
N LEU C 353 -12.06 3.20 31.64
CA LEU C 353 -11.63 1.93 31.09
C LEU C 353 -12.72 0.86 31.12
N ARG C 354 -13.85 1.14 31.76
CA ARG C 354 -14.93 0.15 31.78
C ARG C 354 -15.56 -0.04 30.41
N ILE C 355 -15.26 0.82 29.44
CA ILE C 355 -15.82 0.63 28.11
C ILE C 355 -15.30 -0.65 27.47
N PHE C 356 -14.10 -1.10 27.86
CA PHE C 356 -13.57 -2.35 27.36
C PHE C 356 -14.35 -3.56 27.86
N LYS C 357 -15.16 -3.39 28.90
CA LYS C 357 -15.91 -4.52 29.43
C LYS C 357 -16.92 -5.04 28.43
N LEU C 358 -17.60 -4.15 27.72
CA LEU C 358 -18.65 -4.54 26.79
C LEU C 358 -18.20 -4.60 25.35
N THR C 359 -16.98 -4.19 25.04
CA THR C 359 -16.47 -4.24 23.68
C THR C 359 -15.70 -5.51 23.39
N ARG C 360 -15.62 -6.44 24.35
CA ARG C 360 -14.96 -7.71 24.11
C ARG C 360 -15.75 -8.59 23.14
N HIS C 361 -17.02 -8.29 22.91
CA HIS C 361 -17.84 -9.08 22.00
C HIS C 361 -17.79 -8.60 20.56
N PHE C 362 -17.10 -7.50 20.29
CA PHE C 362 -16.98 -7.01 18.93
C PHE C 362 -15.83 -7.73 18.23
N VAL C 363 -16.09 -8.22 17.02
CA VAL C 363 -15.11 -9.05 16.33
C VAL C 363 -13.85 -8.24 15.99
N GLY C 364 -14.04 -7.01 15.51
CA GLY C 364 -12.89 -6.22 15.08
C GLY C 364 -11.89 -5.98 16.19
N LEU C 365 -12.38 -5.74 17.42
CA LEU C 365 -11.47 -5.49 18.52
C LEU C 365 -10.70 -6.75 18.91
N ARG C 366 -11.33 -7.91 18.85
CA ARG C 366 -10.61 -9.15 19.10
C ARG C 366 -9.53 -9.38 18.05
N VAL C 367 -9.86 -9.10 16.79
CA VAL C 367 -8.87 -9.24 15.72
C VAL C 367 -7.71 -8.28 15.96
N LEU C 368 -8.01 -7.05 16.37
CA LEU C 368 -6.96 -6.08 16.66
C LEU C 368 -6.08 -6.54 17.81
N GLY C 369 -6.69 -7.12 18.85
CA GLY C 369 -5.91 -7.63 19.95
C GLY C 369 -4.97 -8.74 19.53
N HIS C 370 -5.46 -9.68 18.71
CA HIS C 370 -4.59 -10.74 18.22
C HIS C 370 -3.46 -10.17 17.37
N THR C 371 -3.77 -9.20 16.52
CA THR C 371 -2.75 -8.58 15.68
C THR C 371 -1.67 -7.92 16.52
N LEU C 372 -2.08 -7.18 17.55
CA LEU C 372 -1.10 -6.54 18.42
C LEU C 372 -0.24 -7.57 19.14
N ARG C 373 -0.85 -8.65 19.63
CA ARG C 373 -0.09 -9.66 20.33
C ARG C 373 0.85 -10.42 19.41
N ALA C 374 0.58 -10.46 18.11
CA ALA C 374 1.39 -11.22 17.18
C ALA C 374 2.42 -10.36 16.43
N SER C 375 2.55 -9.08 16.76
CA SER C 375 3.41 -8.18 16.00
C SER C 375 4.24 -7.31 16.93
N THR C 376 4.86 -7.92 17.94
CA THR C 376 5.69 -7.14 18.86
C THR C 376 7.01 -6.74 18.22
N ASN C 377 7.60 -7.64 17.43
CA ASN C 377 8.91 -7.36 16.85
C ASN C 377 8.86 -6.15 15.93
N GLU C 378 7.78 -6.00 15.17
CA GLU C 378 7.66 -4.86 14.28
C GLU C 378 7.55 -3.55 15.07
N PHE C 379 6.83 -3.57 16.19
CA PHE C 379 6.76 -2.38 17.03
C PHE C 379 8.13 -2.03 17.59
N LEU C 380 8.89 -3.03 18.03
CA LEU C 380 10.23 -2.76 18.53
C LEU C 380 11.11 -2.16 17.43
N LEU C 381 11.02 -2.72 16.22
CA LEU C 381 11.79 -2.20 15.10
C LEU C 381 11.43 -0.76 14.79
N LEU C 382 10.13 -0.45 14.76
CA LEU C 382 9.70 0.91 14.48
C LEU C 382 10.20 1.88 15.54
N ILE C 383 10.13 1.49 16.82
CA ILE C 383 10.59 2.36 17.88
C ILE C 383 12.09 2.62 17.75
N ILE C 384 12.87 1.59 17.44
CA ILE C 384 14.31 1.78 17.30
C ILE C 384 14.63 2.71 16.13
N PHE C 385 13.95 2.50 15.00
CA PHE C 385 14.17 3.37 13.84
C PHE C 385 13.86 4.82 14.18
N LEU C 386 12.73 5.06 14.83
CA LEU C 386 12.35 6.41 15.18
C LEU C 386 13.35 7.04 16.13
N ALA C 387 13.83 6.29 17.12
CA ALA C 387 14.78 6.84 18.07
C ALA C 387 16.06 7.26 17.36
N LEU C 388 16.59 6.40 16.49
CA LEU C 388 17.82 6.75 15.79
C LEU C 388 17.62 7.99 14.93
N GLY C 389 16.54 8.01 14.16
CA GLY C 389 16.30 9.16 13.29
C GLY C 389 16.16 10.46 14.07
N VAL C 390 15.38 10.42 15.16
CA VAL C 390 15.15 11.61 15.95
C VAL C 390 16.46 12.14 16.51
N LEU C 391 17.28 11.24 17.06
CA LEU C 391 18.54 11.68 17.64
C LEU C 391 19.43 12.34 16.59
N ILE C 392 19.62 11.67 15.46
CA ILE C 392 20.53 12.18 14.45
C ILE C 392 20.06 13.52 13.91
N PHE C 393 18.77 13.61 13.57
CA PHE C 393 18.29 14.84 12.96
C PHE C 393 18.21 15.98 13.95
N ALA C 394 17.94 15.69 15.23
CA ALA C 394 17.98 16.76 16.23
C ALA C 394 19.38 17.33 16.34
N THR C 395 20.40 16.46 16.38
CA THR C 395 21.77 16.97 16.43
C THR C 395 22.10 17.82 15.22
N MET C 396 21.76 17.32 14.03
CA MET C 396 22.09 18.05 12.80
C MET C 396 21.38 19.40 12.75
N ILE C 397 20.10 19.44 13.11
CA ILE C 397 19.37 20.70 13.03
C ILE C 397 19.86 21.68 14.09
N TYR C 398 20.31 21.18 15.25
CA TYR C 398 20.89 22.10 16.22
C TYR C 398 22.16 22.73 15.67
N TYR C 399 23.03 21.92 15.07
CA TYR C 399 24.31 22.46 14.61
C TYR C 399 24.16 23.30 13.34
N ALA C 400 23.11 23.07 12.55
CA ALA C 400 22.94 23.83 11.32
C ALA C 400 22.45 25.25 11.57
N GLU C 401 21.63 25.45 12.59
CA GLU C 401 21.05 26.76 12.84
C GLU C 401 22.02 27.74 13.47
N ARG C 402 23.19 27.29 13.91
CA ARG C 402 24.15 28.20 14.52
C ARG C 402 24.99 28.94 13.50
N ILE C 403 24.86 28.62 12.21
CA ILE C 403 25.57 29.37 11.19
C ILE C 403 25.11 30.82 11.19
N GLY C 404 23.80 31.04 11.24
CA GLY C 404 23.27 32.39 11.19
C GLY C 404 23.29 33.10 12.52
N ALA C 405 24.20 32.70 13.40
CA ALA C 405 24.30 33.35 14.70
C ALA C 405 24.73 34.80 14.54
N GLN C 406 24.01 35.70 15.19
CA GLN C 406 24.34 37.11 15.10
C GLN C 406 25.54 37.42 15.98
N PRO C 407 26.53 38.16 15.49
CA PRO C 407 27.73 38.48 16.28
C PRO C 407 27.51 39.62 17.29
N ASN C 408 26.41 39.54 18.03
CA ASN C 408 26.07 40.57 19.01
C ASN C 408 25.64 40.02 20.36
N ASP C 409 25.21 38.77 20.44
CA ASP C 409 24.73 38.22 21.70
C ASP C 409 25.67 37.14 22.22
N PRO C 410 25.79 36.98 23.54
CA PRO C 410 26.63 35.89 24.06
C PRO C 410 26.07 34.52 23.74
N SER C 411 24.76 34.34 23.89
CA SER C 411 24.11 33.09 23.54
C SER C 411 23.65 33.16 22.09
N ALA C 412 24.18 32.28 21.25
CA ALA C 412 23.86 32.30 19.83
C ALA C 412 22.41 31.91 19.54
N SER C 413 21.68 31.38 20.53
CA SER C 413 20.31 30.93 20.33
C SER C 413 19.36 32.05 20.73
N GLU C 414 19.21 33.02 19.82
CA GLU C 414 18.25 34.10 20.02
C GLU C 414 17.40 34.26 18.77
N HIS C 415 17.95 33.89 17.63
CA HIS C 415 17.29 34.01 16.35
C HIS C 415 16.61 32.72 15.89
N THR C 416 16.63 31.68 16.72
CA THR C 416 16.17 30.36 16.32
C THR C 416 15.25 29.76 17.38
N HIS C 417 14.42 28.83 16.95
CA HIS C 417 13.62 28.04 17.87
C HIS C 417 14.43 26.92 18.51
N PHE C 418 15.58 26.57 17.94
CA PHE C 418 16.36 25.42 18.37
C PHE C 418 17.44 25.89 19.35
N LYS C 419 17.01 26.08 20.60
CA LYS C 419 17.95 26.51 21.62
C LYS C 419 18.93 25.42 22.01
N ASN C 420 18.54 24.16 21.85
CA ASN C 420 19.39 23.03 22.21
C ASN C 420 18.90 21.80 21.47
N ILE C 421 19.48 20.65 21.82
CA ILE C 421 19.16 19.38 21.17
C ILE C 421 17.88 18.75 21.71
N PRO C 422 17.69 18.65 23.04
CA PRO C 422 16.47 18.02 23.54
C PRO C 422 15.20 18.68 23.02
N ILE C 423 15.18 20.00 22.89
CA ILE C 423 14.02 20.64 22.28
C ILE C 423 13.92 20.30 20.81
N GLY C 424 15.03 19.93 20.18
CA GLY C 424 14.99 19.49 18.80
C GLY C 424 14.42 18.10 18.62
N PHE C 425 14.43 17.28 19.68
CA PHE C 425 13.76 15.98 19.61
C PHE C 425 12.30 16.13 19.21
N TRP C 426 11.61 17.10 19.82
CA TRP C 426 10.19 17.31 19.54
C TRP C 426 9.97 17.70 18.08
N TRP C 427 10.79 18.63 17.57
CA TRP C 427 10.65 19.01 16.18
C TRP C 427 10.90 17.85 15.25
N ALA C 428 11.91 17.02 15.56
CA ALA C 428 12.19 15.86 14.73
C ALA C 428 11.01 14.90 14.70
N VAL C 429 10.42 14.64 15.87
CA VAL C 429 9.28 13.73 15.92
C VAL C 429 8.12 14.29 15.11
N VAL C 430 7.82 15.58 15.26
CA VAL C 430 6.70 16.17 14.54
C VAL C 430 6.94 16.14 13.05
N THR C 431 8.18 16.42 12.62
CA THR C 431 8.48 16.53 11.20
C THR C 431 8.56 15.17 10.52
N MET C 432 9.04 14.14 11.21
CA MET C 432 9.24 12.84 10.56
C MET C 432 7.94 12.13 10.24
N THR C 433 6.82 12.53 10.86
CA THR C 433 5.54 11.91 10.61
C THR C 433 4.65 12.74 9.70
N THR C 434 5.20 13.77 9.05
CA THR C 434 4.46 14.67 8.18
C THR C 434 3.30 15.33 8.92
N LEU C 435 3.46 15.55 10.22
CA LEU C 435 2.43 16.24 10.99
C LEU C 435 2.56 17.75 10.83
N GLY C 436 3.67 18.32 11.27
CA GLY C 436 3.95 19.71 11.00
C GLY C 436 3.02 20.69 11.69
N TYR C 437 3.10 20.78 13.01
CA TYR C 437 2.33 21.79 13.74
C TYR C 437 2.72 23.19 13.28
N GLY C 438 4.01 23.44 13.18
CA GLY C 438 4.51 24.75 12.81
C GLY C 438 4.93 25.63 13.95
N ASP C 439 4.93 25.13 15.19
CA ASP C 439 5.36 25.95 16.31
C ASP C 439 6.86 26.18 16.29
N MET C 440 7.62 25.27 15.68
CA MET C 440 9.06 25.47 15.51
C MET C 440 9.49 24.91 14.17
N TYR C 441 10.16 25.75 13.38
CA TYR C 441 10.59 25.40 12.03
C TYR C 441 11.92 26.07 11.76
N PRO C 442 12.73 25.52 10.87
CA PRO C 442 14.01 26.15 10.54
C PRO C 442 13.83 27.50 9.87
N GLN C 443 14.79 28.39 10.11
CA GLN C 443 14.76 29.75 9.57
C GLN C 443 16.07 30.15 8.91
N THR C 444 16.93 29.18 8.61
CA THR C 444 18.22 29.44 8.00
C THR C 444 18.38 28.56 6.77
N TRP C 445 19.08 29.08 5.76
CA TRP C 445 19.22 28.34 4.52
C TRP C 445 19.84 26.97 4.74
N SER C 446 20.71 26.85 5.73
CA SER C 446 21.30 25.56 6.04
C SER C 446 20.33 24.65 6.79
N GLY C 447 19.42 25.21 7.58
CA GLY C 447 18.47 24.39 8.30
C GLY C 447 17.38 23.83 7.42
N MET C 448 17.08 24.49 6.30
CA MET C 448 16.01 24.03 5.43
C MET C 448 16.39 22.74 4.72
N LEU C 449 17.66 22.61 4.33
CA LEU C 449 18.12 21.36 3.74
C LEU C 449 17.97 20.20 4.71
N VAL C 450 18.34 20.42 5.97
CA VAL C 450 18.19 19.39 6.99
C VAL C 450 16.71 19.08 7.20
N GLY C 451 15.85 20.10 7.14
CA GLY C 451 14.43 19.84 7.26
C GLY C 451 13.88 18.96 6.15
N ALA C 452 14.30 19.23 4.91
CA ALA C 452 13.86 18.40 3.80
C ALA C 452 14.34 16.96 3.96
N LEU C 453 15.61 16.79 4.33
CA LEU C 453 16.13 15.46 4.56
C LEU C 453 15.37 14.75 5.67
N CYS C 454 15.03 15.48 6.73
CA CYS C 454 14.29 14.89 7.84
C CYS C 454 12.92 14.41 7.39
N ALA C 455 12.23 15.23 6.59
CA ALA C 455 10.91 14.83 6.12
C ALA C 455 10.98 13.55 5.30
N LEU C 456 11.91 13.49 4.34
CA LEU C 456 12.01 12.31 3.49
C LEU C 456 12.39 11.07 4.29
N ALA C 457 13.38 11.21 5.17
CA ALA C 457 13.82 10.07 5.97
C ALA C 457 12.70 9.58 6.88
N GLY C 458 11.93 10.50 7.44
CA GLY C 458 10.80 10.10 8.26
C GLY C 458 9.78 9.32 7.48
N VAL C 459 9.45 9.78 6.27
CA VAL C 459 8.49 9.06 5.45
C VAL C 459 8.98 7.63 5.21
N LEU C 460 10.24 7.49 4.82
CA LEU C 460 10.76 6.14 4.52
C LEU C 460 10.77 5.26 5.76
N THR C 461 11.30 5.76 6.87
CA THR C 461 11.45 4.94 8.06
C THR C 461 10.12 4.63 8.72
N ILE C 462 9.07 5.40 8.44
CA ILE C 462 7.75 4.99 8.90
C ILE C 462 7.15 3.97 7.95
N ALA C 463 7.34 4.16 6.64
CA ALA C 463 6.76 3.24 5.67
C ALA C 463 7.43 1.88 5.66
N MET C 464 8.56 1.70 6.36
CA MET C 464 9.19 0.38 6.35
C MET C 464 8.33 -0.71 7.00
N PRO C 465 8.03 -0.70 8.33
CA PRO C 465 7.40 -1.88 8.95
C PRO C 465 5.89 -1.86 9.04
N VAL C 466 5.30 -0.67 8.84
CA VAL C 466 3.85 -0.54 8.89
C VAL C 466 3.17 -1.44 7.87
N PRO C 467 3.67 -1.61 6.64
CA PRO C 467 3.05 -2.59 5.74
C PRO C 467 3.05 -4.00 6.30
N VAL C 468 4.10 -4.42 7.01
CA VAL C 468 4.10 -5.74 7.61
C VAL C 468 2.98 -5.86 8.62
N ILE C 469 2.85 -4.86 9.50
CA ILE C 469 1.81 -4.91 10.51
C ILE C 469 0.43 -4.92 9.87
N VAL C 470 0.24 -4.09 8.85
CA VAL C 470 -1.06 -4.00 8.19
C VAL C 470 -1.41 -5.31 7.49
N ASN C 471 -0.42 -5.95 6.86
CA ASN C 471 -0.68 -7.22 6.21
C ASN C 471 -1.09 -8.28 7.21
N ASN C 472 -0.42 -8.32 8.36
CA ASN C 472 -0.83 -9.25 9.41
C ASN C 472 -2.27 -9.00 9.82
N PHE C 473 -2.63 -7.74 10.06
CA PHE C 473 -4.00 -7.45 10.47
C PHE C 473 -4.99 -7.87 9.39
N GLY C 474 -4.67 -7.60 8.13
CA GLY C 474 -5.59 -7.95 7.06
C GLY C 474 -5.83 -9.44 6.97
N MET C 475 -4.75 -10.23 7.07
CA MET C 475 -4.91 -11.67 7.02
C MET C 475 -5.75 -12.18 8.18
N TYR C 476 -5.45 -11.70 9.40
CA TYR C 476 -6.23 -12.13 10.56
C TYR C 476 -7.70 -11.76 10.41
N TYR C 477 -7.98 -10.53 9.95
CA TYR C 477 -9.35 -10.08 9.83
C TYR C 477 -10.10 -10.89 8.79
N SER C 478 -9.48 -11.17 7.64
CA SER C 478 -10.13 -11.97 6.62
C SER C 478 -10.46 -13.36 7.16
N LEU C 479 -9.49 -13.99 7.84
CA LEU C 479 -9.74 -15.33 8.36
C LEU C 479 -10.87 -15.32 9.40
N ALA C 480 -10.88 -14.32 10.28
CA ALA C 480 -11.91 -14.27 11.31
C ALA C 480 -13.28 -13.98 10.72
N MET C 481 -13.34 -13.12 9.71
CA MET C 481 -14.61 -12.79 9.10
C MET C 481 -15.16 -13.93 8.24
N ALA C 482 -14.28 -14.82 7.75
CA ALA C 482 -14.76 -15.98 7.02
C ALA C 482 -15.60 -16.89 7.91
N LYS C 483 -15.32 -16.91 9.22
CA LYS C 483 -16.06 -17.78 10.13
C LYS C 483 -17.53 -17.38 10.23
N GLN C 484 -17.84 -16.09 10.09
CA GLN C 484 -19.22 -15.64 10.20
C GLN C 484 -20.07 -16.19 9.06
N LYS C 485 -19.51 -16.25 7.85
CA LYS C 485 -20.28 -16.72 6.70
C LYS C 485 -20.64 -18.20 6.84
N LEU C 486 -19.73 -19.01 7.37
CA LEU C 486 -19.95 -20.44 7.51
C LEU C 486 -20.06 -20.79 8.98
N PRO C 487 -21.27 -20.90 9.53
CA PRO C 487 -21.42 -21.21 10.97
C PRO C 487 -20.82 -22.54 11.36
N LYS C 488 -21.31 -23.63 10.77
CA LYS C 488 -20.87 -24.98 11.07
C LYS C 488 -21.62 -25.94 10.15
N LYS C 489 -21.07 -27.14 10.00
CA LYS C 489 -21.69 -28.17 9.17
C LYS C 489 -21.92 -29.44 9.98
N LYS C 490 -22.31 -30.53 9.31
CA LYS C 490 -22.70 -31.76 9.97
C LYS C 490 -21.78 -32.92 9.60
N LYS C 491 -20.51 -32.62 9.30
CA LYS C 491 -19.46 -33.62 9.03
C LYS C 491 -19.96 -34.74 8.13
N LYS C 492 -20.30 -34.36 6.89
CA LYS C 492 -20.87 -35.31 5.95
C LYS C 492 -19.95 -36.50 5.70
N HIS C 493 -18.65 -36.23 5.58
CA HIS C 493 -17.68 -37.28 5.23
C HIS C 493 -17.52 -38.22 6.41
N ILE C 494 -18.20 -39.36 6.36
CA ILE C 494 -18.09 -40.38 7.39
C ILE C 494 -16.79 -41.16 7.19
N PRO C 495 -15.90 -41.20 8.17
CA PRO C 495 -14.63 -41.92 8.00
C PRO C 495 -14.81 -43.43 7.96
N ARG C 496 -13.70 -44.16 7.89
CA ARG C 496 -13.68 -45.62 7.85
C ARG C 496 -14.48 -46.13 6.67
N PRO C 497 -13.97 -45.99 5.44
CA PRO C 497 -14.66 -46.43 4.23
C PRO C 497 -14.92 -47.94 4.21
N SER D 41 10.92 -44.24 -37.04
CA SER D 41 11.49 -43.20 -37.89
C SER D 41 10.82 -41.86 -37.64
N GLU D 42 11.63 -40.85 -37.35
CA GLU D 42 11.20 -39.48 -37.09
C GLU D 42 10.24 -39.37 -35.91
N ARG D 43 10.12 -40.41 -35.10
CA ARG D 43 9.26 -40.39 -33.92
C ARG D 43 10.00 -41.02 -32.76
N ILE D 44 10.06 -40.31 -31.64
CA ILE D 44 10.77 -40.78 -30.46
C ILE D 44 9.87 -40.59 -29.25
N VAL D 45 10.06 -41.43 -28.24
CA VAL D 45 9.29 -41.38 -27.01
C VAL D 45 10.26 -41.25 -25.85
N ILE D 46 9.96 -40.32 -24.93
CA ILE D 46 10.81 -40.05 -23.78
C ILE D 46 10.03 -40.41 -22.53
N ASN D 47 10.65 -41.21 -21.66
CA ASN D 47 10.04 -41.64 -20.41
C ASN D 47 10.72 -40.88 -19.28
N VAL D 48 9.99 -39.93 -18.69
CA VAL D 48 10.52 -39.14 -17.59
C VAL D 48 9.78 -39.48 -16.31
N GLY D 49 10.34 -40.41 -15.53
CA GLY D 49 9.71 -40.79 -14.28
C GLY D 49 8.35 -41.44 -14.44
N GLY D 50 8.20 -42.31 -15.43
CA GLY D 50 6.96 -43.02 -15.66
C GLY D 50 5.95 -42.29 -16.52
N THR D 51 6.23 -41.05 -16.93
CA THR D 51 5.33 -40.29 -17.77
C THR D 51 5.87 -40.29 -19.20
N ARG D 52 5.05 -40.77 -20.14
CA ARG D 52 5.46 -40.83 -21.53
C ARG D 52 5.42 -39.44 -22.15
N HIS D 53 6.48 -39.09 -22.88
CA HIS D 53 6.53 -37.87 -23.68
C HIS D 53 6.95 -38.25 -25.09
N GLN D 54 6.20 -37.76 -26.07
CA GLN D 54 6.36 -38.17 -27.46
C GLN D 54 6.54 -36.95 -28.33
N THR D 55 7.55 -36.98 -29.20
CA THR D 55 7.80 -35.86 -30.10
C THR D 55 8.62 -36.36 -31.29
N TYR D 56 8.65 -35.54 -32.35
CA TYR D 56 9.42 -35.87 -33.53
C TYR D 56 10.91 -35.68 -33.27
N ARG D 57 11.73 -36.47 -33.98
CA ARG D 57 13.17 -36.35 -33.84
C ARG D 57 13.67 -34.98 -34.31
N SER D 58 13.01 -34.39 -35.30
CA SER D 58 13.44 -33.10 -35.83
C SER D 58 13.36 -32.02 -34.76
N THR D 59 12.29 -32.04 -33.96
CA THR D 59 12.12 -31.03 -32.92
C THR D 59 13.21 -31.09 -31.88
N LEU D 60 13.66 -32.30 -31.53
CA LEU D 60 14.74 -32.43 -30.54
C LEU D 60 16.07 -31.95 -31.08
N ARG D 61 16.22 -31.83 -32.40
CA ARG D 61 17.49 -31.49 -33.01
C ARG D 61 17.68 -29.99 -33.17
N THR D 62 16.74 -29.17 -32.69
CA THR D 62 16.84 -27.73 -32.88
C THR D 62 18.04 -27.15 -32.13
N LEU D 63 18.18 -27.50 -30.85
CA LEU D 63 19.24 -26.93 -30.03
C LEU D 63 20.42 -27.89 -29.98
N PRO D 64 21.56 -27.54 -30.56
CA PRO D 64 22.73 -28.42 -30.51
C PRO D 64 23.44 -28.32 -29.17
N GLY D 65 24.25 -29.34 -28.89
CA GLY D 65 25.07 -29.35 -27.68
C GLY D 65 24.33 -29.83 -26.45
N THR D 66 23.03 -29.59 -26.39
CA THR D 66 22.23 -29.95 -25.23
C THR D 66 22.07 -31.48 -25.17
N ARG D 67 21.64 -31.95 -24.00
CA ARG D 67 21.49 -33.39 -23.80
C ARG D 67 20.48 -33.98 -24.77
N LEU D 68 19.40 -33.24 -25.06
CA LEU D 68 18.42 -33.72 -26.01
C LEU D 68 19.00 -33.86 -27.42
N ALA D 69 19.92 -32.96 -27.78
CA ALA D 69 20.61 -33.09 -29.07
C ALA D 69 21.40 -34.40 -29.12
N TRP D 70 22.08 -34.74 -28.02
CA TRP D 70 22.73 -36.04 -27.93
C TRP D 70 21.72 -37.17 -28.06
N LEU D 71 20.52 -36.98 -27.48
CA LEU D 71 19.49 -38.01 -27.55
C LEU D 71 18.97 -38.17 -28.96
N ALA D 72 18.90 -37.08 -29.73
CA ALA D 72 18.46 -37.19 -31.12
C ALA D 72 19.46 -37.92 -31.99
N GLU D 73 20.69 -38.07 -31.54
CA GLU D 73 21.70 -38.79 -32.32
C GLU D 73 21.30 -40.25 -32.45
N PRO D 74 21.39 -40.82 -33.66
CA PRO D 74 20.99 -42.24 -33.82
C PRO D 74 21.79 -43.20 -32.96
N ASP D 75 23.08 -42.96 -32.77
CA ASP D 75 23.92 -43.84 -31.97
C ASP D 75 24.05 -43.33 -30.54
N ALA D 76 22.92 -43.29 -29.85
CA ALA D 76 22.86 -42.87 -28.45
C ALA D 76 22.43 -43.99 -27.52
N HIS D 77 22.21 -45.20 -28.04
CA HIS D 77 21.78 -46.31 -27.19
C HIS D 77 22.84 -46.65 -26.15
N SER D 78 24.11 -46.64 -26.54
CA SER D 78 25.19 -46.90 -25.61
C SER D 78 25.42 -45.75 -24.64
N HIS D 79 24.84 -44.58 -24.91
CA HIS D 79 25.04 -43.42 -24.05
C HIS D 79 23.99 -43.33 -22.95
N PHE D 80 22.71 -43.34 -23.32
CA PHE D 80 21.62 -43.22 -22.37
C PHE D 80 20.98 -44.58 -22.12
N ASP D 81 20.23 -44.67 -21.02
CA ASP D 81 19.50 -45.88 -20.71
C ASP D 81 18.37 -46.08 -21.72
N TYR D 82 18.28 -47.28 -22.27
CA TYR D 82 17.32 -47.56 -23.34
C TYR D 82 17.03 -49.05 -23.36
N ASP D 83 15.75 -49.39 -23.49
CA ASP D 83 15.33 -50.78 -23.58
C ASP D 83 14.67 -51.03 -24.92
N PRO D 84 15.15 -52.02 -25.69
CA PRO D 84 14.53 -52.31 -26.99
C PRO D 84 13.11 -52.84 -26.89
N ARG D 85 12.71 -53.35 -25.73
CA ARG D 85 11.37 -53.90 -25.58
C ARG D 85 10.32 -52.80 -25.74
N ALA D 86 10.55 -51.63 -25.14
CA ALA D 86 9.62 -50.52 -25.23
C ALA D 86 10.10 -49.41 -26.15
N ASP D 87 11.37 -49.43 -26.56
CA ASP D 87 11.94 -48.42 -27.47
C ASP D 87 11.75 -47.02 -26.94
N GLU D 88 11.89 -46.85 -25.62
CA GLU D 88 11.78 -45.55 -24.98
C GLU D 88 12.99 -45.32 -24.09
N PHE D 89 13.51 -44.10 -24.11
CA PHE D 89 14.61 -43.73 -23.24
C PHE D 89 14.09 -43.39 -21.84
N PHE D 90 14.79 -43.85 -20.83
CA PHE D 90 14.36 -43.69 -19.45
C PHE D 90 15.19 -42.65 -18.74
N PHE D 91 14.54 -41.83 -17.92
CA PHE D 91 15.20 -40.84 -17.09
C PHE D 91 14.60 -40.91 -15.70
N ASP D 92 15.19 -40.15 -14.78
CA ASP D 92 14.71 -40.06 -13.41
C ASP D 92 14.68 -38.59 -13.03
N ARG D 93 13.56 -37.92 -13.35
CA ARG D 93 13.41 -36.50 -13.11
C ARG D 93 11.94 -36.19 -12.89
N HIS D 94 11.67 -34.95 -12.53
CA HIS D 94 10.30 -34.52 -12.27
C HIS D 94 9.51 -34.52 -13.58
N PRO D 95 8.40 -35.25 -13.68
CA PRO D 95 7.68 -35.29 -14.96
C PRO D 95 6.81 -34.08 -15.22
N GLY D 96 6.39 -33.36 -14.18
CA GLY D 96 5.54 -32.20 -14.38
C GLY D 96 6.24 -30.95 -14.85
N VAL D 97 7.56 -30.89 -14.76
CA VAL D 97 8.32 -29.73 -15.17
C VAL D 97 9.08 -29.95 -16.47
N PHE D 98 9.23 -31.20 -16.92
CA PHE D 98 9.88 -31.47 -18.20
C PHE D 98 9.05 -30.96 -19.37
N ALA D 99 7.74 -30.75 -19.17
CA ALA D 99 6.89 -30.31 -20.26
C ALA D 99 7.29 -28.94 -20.75
N HIS D 100 7.60 -28.01 -19.85
CA HIS D 100 7.99 -26.67 -20.27
C HIS D 100 9.33 -26.69 -21.00
N ILE D 101 10.28 -27.51 -20.52
CA ILE D 101 11.57 -27.60 -21.19
C ILE D 101 11.39 -28.14 -22.59
N LEU D 102 10.57 -29.16 -22.77
CA LEU D 102 10.31 -29.67 -24.11
C LEU D 102 9.58 -28.66 -24.96
N ASN D 103 8.65 -27.91 -24.37
CA ASN D 103 7.93 -26.88 -25.10
C ASN D 103 8.86 -25.79 -25.60
N TYR D 104 9.96 -25.55 -24.88
CA TYR D 104 10.97 -24.62 -25.38
C TYR D 104 11.52 -25.09 -26.72
N TYR D 105 11.79 -26.39 -26.86
CA TYR D 105 12.17 -26.94 -28.15
C TYR D 105 11.04 -26.81 -29.16
N ARG D 106 9.80 -27.09 -28.73
CA ARG D 106 8.68 -27.15 -29.66
C ARG D 106 8.39 -25.79 -30.28
N THR D 107 8.41 -24.73 -29.48
CA THR D 107 8.04 -23.41 -29.96
C THR D 107 9.24 -22.52 -30.23
N GLY D 108 10.13 -22.36 -29.25
CA GLY D 108 11.27 -21.49 -29.41
C GLY D 108 11.41 -20.51 -28.26
N LYS D 109 10.35 -20.36 -27.49
CA LYS D 109 10.35 -19.50 -26.31
C LYS D 109 10.49 -20.34 -25.05
N LEU D 110 11.19 -19.78 -24.06
CA LEU D 110 11.42 -20.44 -22.79
C LEU D 110 10.68 -19.69 -21.70
N HIS D 111 9.83 -20.39 -20.96
CA HIS D 111 9.08 -19.81 -19.86
C HIS D 111 9.24 -20.69 -18.62
N CYS D 112 8.93 -20.12 -17.46
CA CYS D 112 9.00 -20.86 -16.22
C CYS D 112 7.61 -21.12 -15.68
N PRO D 113 7.28 -22.36 -15.31
CA PRO D 113 5.96 -22.61 -14.74
C PRO D 113 5.77 -21.88 -13.42
N ALA D 114 4.54 -21.49 -13.15
CA ALA D 114 4.21 -20.76 -11.94
C ALA D 114 3.78 -21.66 -10.80
N ASP D 115 3.75 -22.97 -11.00
CA ASP D 115 3.32 -23.91 -9.96
C ASP D 115 4.48 -24.48 -9.17
N VAL D 116 5.72 -24.08 -9.46
CA VAL D 116 6.89 -24.56 -8.74
C VAL D 116 7.77 -23.38 -8.38
N CYS D 117 8.61 -23.58 -7.37
CA CYS D 117 9.52 -22.54 -6.92
C CYS D 117 10.59 -22.27 -7.98
N GLY D 118 11.20 -21.10 -7.86
CA GLY D 118 12.27 -20.70 -8.76
C GLY D 118 13.47 -21.63 -8.74
N PRO D 119 14.02 -21.90 -7.55
CA PRO D 119 15.19 -22.78 -7.48
C PRO D 119 14.95 -24.17 -8.06
N LEU D 120 13.76 -24.74 -7.89
CA LEU D 120 13.50 -26.06 -8.44
C LEU D 120 13.59 -26.05 -9.95
N TYR D 121 12.94 -25.08 -10.60
CA TYR D 121 13.01 -24.98 -12.05
C TYR D 121 14.43 -24.67 -12.51
N GLU D 122 15.14 -23.84 -11.75
CA GLU D 122 16.52 -23.52 -12.11
C GLU D 122 17.39 -24.78 -12.11
N GLU D 123 17.28 -25.59 -11.06
CA GLU D 123 18.05 -26.82 -11.00
C GLU D 123 17.65 -27.77 -12.13
N GLU D 124 16.35 -27.88 -12.40
CA GLU D 124 15.89 -28.78 -13.44
C GLU D 124 16.43 -28.39 -14.81
N LEU D 125 16.40 -27.09 -15.13
CA LEU D 125 16.94 -26.66 -16.42
C LEU D 125 18.45 -26.75 -16.45
N ALA D 126 19.10 -26.61 -15.29
CA ALA D 126 20.55 -26.79 -15.23
C ALA D 126 20.92 -28.23 -15.56
N PHE D 127 20.14 -29.20 -15.08
CA PHE D 127 20.46 -30.60 -15.36
C PHE D 127 20.38 -30.90 -16.85
N TRP D 128 19.35 -30.38 -17.52
CA TRP D 128 19.16 -30.68 -18.94
C TRP D 128 20.12 -29.91 -19.84
N GLY D 129 20.88 -28.96 -19.30
CA GLY D 129 21.84 -28.21 -20.09
C GLY D 129 21.32 -26.97 -20.76
N ILE D 130 20.19 -26.44 -20.30
CA ILE D 130 19.63 -25.21 -20.85
C ILE D 130 20.17 -24.03 -20.06
N ASP D 131 20.73 -23.06 -20.76
CA ASP D 131 21.23 -21.86 -20.09
C ASP D 131 20.06 -21.04 -19.56
N GLU D 132 20.14 -20.65 -18.29
CA GLU D 132 19.04 -19.99 -17.62
C GLU D 132 18.83 -18.55 -18.09
N THR D 133 19.76 -17.99 -18.84
CA THR D 133 19.65 -16.60 -19.27
C THR D 133 18.85 -16.44 -20.55
N ASP D 134 18.07 -17.44 -20.95
CA ASP D 134 17.27 -17.38 -22.16
C ASP D 134 15.78 -17.28 -21.90
N VAL D 135 15.35 -17.20 -20.63
CA VAL D 135 13.93 -17.09 -20.34
C VAL D 135 13.43 -15.72 -20.76
N GLU D 136 12.17 -15.66 -21.16
CA GLU D 136 11.61 -14.42 -21.66
C GLU D 136 11.42 -13.41 -20.53
N PRO D 137 11.42 -12.11 -20.84
CA PRO D 137 11.19 -11.11 -19.79
C PRO D 137 9.82 -11.21 -19.16
N CYS D 138 8.86 -11.87 -19.81
CA CYS D 138 7.52 -11.99 -19.23
C CYS D 138 7.54 -12.76 -17.92
N CYS D 139 8.52 -13.64 -17.73
CA CYS D 139 8.60 -14.45 -16.52
C CYS D 139 10.04 -14.51 -16.01
N TRP D 140 10.73 -13.37 -16.02
CA TRP D 140 12.12 -13.31 -15.55
C TRP D 140 12.24 -12.80 -14.13
N MET D 141 11.45 -11.79 -13.76
CA MET D 141 11.59 -11.19 -12.43
C MET D 141 11.25 -12.19 -11.34
N THR D 142 10.19 -12.98 -11.53
CA THR D 142 9.83 -13.98 -10.52
C THR D 142 10.86 -15.10 -10.46
N TYR D 143 11.47 -15.44 -11.60
CA TYR D 143 12.48 -16.50 -11.62
C TYR D 143 13.71 -16.10 -10.82
N ARG D 144 14.35 -15.00 -11.21
CA ARG D 144 15.51 -14.48 -10.49
C ARG D 144 15.01 -13.50 -9.42
N GLN D 145 14.32 -14.07 -8.42
CA GLN D 145 13.78 -13.28 -7.33
C GLN D 145 14.32 -13.73 -5.97
N HIS D 146 14.30 -15.04 -5.69
CA HIS D 146 14.84 -15.53 -4.42
C HIS D 146 16.36 -15.55 -4.41
N ARG D 147 16.98 -15.82 -5.56
CA ARG D 147 18.43 -15.95 -5.60
C ARG D 147 19.12 -14.65 -5.22
N ASP D 148 18.63 -13.52 -5.72
CA ASP D 148 19.26 -12.25 -5.41
C ASP D 148 19.17 -11.95 -3.91
N ALA D 149 18.01 -12.19 -3.31
CA ALA D 149 17.87 -11.97 -1.88
C ALA D 149 18.79 -12.89 -1.08
N GLU D 150 18.86 -14.16 -1.49
CA GLU D 150 19.69 -15.12 -0.76
C GLU D 150 21.15 -14.73 -0.82
N GLU D 151 21.62 -14.30 -1.99
CA GLU D 151 23.03 -13.91 -2.09
C GLU D 151 23.30 -12.58 -1.41
N ALA D 152 22.32 -11.67 -1.39
CA ALA D 152 22.52 -10.39 -0.73
C ALA D 152 22.57 -10.54 0.78
N LEU D 153 21.76 -11.44 1.34
CA LEU D 153 21.78 -11.65 2.79
C LEU D 153 23.08 -12.29 3.26
N ASP D 154 23.92 -12.79 2.35
CA ASP D 154 25.19 -13.39 2.70
C ASP D 154 26.34 -12.65 2.02
N SER D 155 26.21 -11.33 1.91
CA SER D 155 27.26 -10.51 1.31
C SER D 155 27.67 -9.37 2.24
N ARG D 204 51.40 -16.57 22.48
CA ARG D 204 50.02 -16.14 22.35
C ARG D 204 49.05 -17.31 22.41
N ARG D 205 48.87 -17.86 23.61
CA ARG D 205 47.92 -18.94 23.85
C ARG D 205 46.57 -18.43 24.33
N TRP D 206 46.41 -17.12 24.47
CA TRP D 206 45.18 -16.54 24.96
C TRP D 206 44.50 -15.58 23.99
N GLN D 207 45.12 -15.31 22.83
CA GLN D 207 44.52 -14.37 21.89
C GLN D 207 43.09 -14.75 21.47
N PRO D 208 42.78 -16.02 21.16
CA PRO D 208 41.38 -16.34 20.90
C PRO D 208 40.45 -16.04 22.06
N ARG D 209 40.93 -16.23 23.30
CA ARG D 209 40.10 -15.93 24.46
C ARG D 209 39.78 -14.45 24.57
N ILE D 210 40.80 -13.59 24.42
CA ILE D 210 40.60 -12.16 24.60
C ILE D 210 39.75 -11.58 23.48
N TRP D 211 40.06 -11.93 22.24
CA TRP D 211 39.39 -11.33 21.09
C TRP D 211 37.91 -11.69 21.07
N ALA D 212 37.58 -12.94 21.37
CA ALA D 212 36.18 -13.35 21.40
C ALA D 212 35.42 -12.72 22.55
N LEU D 213 36.12 -12.34 23.63
CA LEU D 213 35.45 -11.75 24.77
C LEU D 213 34.85 -10.39 24.44
N PHE D 214 35.53 -9.61 23.60
CA PHE D 214 35.04 -8.28 23.25
C PHE D 214 34.18 -8.25 22.00
N GLU D 215 34.41 -9.16 21.05
CA GLU D 215 33.71 -9.07 19.77
C GLU D 215 32.33 -9.72 19.83
N ASP D 216 32.28 -11.02 20.09
CA ASP D 216 31.01 -11.73 20.06
C ASP D 216 30.29 -11.52 21.38
N PRO D 217 29.11 -10.88 21.38
CA PRO D 217 28.40 -10.66 22.65
C PRO D 217 28.01 -11.95 23.36
N TYR D 218 27.66 -13.01 22.61
CA TYR D 218 27.14 -14.23 23.22
C TYR D 218 28.03 -15.44 22.97
N SER D 219 29.31 -15.22 22.68
CA SER D 219 30.24 -16.35 22.61
C SER D 219 30.50 -16.97 23.98
N SER D 220 30.12 -16.29 25.06
CA SER D 220 30.33 -16.79 26.41
C SER D 220 29.32 -16.10 27.31
N ARG D 221 29.54 -16.20 28.63
CA ARG D 221 28.70 -15.52 29.60
C ARG D 221 29.22 -14.14 29.95
N TYR D 222 30.54 -13.99 30.04
CA TYR D 222 31.12 -12.71 30.42
C TYR D 222 30.99 -11.67 29.31
N ALA D 223 31.04 -12.11 28.05
CA ALA D 223 30.93 -11.18 26.94
C ALA D 223 29.60 -10.43 26.98
N ARG D 224 28.53 -11.09 27.42
CA ARG D 224 27.24 -10.42 27.56
C ARG D 224 27.34 -9.26 28.55
N TYR D 225 27.97 -9.51 29.70
CA TYR D 225 28.11 -8.45 30.70
C TYR D 225 29.00 -7.32 30.19
N VAL D 226 30.07 -7.65 29.46
CA VAL D 226 30.92 -6.60 28.91
C VAL D 226 30.14 -5.74 27.93
N ALA D 227 29.34 -6.37 27.08
CA ALA D 227 28.52 -5.61 26.13
C ALA D 227 27.53 -4.72 26.87
N PHE D 228 26.93 -5.22 27.94
CA PHE D 228 25.99 -4.40 28.70
C PHE D 228 26.68 -3.21 29.34
N ALA D 229 27.89 -3.42 29.87
CA ALA D 229 28.64 -2.31 30.45
C ALA D 229 28.96 -1.26 29.39
N SER D 230 29.38 -1.70 28.20
CA SER D 230 29.64 -0.76 27.12
C SER D 230 28.38 0.01 26.75
N LEU D 231 27.23 -0.67 26.73
CA LEU D 231 25.98 0.02 26.44
C LEU D 231 25.69 1.10 27.48
N PHE D 232 25.90 0.77 28.75
CA PHE D 232 25.67 1.75 29.81
C PHE D 232 26.54 2.98 29.62
N PHE D 233 27.83 2.77 29.36
CA PHE D 233 28.74 3.90 29.24
C PHE D 233 28.42 4.73 28.00
N ILE D 234 28.06 4.07 26.90
CA ILE D 234 27.70 4.81 25.68
C ILE D 234 26.49 5.69 25.93
N LEU D 235 25.47 5.14 26.60
CA LEU D 235 24.28 5.94 26.88
C LEU D 235 24.60 7.10 27.79
N VAL D 236 25.46 6.90 28.79
CA VAL D 236 25.83 8.00 29.68
C VAL D 236 26.54 9.10 28.90
N SER D 237 27.48 8.73 28.02
CA SER D 237 28.19 9.75 27.26
C SER D 237 27.25 10.52 26.35
N ILE D 238 26.31 9.83 25.70
CA ILE D 238 25.37 10.52 24.83
C ILE D 238 24.50 11.47 25.63
N THR D 239 24.05 11.05 26.81
CA THR D 239 23.22 11.91 27.64
C THR D 239 23.98 13.16 28.06
N THR D 240 25.25 13.00 28.45
CA THR D 240 26.05 14.16 28.83
C THR D 240 26.23 15.10 27.64
N PHE D 241 26.50 14.53 26.46
CA PHE D 241 26.67 15.36 25.27
C PHE D 241 25.42 16.17 24.97
N CYS D 242 24.25 15.56 25.13
CA CYS D 242 23.01 16.29 24.90
C CYS D 242 22.78 17.36 25.97
N LEU D 243 23.17 17.06 27.21
CA LEU D 243 22.94 18.02 28.29
C LEU D 243 23.85 19.24 28.18
N GLU D 244 25.05 19.08 27.62
CA GLU D 244 26.00 20.20 27.59
C GLU D 244 25.44 21.40 26.85
N THR D 245 24.51 21.19 25.93
CA THR D 245 24.00 22.29 25.11
C THR D 245 22.84 23.02 25.77
N HIS D 246 22.34 22.56 26.91
CA HIS D 246 21.20 23.20 27.53
C HIS D 246 21.61 24.46 28.27
N GLU D 247 20.69 25.41 28.36
CA GLU D 247 20.99 26.69 28.98
C GLU D 247 21.06 26.61 30.50
N ARG D 248 20.43 25.60 31.10
CA ARG D 248 20.47 25.50 32.56
C ARG D 248 21.87 25.20 33.07
N PHE D 249 22.66 24.47 32.28
CA PHE D 249 24.00 24.07 32.68
C PHE D 249 25.08 24.98 32.12
N ASN D 250 24.70 26.12 31.53
CA ASN D 250 25.65 27.06 30.94
C ASN D 250 25.40 28.44 31.52
N PRO D 251 25.73 28.65 32.80
CA PRO D 251 25.59 29.99 33.37
C PRO D 251 26.58 30.96 32.76
N ILE D 252 26.21 32.23 32.77
CA ILE D 252 27.03 33.29 32.18
C ILE D 252 27.82 33.96 33.30
N VAL D 253 29.13 34.06 33.13
CA VAL D 253 29.98 34.67 34.13
C VAL D 253 30.91 35.71 33.49
N TYR D 269 38.60 37.33 28.36
CA TYR D 269 37.19 37.04 28.52
C TYR D 269 36.58 37.89 29.64
N TYR D 270 35.36 38.38 29.41
CA TYR D 270 34.66 39.18 30.39
C TYR D 270 33.42 38.46 30.92
N ARG D 271 32.51 38.03 30.03
CA ARG D 271 31.32 37.29 30.44
C ARG D 271 31.31 35.88 29.89
N GLU D 272 31.37 35.72 28.56
CA GLU D 272 31.29 34.43 27.90
C GLU D 272 30.23 33.53 28.52
N ALA D 273 30.57 32.26 28.74
CA ALA D 273 29.70 31.28 29.39
C ALA D 273 30.55 30.05 29.67
N GLU D 274 30.23 29.36 30.77
CA GLU D 274 30.97 28.19 31.17
C GLU D 274 30.01 27.05 31.45
N THR D 275 30.44 25.83 31.15
CA THR D 275 29.65 24.65 31.44
C THR D 275 29.97 24.16 32.85
N GLU D 276 29.03 23.43 33.44
CA GLU D 276 29.22 22.91 34.78
C GLU D 276 30.41 21.97 34.82
N ALA D 277 31.12 21.99 35.95
CA ALA D 277 32.36 21.24 36.07
C ALA D 277 32.12 19.74 35.98
N PHE D 278 31.10 19.24 36.69
CA PHE D 278 30.90 17.79 36.76
C PHE D 278 30.52 17.19 35.41
N LEU D 279 30.00 18.00 34.49
CA LEU D 279 29.73 17.54 33.14
C LEU D 279 31.00 17.16 32.40
N THR D 280 32.16 17.57 32.90
CA THR D 280 33.42 17.08 32.38
C THR D 280 33.93 15.86 33.15
N TYR D 281 33.63 15.79 34.45
CA TYR D 281 34.07 14.63 35.23
C TYR D 281 33.36 13.37 34.79
N ILE D 282 32.06 13.46 34.49
CA ILE D 282 31.34 12.28 33.99
C ILE D 282 31.94 11.83 32.66
N GLU D 283 32.26 12.79 31.79
CA GLU D 283 32.86 12.44 30.51
C GLU D 283 34.22 11.78 30.71
N GLY D 284 35.01 12.26 31.67
CA GLY D 284 36.28 11.63 31.95
C GLY D 284 36.12 10.21 32.45
N VAL D 285 35.13 9.98 33.29
CA VAL D 285 34.86 8.63 33.78
C VAL D 285 34.50 7.70 32.63
N CYS D 286 33.71 8.18 31.68
CA CYS D 286 33.41 7.36 30.51
C CYS D 286 34.66 7.16 29.66
N VAL D 287 35.48 8.19 29.53
CA VAL D 287 36.61 8.16 28.61
C VAL D 287 37.67 7.17 29.09
N VAL D 288 37.88 7.07 30.40
CA VAL D 288 38.90 6.13 30.87
C VAL D 288 38.51 4.70 30.50
N TRP D 289 37.25 4.34 30.67
CA TRP D 289 36.81 3.00 30.28
C TRP D 289 36.93 2.81 28.78
N PHE D 290 36.52 3.81 27.99
CA PHE D 290 36.60 3.66 26.55
C PHE D 290 38.03 3.47 26.09
N THR D 291 38.95 4.23 26.68
CA THR D 291 40.37 4.07 26.35
C THR D 291 40.86 2.69 26.73
N PHE D 292 40.47 2.20 27.90
CA PHE D 292 40.88 0.85 28.30
C PHE D 292 40.41 -0.19 27.30
N GLU D 293 39.13 -0.12 26.91
CA GLU D 293 38.59 -1.10 25.98
C GLU D 293 39.29 -1.04 24.64
N PHE D 294 39.43 0.18 24.10
CA PHE D 294 40.05 0.31 22.78
C PHE D 294 41.50 -0.17 22.79
N LEU D 295 42.25 0.17 23.85
CA LEU D 295 43.63 -0.29 23.94
C LEU D 295 43.69 -1.80 24.08
N MET D 296 42.77 -2.39 24.84
CA MET D 296 42.78 -3.84 25.02
C MET D 296 42.49 -4.56 23.72
N ARG D 297 41.51 -4.09 22.95
CA ARG D 297 41.16 -4.81 21.74
C ARG D 297 42.16 -4.62 20.61
N VAL D 298 42.85 -3.47 20.56
CA VAL D 298 43.79 -3.23 19.48
C VAL D 298 45.04 -4.10 19.61
N ILE D 299 45.27 -4.68 20.78
CA ILE D 299 46.44 -5.54 20.95
C ILE D 299 46.13 -6.97 20.53
N PHE D 300 44.95 -7.47 20.91
CA PHE D 300 44.59 -8.86 20.68
C PHE D 300 43.72 -9.05 19.45
N CYS D 301 43.93 -8.23 18.41
CA CYS D 301 43.18 -8.37 17.17
C CYS D 301 44.09 -8.92 16.08
N PRO D 302 43.80 -10.10 15.55
CA PRO D 302 44.56 -10.59 14.41
C PRO D 302 44.30 -9.73 13.19
N ASN D 303 45.29 -9.69 12.28
CA ASN D 303 45.22 -8.92 11.05
C ASN D 303 45.01 -7.42 11.36
N LYS D 304 46.05 -6.85 11.96
CA LYS D 304 46.00 -5.47 12.45
C LYS D 304 45.54 -4.50 11.37
N VAL D 305 46.02 -4.68 10.14
CA VAL D 305 45.64 -3.76 9.07
C VAL D 305 44.16 -3.86 8.78
N GLU D 306 43.60 -5.07 8.82
CA GLU D 306 42.15 -5.21 8.65
C GLU D 306 41.40 -4.53 9.78
N PHE D 307 41.93 -4.64 11.02
CA PHE D 307 41.32 -3.96 12.15
C PHE D 307 41.30 -2.45 11.94
N ILE D 308 42.41 -1.90 11.43
CA ILE D 308 42.48 -0.46 11.18
C ILE D 308 41.52 -0.07 10.07
N LYS D 309 41.38 -0.91 9.04
CA LYS D 309 40.52 -0.59 7.92
C LYS D 309 39.05 -0.49 8.31
N ASN D 310 38.65 -1.07 9.43
CA ASN D 310 37.26 -1.02 9.84
C ASN D 310 36.85 0.39 10.23
N SER D 311 35.61 0.75 9.91
CA SER D 311 35.12 2.09 10.21
C SER D 311 34.80 2.29 11.68
N LEU D 312 34.33 1.24 12.36
CA LEU D 312 33.96 1.39 13.77
C LEU D 312 35.17 1.73 14.62
N ASN D 313 36.31 1.10 14.36
CA ASN D 313 37.50 1.37 15.16
C ASN D 313 37.97 2.81 14.99
N ILE D 314 37.98 3.32 13.75
CA ILE D 314 38.41 4.69 13.56
C ILE D 314 37.39 5.66 14.15
N ILE D 315 36.10 5.33 14.09
CA ILE D 315 35.09 6.16 14.73
C ILE D 315 35.35 6.24 16.23
N ASP D 316 35.64 5.10 16.85
CA ASP D 316 35.90 5.09 18.29
C ASP D 316 37.14 5.89 18.64
N PHE D 317 38.21 5.74 17.86
CA PHE D 317 39.44 6.48 18.12
C PHE D 317 39.20 7.99 17.97
N VAL D 318 38.48 8.39 16.93
CA VAL D 318 38.18 9.80 16.71
C VAL D 318 37.32 10.34 17.83
N ALA D 319 36.41 9.53 18.37
CA ALA D 319 35.61 9.97 19.50
C ALA D 319 36.46 10.16 20.75
N ILE D 320 37.42 9.25 20.97
CA ILE D 320 38.22 9.32 22.19
C ILE D 320 39.18 10.51 22.17
N LEU D 321 39.77 10.79 21.01
CA LEU D 321 40.89 11.74 20.96
C LEU D 321 40.59 13.14 21.51
N PRO D 322 39.45 13.78 21.18
CA PRO D 322 39.28 15.19 21.58
C PRO D 322 39.34 15.43 23.07
N PHE D 323 38.90 14.48 23.90
CA PHE D 323 38.99 14.68 25.33
C PHE D 323 40.45 14.84 25.77
N TYR D 324 41.32 13.96 25.29
CA TYR D 324 42.73 14.08 25.62
C TYR D 324 43.32 15.37 25.06
N LEU D 325 42.94 15.73 23.83
CA LEU D 325 43.47 16.96 23.25
C LEU D 325 43.08 18.18 24.09
N GLU D 326 41.82 18.24 24.52
CA GLU D 326 41.37 19.37 25.32
C GLU D 326 42.05 19.38 26.69
N VAL D 327 42.13 18.23 27.36
CA VAL D 327 42.70 18.20 28.69
C VAL D 327 44.19 18.47 28.66
N GLY D 328 44.86 18.24 27.53
CA GLY D 328 46.26 18.55 27.42
C GLY D 328 46.60 19.83 26.70
N LEU D 329 45.60 20.55 26.18
CA LEU D 329 45.86 21.74 25.38
C LEU D 329 45.20 22.97 26.00
N SER D 330 45.36 23.15 27.30
CA SER D 330 44.82 24.32 28.00
C SER D 330 45.94 25.22 28.50
N GLY D 331 46.98 25.41 27.67
CA GLY D 331 48.12 26.20 28.08
C GLY D 331 48.33 27.46 27.26
N LEU D 332 49.51 27.59 26.66
CA LEU D 332 49.91 28.80 25.95
C LEU D 332 49.37 28.84 24.53
N SER D 333 49.86 29.78 23.72
CA SER D 333 49.42 29.97 22.33
C SER D 333 47.91 30.24 22.28
N SER D 334 47.56 31.42 22.80
CA SER D 334 46.16 31.73 23.07
C SER D 334 45.31 31.65 21.81
N LYS D 335 45.77 32.23 20.70
CA LYS D 335 44.96 32.24 19.48
C LYS D 335 44.73 30.82 18.95
N ALA D 336 45.82 30.07 18.79
CA ALA D 336 45.70 28.71 18.28
C ALA D 336 44.90 27.83 19.23
N ALA D 337 45.14 27.97 20.54
CA ALA D 337 44.41 27.19 21.51
C ALA D 337 42.91 27.49 21.45
N LYS D 338 42.55 28.77 21.38
CA LYS D 338 41.15 29.15 21.32
C LYS D 338 40.49 28.69 20.03
N ASP D 339 41.21 28.67 18.92
CA ASP D 339 40.62 28.15 17.68
C ASP D 339 40.41 26.64 17.74
N VAL D 340 41.44 25.91 18.18
CA VAL D 340 41.34 24.45 18.18
C VAL D 340 40.33 23.98 19.21
N LEU D 341 40.19 24.70 20.34
CA LEU D 341 39.19 24.31 21.33
C LEU D 341 37.79 24.43 20.77
N GLY D 342 37.50 25.50 20.03
CA GLY D 342 36.22 25.60 19.36
C GLY D 342 36.02 24.51 18.33
N PHE D 343 37.07 24.21 17.57
CA PHE D 343 36.95 23.14 16.56
C PHE D 343 36.63 21.80 17.21
N LEU D 344 37.30 21.47 18.32
CA LEU D 344 37.02 20.22 19.00
C LEU D 344 35.66 20.23 19.67
N ARG D 345 35.24 21.39 20.19
CA ARG D 345 33.89 21.52 20.72
C ARG D 345 32.86 21.19 19.64
N VAL D 346 33.14 21.60 18.40
CA VAL D 346 32.24 21.25 17.30
C VAL D 346 32.31 19.76 17.02
N VAL D 347 33.52 19.20 16.94
CA VAL D 347 33.70 17.81 16.55
C VAL D 347 33.25 16.83 17.63
N ARG D 348 32.90 17.31 18.82
CA ARG D 348 32.37 16.45 19.86
C ARG D 348 31.25 15.54 19.37
N PHE D 349 30.53 15.95 18.33
CA PHE D 349 29.36 15.21 17.88
C PHE D 349 29.69 13.80 17.45
N VAL D 350 30.95 13.50 17.14
CA VAL D 350 31.30 12.20 16.59
C VAL D 350 31.09 11.08 17.61
N ARG D 351 30.96 11.42 18.88
CA ARG D 351 30.72 10.41 19.90
C ARG D 351 29.25 10.02 19.99
N ILE D 352 28.38 10.65 19.21
CA ILE D 352 27.01 10.18 19.09
C ILE D 352 26.88 9.01 18.14
N LEU D 353 27.91 8.73 17.36
CA LEU D 353 27.90 7.64 16.38
C LEU D 353 28.35 6.32 16.95
N ARG D 354 28.83 6.29 18.19
CA ARG D 354 29.23 5.02 18.79
C ARG D 354 28.05 4.11 19.07
N ILE D 355 26.82 4.62 18.97
CA ILE D 355 25.66 3.77 19.19
C ILE D 355 25.57 2.69 18.12
N PHE D 356 26.11 2.96 16.92
CA PHE D 356 26.12 1.95 15.87
C PHE D 356 27.06 0.79 16.19
N LYS D 357 27.95 0.96 17.16
CA LYS D 357 28.88 -0.12 17.49
C LYS D 357 28.15 -1.33 18.04
N LEU D 358 27.15 -1.12 18.90
CA LEU D 358 26.46 -2.22 19.54
C LEU D 358 25.12 -2.57 18.89
N THR D 359 24.70 -1.83 17.87
CA THR D 359 23.46 -2.14 17.17
C THR D 359 23.69 -2.96 15.91
N ARG D 360 24.93 -3.39 15.66
CA ARG D 360 25.20 -4.26 14.52
C ARG D 360 24.65 -5.66 14.73
N HIS D 361 24.30 -6.03 15.96
CA HIS D 361 23.78 -7.35 16.25
C HIS D 361 22.28 -7.45 16.13
N PHE D 362 21.60 -6.31 15.95
CA PHE D 362 20.14 -6.34 15.79
C PHE D 362 19.80 -6.71 14.36
N VAL D 363 18.85 -7.64 14.20
CA VAL D 363 18.55 -8.16 12.87
C VAL D 363 17.92 -7.09 12.00
N GLY D 364 17.02 -6.30 12.55
CA GLY D 364 16.31 -5.31 11.76
C GLY D 364 17.24 -4.29 11.13
N LEU D 365 18.27 -3.87 11.85
CA LEU D 365 19.20 -2.89 11.30
C LEU D 365 20.04 -3.48 10.18
N ARG D 366 20.43 -4.75 10.29
CA ARG D 366 21.15 -5.39 9.20
C ARG D 366 20.27 -5.50 7.96
N VAL D 367 19.00 -5.85 8.16
CA VAL D 367 18.07 -5.93 7.04
C VAL D 367 17.92 -4.55 6.39
N LEU D 368 17.81 -3.50 7.21
CA LEU D 368 17.71 -2.15 6.67
C LEU D 368 18.95 -1.76 5.89
N GLY D 369 20.13 -2.14 6.39
CA GLY D 369 21.35 -1.85 5.66
C GLY D 369 21.38 -2.53 4.30
N HIS D 370 21.00 -3.80 4.26
CA HIS D 370 20.96 -4.50 2.97
C HIS D 370 19.95 -3.86 2.03
N THR D 371 18.79 -3.47 2.56
CA THR D 371 17.78 -2.82 1.73
C THR D 371 18.30 -1.51 1.14
N LEU D 372 18.96 -0.71 1.97
CA LEU D 372 19.52 0.55 1.47
C LEU D 372 20.58 0.30 0.41
N ARG D 373 21.45 -0.69 0.63
CA ARG D 373 22.49 -0.97 -0.34
C ARG D 373 21.93 -1.53 -1.64
N ALA D 374 20.75 -2.13 -1.62
CA ALA D 374 20.18 -2.76 -2.80
C ALA D 374 19.16 -1.87 -3.52
N SER D 375 18.97 -0.63 -3.09
CA SER D 375 17.92 0.22 -3.65
C SER D 375 18.44 1.63 -3.91
N THR D 376 19.61 1.73 -4.55
CA THR D 376 20.15 3.06 -4.84
C THR D 376 19.41 3.72 -5.99
N ASN D 377 19.03 2.94 -7.01
CA ASN D 377 18.38 3.51 -8.18
C ASN D 377 17.07 4.19 -7.82
N GLU D 378 16.30 3.59 -6.92
CA GLU D 378 15.05 4.19 -6.50
C GLU D 378 15.27 5.51 -5.77
N PHE D 379 16.31 5.58 -4.94
CA PHE D 379 16.63 6.84 -4.27
C PHE D 379 17.00 7.91 -5.29
N LEU D 380 17.79 7.55 -6.29
CA LEU D 380 18.15 8.51 -7.32
C LEU D 380 16.90 8.99 -8.07
N LEU D 381 16.01 8.06 -8.40
CA LEU D 381 14.77 8.43 -9.09
C LEU D 381 13.93 9.37 -8.25
N LEU D 382 13.78 9.08 -6.96
CA LEU D 382 13.00 9.93 -6.08
C LEU D 382 13.60 11.32 -5.99
N ILE D 383 14.93 11.42 -5.87
CA ILE D 383 15.57 12.72 -5.78
C ILE D 383 15.34 13.52 -7.05
N ILE D 384 15.46 12.88 -8.21
CA ILE D 384 15.26 13.59 -9.47
C ILE D 384 13.83 14.09 -9.58
N PHE D 385 12.85 13.23 -9.24
CA PHE D 385 11.46 13.64 -9.29
C PHE D 385 11.21 14.85 -8.40
N LEU D 386 11.72 14.80 -7.16
CA LEU D 386 11.51 15.90 -6.24
C LEU D 386 12.14 17.18 -6.75
N ALA D 387 13.35 17.09 -7.31
CA ALA D 387 14.01 18.29 -7.82
C ALA D 387 13.19 18.94 -8.92
N LEU D 388 12.72 18.13 -9.88
CA LEU D 388 11.94 18.70 -10.97
C LEU D 388 10.67 19.35 -10.46
N GLY D 389 9.95 18.64 -9.59
CA GLY D 389 8.70 19.19 -9.07
C GLY D 389 8.91 20.48 -8.30
N VAL D 390 9.94 20.51 -7.45
CA VAL D 390 10.20 21.70 -6.63
C VAL D 390 10.52 22.87 -7.52
N LEU D 391 11.37 22.67 -8.54
CA LEU D 391 11.74 23.77 -9.42
C LEU D 391 10.51 24.34 -10.14
N ILE D 392 9.73 23.44 -10.76
CA ILE D 392 8.59 23.91 -11.56
C ILE D 392 7.58 24.64 -10.69
N PHE D 393 7.24 24.05 -9.54
CA PHE D 393 6.19 24.66 -8.73
C PHE D 393 6.67 25.93 -8.05
N ALA D 394 7.96 26.02 -7.71
CA ALA D 394 8.46 27.29 -7.17
C ALA D 394 8.35 28.39 -8.21
N THR D 395 8.72 28.10 -9.46
CA THR D 395 8.57 29.12 -10.49
C THR D 395 7.12 29.54 -10.66
N MET D 396 6.22 28.57 -10.74
CA MET D 396 4.81 28.89 -10.96
C MET D 396 4.24 29.70 -9.80
N ILE D 397 4.55 29.32 -8.57
CA ILE D 397 3.99 30.05 -7.43
C ILE D 397 4.58 31.44 -7.32
N TYR D 398 5.84 31.62 -7.73
CA TYR D 398 6.38 32.97 -7.75
C TYR D 398 5.64 33.84 -8.75
N TYR D 399 5.40 33.32 -9.95
CA TYR D 399 4.76 34.14 -10.97
C TYR D 399 3.27 34.33 -10.72
N ALA D 400 2.62 33.44 -9.98
CA ALA D 400 1.20 33.57 -9.74
C ALA D 400 0.88 34.63 -8.70
N GLU D 401 1.73 34.80 -7.70
CA GLU D 401 1.47 35.74 -6.62
C GLU D 401 1.66 37.20 -7.03
N ARG D 402 2.24 37.46 -8.19
CA ARG D 402 2.45 38.83 -8.62
C ARG D 402 1.23 39.45 -9.27
N ILE D 403 0.16 38.67 -9.48
CA ILE D 403 -1.07 39.24 -10.00
C ILE D 403 -1.65 40.25 -9.03
N GLY D 404 -1.68 39.92 -7.75
CA GLY D 404 -2.25 40.80 -6.75
C GLY D 404 -1.29 41.86 -6.27
N ALA D 405 -0.34 42.24 -7.12
CA ALA D 405 0.62 43.28 -6.75
C ALA D 405 -0.10 44.61 -6.59
N GLN D 406 0.17 45.28 -5.49
CA GLN D 406 -0.46 46.58 -5.24
C GLN D 406 0.25 47.66 -6.05
N PRO D 407 -0.48 48.51 -6.76
CA PRO D 407 0.14 49.56 -7.59
C PRO D 407 0.63 50.76 -6.80
N ASN D 408 1.34 50.50 -5.70
CA ASN D 408 1.84 51.56 -4.84
C ASN D 408 3.30 51.40 -4.45
N ASP D 409 3.86 50.20 -4.51
CA ASP D 409 5.23 49.98 -4.08
C ASP D 409 6.13 49.65 -5.27
N PRO D 410 7.38 50.12 -5.25
CA PRO D 410 8.30 49.74 -6.34
C PRO D 410 8.55 48.24 -6.41
N SER D 411 8.61 47.57 -5.27
CA SER D 411 8.79 46.13 -5.24
C SER D 411 7.43 45.46 -5.02
N ALA D 412 7.02 44.62 -5.97
CA ALA D 412 5.72 43.98 -5.90
C ALA D 412 5.62 42.96 -4.77
N SER D 413 6.75 42.60 -4.16
CA SER D 413 6.77 41.56 -3.12
C SER D 413 6.69 42.23 -1.75
N GLU D 414 5.47 42.66 -1.39
CA GLU D 414 5.24 43.22 -0.07
C GLU D 414 4.01 42.57 0.56
N HIS D 415 3.11 42.09 -0.28
CA HIS D 415 1.88 41.46 0.16
C HIS D 415 1.96 39.94 0.20
N THR D 416 3.13 39.37 -0.09
CA THR D 416 3.27 37.93 -0.24
C THR D 416 4.49 37.42 0.52
N HIS D 417 4.45 36.14 0.85
CA HIS D 417 5.60 35.46 1.42
C HIS D 417 6.62 35.09 0.36
N PHE D 418 6.23 35.08 -0.91
CA PHE D 418 7.08 34.60 -2.00
C PHE D 418 7.80 35.79 -2.63
N LYS D 419 8.88 36.21 -1.97
CA LYS D 419 9.65 37.32 -2.48
C LYS D 419 10.43 36.96 -3.73
N ASN D 420 10.77 35.69 -3.90
CA ASN D 420 11.55 35.23 -5.05
C ASN D 420 11.34 33.73 -5.20
N ILE D 421 12.11 33.13 -6.11
CA ILE D 421 12.00 31.71 -6.42
C ILE D 421 12.75 30.83 -5.41
N PRO D 422 14.01 31.14 -5.06
CA PRO D 422 14.71 30.28 -4.12
C PRO D 422 13.98 30.11 -2.80
N ILE D 423 13.35 31.16 -2.28
CA ILE D 423 12.54 30.99 -1.09
C ILE D 423 11.31 30.15 -1.37
N GLY D 424 10.88 30.08 -2.63
CA GLY D 424 9.77 29.21 -2.98
C GLY D 424 10.14 27.75 -3.03
N PHE D 425 11.44 27.44 -3.18
CA PHE D 425 11.88 26.05 -3.09
C PHE D 425 11.45 25.42 -1.77
N TRP D 426 11.64 26.16 -0.67
CA TRP D 426 11.30 25.63 0.65
C TRP D 426 9.81 25.36 0.77
N TRP D 427 8.97 26.29 0.30
CA TRP D 427 7.54 26.07 0.34
C TRP D 427 7.13 24.87 -0.49
N ALA D 428 7.74 24.71 -1.67
CA ALA D 428 7.42 23.57 -2.51
C ALA D 428 7.78 22.26 -1.82
N VAL D 429 8.95 22.21 -1.19
CA VAL D 429 9.35 20.98 -0.50
C VAL D 429 8.39 20.67 0.63
N VAL D 430 8.03 21.68 1.42
CA VAL D 430 7.14 21.46 2.55
C VAL D 430 5.77 21.01 2.08
N THR D 431 5.27 21.61 1.00
CA THR D 431 3.92 21.32 0.54
C THR D 431 3.81 19.99 -0.17
N MET D 432 4.85 19.57 -0.90
CA MET D 432 4.75 18.34 -1.69
C MET D 432 4.74 17.09 -0.83
N THR D 433 5.15 17.17 0.43
CA THR D 433 5.16 16.02 1.32
C THR D 433 4.00 16.02 2.30
N THR D 434 3.01 16.89 2.09
CA THR D 434 1.85 17.03 2.98
C THR D 434 2.28 17.35 4.40
N LEU D 435 3.39 18.06 4.55
CA LEU D 435 3.83 18.47 5.88
C LEU D 435 3.10 19.73 6.33
N GLY D 436 3.29 20.83 5.61
CA GLY D 436 2.49 22.02 5.85
C GLY D 436 2.75 22.68 7.19
N TYR D 437 3.93 23.26 7.36
CA TYR D 437 4.21 24.03 8.57
C TYR D 437 3.25 25.21 8.69
N GLY D 438 3.05 25.94 7.60
CA GLY D 438 2.21 27.10 7.60
C GLY D 438 2.92 28.42 7.73
N ASP D 439 4.26 28.43 7.75
CA ASP D 439 4.97 29.69 7.85
C ASP D 439 4.85 30.52 6.59
N MET D 440 4.67 29.86 5.43
CA MET D 440 4.43 30.57 4.19
C MET D 440 3.41 29.80 3.36
N TYR D 441 2.36 30.49 2.95
CA TYR D 441 1.25 29.91 2.19
C TYR D 441 0.75 30.95 1.21
N PRO D 442 0.12 30.51 0.11
CA PRO D 442 -0.42 31.46 -0.86
C PRO D 442 -1.56 32.28 -0.29
N GLN D 443 -1.68 33.51 -0.77
CA GLN D 443 -2.71 34.43 -0.31
C GLN D 443 -3.48 35.08 -1.45
N THR D 444 -3.36 34.57 -2.67
CA THR D 444 -4.04 35.12 -3.82
C THR D 444 -4.83 34.02 -4.49
N TRP D 445 -5.96 34.38 -5.11
CA TRP D 445 -6.82 33.38 -5.72
C TRP D 445 -6.08 32.58 -6.78
N SER D 446 -5.12 33.20 -7.45
CA SER D 446 -4.33 32.48 -8.45
C SER D 446 -3.30 31.56 -7.82
N GLY D 447 -2.77 31.93 -6.64
CA GLY D 447 -1.81 31.07 -5.97
C GLY D 447 -2.41 29.84 -5.32
N MET D 448 -3.69 29.88 -4.98
CA MET D 448 -4.31 28.74 -4.32
C MET D 448 -4.47 27.57 -5.29
N LEU D 449 -4.78 27.85 -6.56
CA LEU D 449 -4.84 26.79 -7.55
C LEU D 449 -3.49 26.10 -7.71
N VAL D 450 -2.42 26.89 -7.76
CA VAL D 450 -1.07 26.32 -7.85
C VAL D 450 -0.76 25.52 -6.59
N GLY D 451 -1.21 25.98 -5.43
CA GLY D 451 -1.00 25.21 -4.22
C GLY D 451 -1.68 23.86 -4.25
N ALA D 452 -2.93 23.82 -4.72
CA ALA D 452 -3.63 22.55 -4.83
C ALA D 452 -2.93 21.61 -5.80
N LEU D 453 -2.52 22.13 -6.95
CA LEU D 453 -1.78 21.31 -7.91
C LEU D 453 -0.50 20.79 -7.30
N CYS D 454 0.21 21.63 -6.54
CA CYS D 454 1.45 21.21 -5.92
C CYS D 454 1.22 20.09 -4.93
N ALA D 455 0.17 20.19 -4.12
CA ALA D 455 -0.11 19.14 -3.15
C ALA D 455 -0.37 17.81 -3.85
N LEU D 456 -1.23 17.82 -4.87
CA LEU D 456 -1.56 16.58 -5.56
C LEU D 456 -0.34 15.97 -6.25
N ALA D 457 0.42 16.82 -6.96
CA ALA D 457 1.60 16.33 -7.66
C ALA D 457 2.63 15.77 -6.69
N GLY D 458 2.80 16.42 -5.54
CA GLY D 458 3.71 15.90 -4.55
C GLY D 458 3.28 14.53 -4.04
N VAL D 459 1.99 14.36 -3.76
CA VAL D 459 1.52 13.06 -3.31
C VAL D 459 1.84 11.98 -4.34
N LEU D 460 1.54 12.25 -5.61
CA LEU D 460 1.79 11.25 -6.64
C LEU D 460 3.28 10.95 -6.79
N THR D 461 4.10 11.98 -6.90
CA THR D 461 5.52 11.78 -7.16
C THR D 461 6.25 11.19 -5.96
N ILE D 462 5.68 11.30 -4.76
CA ILE D 462 6.27 10.56 -3.65
C ILE D 462 5.79 9.12 -3.65
N ALA D 463 4.51 8.90 -3.96
CA ALA D 463 3.98 7.55 -3.95
C ALA D 463 4.49 6.68 -5.09
N MET D 464 5.20 7.25 -6.07
CA MET D 464 5.71 6.41 -7.15
C MET D 464 6.72 5.36 -6.70
N PRO D 465 7.95 5.72 -6.20
CA PRO D 465 8.98 4.69 -5.99
C PRO D 465 9.05 4.09 -4.57
N VAL D 466 8.41 4.77 -3.63
CA VAL D 466 8.40 4.29 -2.25
C VAL D 466 7.81 2.88 -2.16
N PRO D 467 6.74 2.52 -2.87
CA PRO D 467 6.30 1.12 -2.83
C PRO D 467 7.36 0.13 -3.28
N VAL D 468 8.18 0.48 -4.28
CA VAL D 468 9.24 -0.41 -4.70
C VAL D 468 10.23 -0.63 -3.56
N ILE D 469 10.64 0.47 -2.92
CA ILE D 469 11.60 0.35 -1.83
C ILE D 469 11.01 -0.47 -0.69
N VAL D 470 9.74 -0.21 -0.35
CA VAL D 470 9.10 -0.91 0.76
C VAL D 470 8.96 -2.40 0.45
N ASN D 471 8.63 -2.74 -0.79
CA ASN D 471 8.51 -4.14 -1.16
C ASN D 471 9.86 -4.86 -1.03
N ASN D 472 10.94 -4.20 -1.46
CA ASN D 472 12.26 -4.78 -1.28
C ASN D 472 12.54 -5.04 0.20
N PHE D 473 12.28 -4.05 1.04
CA PHE D 473 12.53 -4.24 2.47
C PHE D 473 11.70 -5.38 3.02
N GLY D 474 10.44 -5.46 2.64
CA GLY D 474 9.58 -6.51 3.17
C GLY D 474 10.07 -7.89 2.79
N MET D 475 10.48 -8.07 1.53
CA MET D 475 10.99 -9.36 1.10
C MET D 475 12.26 -9.72 1.86
N TYR D 476 13.19 -8.78 1.98
CA TYR D 476 14.42 -9.05 2.72
C TYR D 476 14.14 -9.42 4.16
N TYR D 477 13.24 -8.67 4.81
CA TYR D 477 12.94 -8.92 6.21
C TYR D 477 12.30 -10.27 6.42
N SER D 478 11.36 -10.65 5.54
CA SER D 478 10.72 -11.95 5.66
C SER D 478 11.75 -13.06 5.51
N LEU D 479 12.63 -12.94 4.51
CA LEU D 479 13.64 -13.98 4.32
C LEU D 479 14.58 -14.07 5.51
N ALA D 480 14.98 -12.93 6.06
CA ALA D 480 15.90 -12.95 7.20
C ALA D 480 15.24 -13.55 8.44
N MET D 481 13.98 -13.18 8.69
CA MET D 481 13.29 -13.72 9.86
C MET D 481 12.95 -15.19 9.70
N ALA D 482 12.88 -15.70 8.47
CA ALA D 482 12.69 -17.13 8.28
C ALA D 482 13.86 -17.93 8.84
N LYS D 483 15.06 -17.36 8.84
CA LYS D 483 16.23 -18.07 9.34
C LYS D 483 16.15 -18.32 10.84
N GLN D 484 15.53 -17.41 11.59
CA GLN D 484 15.44 -17.58 13.03
C GLN D 484 14.60 -18.79 13.40
N LYS D 485 13.51 -19.02 12.68
CA LYS D 485 12.63 -20.16 13.00
C LYS D 485 13.34 -21.49 12.79
N LEU D 486 14.14 -21.59 11.73
CA LEU D 486 14.83 -22.84 11.40
C LEU D 486 16.33 -22.66 11.62
N PRO D 487 16.87 -23.07 12.77
CA PRO D 487 18.31 -22.87 13.02
C PRO D 487 19.20 -23.59 12.02
N LYS D 488 19.07 -24.92 11.96
CA LYS D 488 19.87 -25.76 11.09
C LYS D 488 19.40 -27.20 11.25
N LYS D 489 19.72 -28.03 10.26
CA LYS D 489 19.36 -29.44 10.28
C LYS D 489 20.59 -30.32 10.14
N LYS D 490 20.38 -31.62 9.96
CA LYS D 490 21.46 -32.59 9.93
C LYS D 490 21.55 -33.32 8.59
N LYS D 491 21.21 -32.62 7.50
CA LYS D 491 21.31 -33.11 6.12
C LYS D 491 20.91 -34.58 5.98
N LYS D 492 19.64 -34.87 6.28
CA LYS D 492 19.17 -36.26 6.26
C LYS D 492 19.40 -36.92 4.92
N HIS D 493 19.17 -36.20 3.83
CA HIS D 493 19.27 -36.77 2.48
C HIS D 493 20.73 -37.08 2.18
N ILE D 494 21.10 -38.36 2.28
CA ILE D 494 22.46 -38.79 1.96
C ILE D 494 22.57 -38.97 0.45
N PRO D 495 23.50 -38.28 -0.21
CA PRO D 495 23.62 -38.40 -1.67
C PRO D 495 24.17 -39.75 -2.10
N ARG D 496 24.41 -39.92 -3.41
CA ARG D 496 24.94 -41.15 -3.98
C ARG D 496 24.04 -42.33 -3.65
N PRO D 497 22.85 -42.42 -4.26
CA PRO D 497 21.90 -43.50 -4.01
C PRO D 497 22.46 -44.88 -4.36
#